data_9IWT
#
_entry.id   9IWT
#
_cell.length_a   86.170
_cell.length_b   93.374
_cell.length_c   241.942
_cell.angle_alpha   90.000
_cell.angle_beta   90.000
_cell.angle_gamma   90.000
#
_symmetry.space_group_name_H-M   'P 21 21 21'
#
loop_
_entity.id
_entity.type
_entity.pdbx_description
1 polymer 'Nicotinamide phosphoribosyltransferase'
2 non-polymer 'ADENOSINE MONOPHOSPHATE'
3 non-polymer 'PHOSPHATE ION'
4 non-polymer 'MAGNESIUM ION'
5 water water
#
_entity_poly.entity_id   1
_entity_poly.type   'polypeptide(L)'
_entity_poly.pdbx_seq_one_letter_code
;MNPAAEAEFNILLATDSYKVTHYKQYPPNTSKVYSYFECREKKTENSKLRKVKYEETVFYGLQYILNKYLKGKVVTKEKI
QEAKDVYKEHFQDDVFNEKGWNYILEKYDGHLPIEIKAVPEGFVIPRGNVLFTVENTDPECYWLTNWIETILVQSWYPIT
VATNSREQKKILAKYLLETSGNLDGLEYKLHDFGYRGVSSQETAGIGASAHLVNFKGTDTVAGLALIKKYYGTKDPVPGY
SVPAAEHSTITAWGKDHEKDAFEHIVTQFSSVPVSVVSDSYDIYNACEKIWGEDLRHLIVSRSTQAPLIIRPDSGNPLDT
VLKVLEILGKKFPVTENSKGYKLLPPYLRVIQGDGVDINTLQEIVEGMKQKMWSIENIAFGSGGGLLQKLTRDLLNCSFK
CSYVVTNGLGINVFKDPVADPNKRSKKGRLSLHRTPAGNFVTLEEGKGDLEEYGQDLLHTVFKNGKVTKSYSFDEIRKNA
QLNIELEAAHHHHHHHH
;
_entity_poly.pdbx_strand_id   A,B,C,D
#
# COMPACT_ATOMS: atom_id res chain seq x y z
N GLU A 8 -1.47 -1.65 -9.94
CA GLU A 8 -2.61 -1.40 -9.08
C GLU A 8 -3.91 -1.82 -9.75
N PHE A 9 -4.75 -2.50 -8.97
CA PHE A 9 -6.03 -3.00 -9.44
C PHE A 9 -7.11 -1.95 -9.22
N ASN A 10 -7.99 -1.78 -10.21
CA ASN A 10 -9.04 -0.77 -10.17
C ASN A 10 -10.38 -1.48 -10.40
N ILE A 11 -11.13 -1.70 -9.31
CA ILE A 11 -12.39 -2.44 -9.41
C ILE A 11 -13.37 -1.77 -10.35
N LEU A 12 -13.22 -0.46 -10.57
CA LEU A 12 -14.06 0.24 -11.55
C LEU A 12 -13.75 -0.19 -12.97
N LEU A 13 -12.63 -0.86 -13.21
CA LEU A 13 -12.31 -1.45 -14.51
C LEU A 13 -12.35 -2.98 -14.43
N ALA A 14 -13.12 -3.53 -13.50
CA ALA A 14 -13.14 -4.97 -13.30
C ALA A 14 -14.55 -5.53 -13.43
N THR A 15 -15.24 -5.16 -14.50
CA THR A 15 -16.58 -5.68 -14.74
C THR A 15 -16.80 -5.79 -16.24
N ASP A 16 -17.82 -6.55 -16.62
CA ASP A 16 -18.22 -6.61 -18.03
C ASP A 16 -18.67 -5.24 -18.51
N SER A 17 -18.21 -4.87 -19.72
CA SER A 17 -18.40 -3.52 -20.21
C SER A 17 -19.87 -3.10 -20.19
N TYR A 18 -20.77 -4.00 -20.58
CA TYR A 18 -22.18 -3.60 -20.63
C TYR A 18 -22.74 -3.31 -19.24
N LYS A 19 -22.11 -3.83 -18.18
CA LYS A 19 -22.57 -3.50 -16.84
C LYS A 19 -22.27 -2.05 -16.46
N VAL A 20 -21.39 -1.37 -17.20
CA VAL A 20 -21.17 0.05 -16.95
C VAL A 20 -22.44 0.85 -17.27
N THR A 21 -23.23 0.38 -18.23
CA THR A 21 -24.42 1.10 -18.67
C THR A 21 -25.70 0.57 -18.02
N HIS A 22 -25.59 -0.30 -17.03
CA HIS A 22 -26.80 -0.91 -16.47
C HIS A 22 -27.50 -0.02 -15.46
N TYR A 23 -26.79 0.92 -14.82
CA TYR A 23 -27.45 1.81 -13.87
C TYR A 23 -28.56 2.62 -14.52
N LYS A 24 -28.53 2.77 -15.84
CA LYS A 24 -29.55 3.51 -16.57
C LYS A 24 -30.68 2.62 -17.07
N GLN A 25 -30.59 1.31 -16.88
CA GLN A 25 -31.55 0.38 -17.47
C GLN A 25 -32.56 -0.16 -16.48
N TYR A 26 -32.39 0.09 -15.18
CA TYR A 26 -33.30 -0.44 -14.17
C TYR A 26 -34.60 0.36 -14.15
N PRO A 27 -35.68 -0.23 -13.61
CA PRO A 27 -36.92 0.52 -13.48
C PRO A 27 -36.71 1.77 -12.64
N PRO A 28 -37.54 2.79 -12.83
CA PRO A 28 -37.40 4.02 -12.03
C PRO A 28 -37.66 3.75 -10.56
N ASN A 29 -36.88 4.43 -9.71
CA ASN A 29 -36.98 4.32 -8.26
C ASN A 29 -36.64 2.91 -7.78
N THR A 30 -35.60 2.32 -8.37
CA THR A 30 -35.10 1.02 -7.93
C THR A 30 -34.15 1.23 -6.76
N SER A 31 -34.43 0.57 -5.64
CA SER A 31 -33.64 0.75 -4.42
C SER A 31 -32.88 -0.49 -3.99
N LYS A 32 -33.19 -1.66 -4.55
CA LYS A 32 -32.52 -2.89 -4.12
C LYS A 32 -32.46 -3.87 -5.27
N VAL A 33 -31.27 -4.46 -5.45
CA VAL A 33 -31.07 -5.60 -6.33
C VAL A 33 -30.41 -6.71 -5.51
N TYR A 34 -31.02 -7.89 -5.53
CA TYR A 34 -30.59 -9.03 -4.71
C TYR A 34 -30.32 -10.21 -5.63
N SER A 35 -29.11 -10.76 -5.55
CA SER A 35 -28.65 -11.77 -6.48
C SER A 35 -28.02 -12.93 -5.72
N TYR A 36 -27.95 -14.09 -6.37
CA TYR A 36 -27.46 -15.30 -5.73
C TYR A 36 -26.64 -16.13 -6.72
N PHE A 37 -25.79 -16.97 -6.17
CA PHE A 37 -24.93 -17.88 -6.94
C PHE A 37 -25.32 -19.33 -6.63
N GLU A 38 -25.39 -20.15 -7.66
CA GLU A 38 -25.67 -21.57 -7.48
C GLU A 38 -24.91 -22.38 -8.52
N CYS A 39 -24.77 -23.67 -8.23
CA CYS A 39 -24.32 -24.65 -9.22
C CYS A 39 -25.58 -25.37 -9.70
N ARG A 40 -26.16 -24.87 -10.79
CA ARG A 40 -27.45 -25.36 -11.26
C ARG A 40 -27.42 -26.85 -11.55
N GLU A 41 -28.57 -27.50 -11.33
CA GLU A 41 -28.71 -28.93 -11.57
C GLU A 41 -28.58 -29.28 -13.05
N LYS A 53 -20.60 -38.09 -12.11
CA LYS A 53 -21.62 -37.05 -11.91
C LYS A 53 -21.34 -36.26 -10.63
N TYR A 54 -21.08 -34.96 -10.81
CA TYR A 54 -20.73 -34.07 -9.70
C TYR A 54 -22.02 -33.62 -9.01
N GLU A 55 -22.53 -34.49 -8.14
CA GLU A 55 -23.81 -34.21 -7.47
C GLU A 55 -23.65 -33.27 -6.29
N GLU A 56 -22.44 -33.08 -5.79
CA GLU A 56 -22.20 -32.18 -4.67
C GLU A 56 -20.94 -31.39 -4.92
N THR A 57 -20.94 -30.12 -4.49
CA THR A 57 -19.85 -29.20 -4.76
C THR A 57 -19.23 -28.73 -3.45
N VAL A 58 -17.91 -28.56 -3.45
CA VAL A 58 -17.18 -27.96 -2.35
C VAL A 58 -17.21 -26.44 -2.56
N PHE A 59 -17.77 -25.72 -1.60
CA PHE A 59 -17.74 -24.26 -1.68
C PHE A 59 -16.39 -23.75 -1.20
N TYR A 60 -15.64 -23.12 -2.10
CA TYR A 60 -14.31 -22.66 -1.73
C TYR A 60 -13.86 -21.55 -2.67
N GLY A 61 -13.16 -20.56 -2.11
CA GLY A 61 -12.50 -19.52 -2.88
C GLY A 61 -13.08 -18.13 -2.73
N LEU A 62 -14.27 -17.99 -2.13
CA LEU A 62 -14.88 -16.67 -2.00
C LEU A 62 -14.04 -15.77 -1.09
N GLN A 63 -13.48 -16.33 -0.02
CA GLN A 63 -12.72 -15.53 0.94
C GLN A 63 -11.52 -14.87 0.28
N TYR A 64 -10.88 -15.57 -0.65
CA TYR A 64 -9.79 -14.97 -1.43
C TYR A 64 -10.28 -13.74 -2.17
N ILE A 65 -11.41 -13.87 -2.88
CA ILE A 65 -11.95 -12.76 -3.66
C ILE A 65 -12.30 -11.58 -2.76
N LEU A 66 -12.90 -11.86 -1.60
CA LEU A 66 -13.31 -10.79 -0.68
C LEU A 66 -12.11 -9.95 -0.26
N ASN A 67 -11.04 -10.60 0.20
CA ASN A 67 -9.90 -9.88 0.73
C ASN A 67 -9.14 -9.15 -0.38
N LYS A 68 -8.90 -9.82 -1.51
CA LYS A 68 -8.01 -9.26 -2.51
C LYS A 68 -8.66 -8.14 -3.32
N TYR A 69 -9.96 -8.22 -3.57
CA TYR A 69 -10.58 -7.29 -4.51
C TYR A 69 -11.72 -6.45 -3.94
N LEU A 70 -12.40 -6.89 -2.88
CA LEU A 70 -13.61 -6.21 -2.44
C LEU A 70 -13.47 -5.40 -1.16
N LYS A 71 -12.52 -5.72 -0.29
CA LYS A 71 -12.51 -5.13 1.04
C LYS A 71 -11.68 -3.84 1.08
N GLY A 72 -11.96 -3.03 2.10
CA GLY A 72 -11.21 -1.80 2.31
C GLY A 72 -11.63 -0.69 1.36
N LYS A 73 -10.76 0.31 1.26
CA LYS A 73 -11.00 1.45 0.36
C LYS A 73 -10.61 1.03 -1.06
N VAL A 74 -11.62 0.69 -1.87
CA VAL A 74 -11.41 0.22 -3.23
C VAL A 74 -11.78 1.25 -4.27
N VAL A 75 -12.33 2.39 -3.85
CA VAL A 75 -12.65 3.51 -4.73
C VAL A 75 -11.80 4.69 -4.31
N THR A 76 -11.14 5.33 -5.28
CA THR A 76 -10.41 6.57 -5.04
C THR A 76 -10.77 7.57 -6.13
N LYS A 77 -10.43 8.83 -5.88
CA LYS A 77 -10.64 9.87 -6.88
C LYS A 77 -9.86 9.59 -8.16
N GLU A 78 -8.68 8.99 -8.02
CA GLU A 78 -7.89 8.65 -9.20
C GLU A 78 -8.52 7.51 -9.98
N LYS A 79 -9.00 6.48 -9.29
CA LYS A 79 -9.60 5.34 -9.98
C LYS A 79 -10.86 5.76 -10.73
N ILE A 80 -11.65 6.66 -10.15
CA ILE A 80 -12.83 7.18 -10.84
C ILE A 80 -12.43 7.91 -12.10
N GLN A 81 -11.39 8.75 -12.03
CA GLN A 81 -10.95 9.48 -13.21
C GLN A 81 -10.42 8.54 -14.29
N GLU A 82 -9.62 7.54 -13.90
CA GLU A 82 -9.11 6.56 -14.85
C GLU A 82 -10.26 5.85 -15.57
N ALA A 83 -11.22 5.32 -14.81
CA ALA A 83 -12.35 4.62 -15.42
C ALA A 83 -13.14 5.55 -16.33
N LYS A 84 -13.34 6.80 -15.89
CA LYS A 84 -14.05 7.77 -16.72
C LYS A 84 -13.36 7.95 -18.07
N ASP A 85 -12.03 8.14 -18.05
CA ASP A 85 -11.30 8.33 -19.30
C ASP A 85 -11.38 7.10 -20.18
N VAL A 86 -11.19 5.92 -19.59
CA VAL A 86 -11.26 4.67 -20.36
C VAL A 86 -12.63 4.49 -20.99
N TYR A 87 -13.69 4.63 -20.19
CA TYR A 87 -15.03 4.34 -20.68
C TYR A 87 -15.51 5.36 -21.70
N LYS A 88 -15.01 6.59 -21.63
CA LYS A 88 -15.34 7.58 -22.66
C LYS A 88 -14.90 7.09 -24.04
N GLU A 89 -13.65 6.64 -24.15
CA GLU A 89 -13.18 6.11 -25.43
C GLU A 89 -13.79 4.74 -25.73
N HIS A 90 -13.91 3.89 -24.70
CA HIS A 90 -14.40 2.54 -24.90
C HIS A 90 -15.79 2.53 -25.54
N PHE A 91 -16.71 3.31 -24.98
CA PHE A 91 -18.06 3.38 -25.51
C PHE A 91 -18.25 4.44 -26.59
N GLN A 92 -17.26 5.32 -26.80
CA GLN A 92 -17.40 6.47 -27.68
C GLN A 92 -18.59 7.34 -27.25
N ASP A 93 -18.86 7.37 -25.96
CA ASP A 93 -20.00 8.08 -25.38
C ASP A 93 -19.79 8.15 -23.88
N ASP A 94 -20.46 9.09 -23.25
CA ASP A 94 -20.36 9.28 -21.80
C ASP A 94 -21.53 8.53 -21.16
N VAL A 95 -21.26 7.35 -20.62
CA VAL A 95 -22.28 6.56 -19.95
C VAL A 95 -21.74 6.05 -18.63
N PHE A 96 -20.55 6.52 -18.24
CA PHE A 96 -19.98 6.10 -16.96
C PHE A 96 -20.68 6.82 -15.82
N ASN A 97 -21.07 6.05 -14.80
CA ASN A 97 -21.81 6.58 -13.65
C ASN A 97 -20.83 7.21 -12.66
N GLU A 98 -20.20 8.29 -13.11
CA GLU A 98 -19.22 8.98 -12.27
C GLU A 98 -19.86 9.50 -10.99
N LYS A 99 -21.10 9.98 -11.08
CA LYS A 99 -21.79 10.49 -9.90
C LYS A 99 -22.02 9.38 -8.87
N GLY A 100 -22.47 8.22 -9.33
CA GLY A 100 -22.70 7.12 -8.40
C GLY A 100 -21.43 6.67 -7.70
N TRP A 101 -20.32 6.59 -8.46
CA TRP A 101 -19.06 6.17 -7.86
C TRP A 101 -18.48 7.24 -6.93
N ASN A 102 -18.70 8.52 -7.25
CA ASN A 102 -18.31 9.58 -6.33
C ASN A 102 -19.09 9.50 -5.02
N TYR A 103 -20.37 9.14 -5.10
CA TYR A 103 -21.17 8.97 -3.89
C TYR A 103 -20.56 7.92 -2.97
N ILE A 104 -20.10 6.80 -3.54
CA ILE A 104 -19.47 5.76 -2.73
C ILE A 104 -18.20 6.27 -2.10
N LEU A 105 -17.40 7.03 -2.85
CA LEU A 105 -16.16 7.59 -2.31
C LEU A 105 -16.44 8.54 -1.15
N GLU A 106 -17.39 9.46 -1.34
CA GLU A 106 -17.62 10.49 -0.34
C GLU A 106 -18.32 9.95 0.90
N LYS A 107 -19.33 9.09 0.71
CA LYS A 107 -20.17 8.65 1.83
C LYS A 107 -19.52 7.53 2.64
N TYR A 108 -18.84 6.58 1.99
CA TYR A 108 -18.30 5.42 2.69
C TYR A 108 -16.78 5.33 2.61
N ASP A 109 -16.12 6.43 2.26
CA ASP A 109 -14.67 6.44 2.07
C ASP A 109 -14.26 5.31 1.11
N GLY A 110 -15.00 5.21 0.00
CA GLY A 110 -14.67 4.24 -1.03
C GLY A 110 -14.85 2.79 -0.64
N HIS A 111 -15.67 2.49 0.37
CA HIS A 111 -16.00 1.13 0.75
C HIS A 111 -17.32 0.72 0.11
N LEU A 112 -17.39 -0.50 -0.39
CA LEU A 112 -18.57 -0.96 -1.12
C LEU A 112 -19.73 -1.18 -0.17
N PRO A 113 -20.86 -0.49 -0.33
CA PRO A 113 -22.07 -0.79 0.47
C PRO A 113 -22.82 -2.00 -0.07
N ILE A 114 -22.26 -3.19 0.18
CA ILE A 114 -22.88 -4.45 -0.18
C ILE A 114 -22.80 -5.39 1.00
N GLU A 115 -23.71 -6.37 1.03
CA GLU A 115 -23.66 -7.44 2.01
C GLU A 115 -23.63 -8.77 1.28
N ILE A 116 -22.73 -9.65 1.70
CA ILE A 116 -22.56 -10.97 1.12
C ILE A 116 -22.74 -12.01 2.22
N LYS A 117 -23.66 -12.95 1.99
CA LYS A 117 -23.87 -14.09 2.87
C LYS A 117 -23.50 -15.37 2.12
N ALA A 118 -22.82 -16.29 2.81
CA ALA A 118 -22.31 -17.49 2.14
C ALA A 118 -22.25 -18.68 3.11
N VAL A 119 -22.39 -19.87 2.54
CA VAL A 119 -22.16 -21.11 3.28
C VAL A 119 -20.69 -21.15 3.71
N PRO A 120 -20.37 -21.79 4.82
CA PRO A 120 -18.96 -21.84 5.24
C PRO A 120 -18.09 -22.56 4.21
N GLU A 121 -16.86 -22.09 4.10
CA GLU A 121 -15.97 -22.64 3.08
C GLU A 121 -15.57 -24.06 3.43
N GLY A 122 -15.55 -24.92 2.42
CA GLY A 122 -15.30 -26.33 2.60
C GLY A 122 -16.56 -27.17 2.70
N PHE A 123 -17.71 -26.54 2.89
CA PHE A 123 -18.97 -27.28 2.98
C PHE A 123 -19.27 -27.96 1.66
N VAL A 124 -19.80 -29.18 1.76
CA VAL A 124 -20.17 -29.97 0.59
C VAL A 124 -21.68 -29.86 0.43
N ILE A 125 -22.11 -29.26 -0.68
CA ILE A 125 -23.51 -28.89 -0.88
C ILE A 125 -24.03 -29.48 -2.19
N PRO A 126 -25.18 -30.15 -2.19
CA PRO A 126 -25.72 -30.70 -3.44
C PRO A 126 -26.04 -29.60 -4.44
N ARG A 127 -26.04 -29.98 -5.72
CA ARG A 127 -26.28 -29.04 -6.80
C ARG A 127 -27.64 -28.36 -6.63
N GLY A 128 -27.80 -27.22 -7.30
CA GLY A 128 -29.06 -26.52 -7.29
C GLY A 128 -29.44 -25.87 -5.98
N ASN A 129 -28.47 -25.51 -5.17
CA ASN A 129 -28.71 -24.82 -3.90
C ASN A 129 -27.97 -23.50 -3.89
N VAL A 130 -28.50 -22.54 -3.12
CA VAL A 130 -27.84 -21.25 -2.98
C VAL A 130 -26.55 -21.44 -2.19
N LEU A 131 -25.46 -20.90 -2.72
CA LEU A 131 -24.17 -20.91 -2.04
C LEU A 131 -23.80 -19.55 -1.47
N PHE A 132 -24.09 -18.45 -2.18
CA PHE A 132 -23.96 -17.14 -1.59
C PHE A 132 -24.94 -16.17 -2.25
N THR A 133 -25.23 -15.08 -1.55
CA THR A 133 -26.13 -14.04 -2.03
C THR A 133 -25.45 -12.68 -1.91
N VAL A 134 -25.85 -11.76 -2.78
CA VAL A 134 -25.29 -10.41 -2.83
C VAL A 134 -26.43 -9.41 -2.89
N GLU A 135 -26.31 -8.32 -2.12
CA GLU A 135 -27.31 -7.28 -2.13
C GLU A 135 -26.65 -5.96 -1.73
N ASN A 136 -27.20 -4.86 -2.24
CA ASN A 136 -26.72 -3.54 -1.86
C ASN A 136 -27.37 -3.12 -0.54
N THR A 137 -26.62 -2.39 0.28
CA THR A 137 -27.10 -1.89 1.55
C THR A 137 -27.47 -0.41 1.49
N ASP A 138 -27.24 0.24 0.36
CA ASP A 138 -27.57 1.65 0.16
C ASP A 138 -28.44 1.76 -1.08
N PRO A 139 -29.62 2.38 -0.99
CA PRO A 139 -30.50 2.47 -2.18
C PRO A 139 -29.88 3.20 -3.35
N GLU A 140 -28.98 4.16 -3.10
CA GLU A 140 -28.31 4.84 -4.20
C GLU A 140 -27.47 3.87 -5.02
N CYS A 141 -27.13 2.71 -4.47
CA CYS A 141 -26.22 1.75 -5.10
C CYS A 141 -26.94 0.48 -5.54
N TYR A 142 -28.18 0.64 -6.02
CA TYR A 142 -28.92 -0.49 -6.59
C TYR A 142 -28.15 -1.17 -7.71
N TRP A 143 -27.35 -0.39 -8.45
CA TRP A 143 -26.60 -0.85 -9.61
C TRP A 143 -25.35 -1.64 -9.24
N LEU A 144 -24.93 -1.60 -7.97
CA LEU A 144 -23.66 -2.14 -7.57
C LEU A 144 -23.67 -3.66 -7.44
N THR A 145 -24.84 -4.24 -7.13
CA THR A 145 -24.96 -5.69 -7.00
C THR A 145 -24.46 -6.39 -8.26
N ASN A 146 -25.05 -6.06 -9.41
CA ASN A 146 -24.64 -6.73 -10.64
C ASN A 146 -23.36 -6.17 -11.22
N TRP A 147 -22.86 -5.03 -10.72
CA TRP A 147 -21.54 -4.57 -11.12
C TRP A 147 -20.47 -5.57 -10.72
N ILE A 148 -20.54 -6.09 -9.49
CA ILE A 148 -19.48 -6.95 -8.99
C ILE A 148 -19.82 -8.41 -9.27
N GLU A 149 -20.86 -8.66 -10.08
CA GLU A 149 -21.16 -10.02 -10.51
C GLU A 149 -19.96 -10.66 -11.18
N THR A 150 -19.28 -9.90 -12.05
CA THR A 150 -18.20 -10.50 -12.83
C THR A 150 -17.10 -11.03 -11.91
N ILE A 151 -16.73 -10.25 -10.89
CA ILE A 151 -15.69 -10.66 -9.95
C ILE A 151 -16.13 -11.87 -9.15
N LEU A 152 -17.38 -11.86 -8.67
CA LEU A 152 -17.85 -12.93 -7.79
C LEU A 152 -18.08 -14.23 -8.55
N VAL A 153 -18.46 -14.15 -9.83
CA VAL A 153 -18.76 -15.35 -10.60
C VAL A 153 -17.50 -16.19 -10.80
N GLN A 154 -16.33 -15.57 -10.81
CA GLN A 154 -15.08 -16.31 -10.97
C GLN A 154 -14.80 -17.24 -9.81
N SER A 155 -15.60 -17.19 -8.73
CA SER A 155 -15.55 -18.24 -7.73
C SER A 155 -15.93 -19.60 -8.30
N TRP A 156 -16.49 -19.64 -9.51
CA TRP A 156 -16.75 -20.93 -10.16
C TRP A 156 -15.48 -21.76 -10.24
N TYR A 157 -14.34 -21.11 -10.46
CA TYR A 157 -13.11 -21.87 -10.70
C TYR A 157 -12.63 -22.60 -9.45
N PRO A 158 -12.36 -21.93 -8.31
CA PRO A 158 -11.94 -22.71 -7.13
C PRO A 158 -12.99 -23.69 -6.64
N ILE A 159 -14.27 -23.38 -6.86
CA ILE A 159 -15.33 -24.34 -6.54
C ILE A 159 -15.20 -25.58 -7.40
N THR A 160 -14.99 -25.38 -8.71
CA THR A 160 -14.94 -26.52 -9.62
C THR A 160 -13.66 -27.33 -9.44
N VAL A 161 -12.51 -26.66 -9.23
CA VAL A 161 -11.28 -27.39 -8.98
C VAL A 161 -11.41 -28.22 -7.71
N ALA A 162 -11.86 -27.60 -6.62
CA ALA A 162 -11.98 -28.33 -5.35
C ALA A 162 -12.95 -29.50 -5.48
N THR A 163 -14.05 -29.31 -6.19
CA THR A 163 -15.02 -30.38 -6.39
C THR A 163 -14.44 -31.51 -7.25
N ASN A 164 -13.85 -31.16 -8.39
CA ASN A 164 -13.30 -32.18 -9.27
C ASN A 164 -12.14 -32.91 -8.61
N SER A 165 -11.32 -32.18 -7.85
CA SER A 165 -10.23 -32.83 -7.11
C SER A 165 -10.77 -33.78 -6.05
N ARG A 166 -11.86 -33.39 -5.39
CA ARG A 166 -12.47 -34.27 -4.38
C ARG A 166 -13.08 -35.51 -5.02
N GLU A 167 -13.68 -35.38 -6.21
CA GLU A 167 -14.26 -36.55 -6.86
C GLU A 167 -13.17 -37.54 -7.26
N GLN A 168 -12.01 -37.04 -7.69
CA GLN A 168 -10.88 -37.94 -7.92
C GLN A 168 -10.41 -38.59 -6.63
N LYS A 169 -10.48 -37.87 -5.51
CA LYS A 169 -10.11 -38.47 -4.24
C LYS A 169 -11.04 -39.60 -3.85
N LYS A 170 -12.32 -39.50 -4.23
CA LYS A 170 -13.25 -40.61 -4.00
C LYS A 170 -12.84 -41.83 -4.82
N ILE A 171 -12.45 -41.62 -6.08
CA ILE A 171 -12.04 -42.74 -6.92
C ILE A 171 -10.77 -43.37 -6.38
N LEU A 172 -9.80 -42.55 -5.96
CA LEU A 172 -8.56 -43.08 -5.41
C LEU A 172 -8.80 -43.80 -4.10
N ALA A 173 -9.63 -43.23 -3.23
CA ALA A 173 -9.87 -43.86 -1.93
C ALA A 173 -10.58 -45.20 -2.08
N LYS A 174 -11.50 -45.30 -3.07
CA LYS A 174 -12.25 -46.53 -3.25
C LYS A 174 -11.37 -47.66 -3.76
N TYR A 175 -10.51 -47.37 -4.74
CA TYR A 175 -9.65 -48.41 -5.29
C TYR A 175 -8.44 -48.70 -4.41
N LEU A 176 -8.02 -47.73 -3.60
CA LEU A 176 -6.96 -47.99 -2.64
C LEU A 176 -7.46 -48.85 -1.49
N LEU A 177 -8.73 -48.71 -1.11
CA LEU A 177 -9.30 -49.52 -0.05
C LEU A 177 -9.57 -50.94 -0.51
N GLU A 178 -9.93 -51.12 -1.78
CA GLU A 178 -10.21 -52.45 -2.29
C GLU A 178 -8.92 -53.25 -2.50
N THR A 179 -7.89 -52.61 -3.04
CA THR A 179 -6.65 -53.31 -3.37
C THR A 179 -5.62 -53.29 -2.24
N SER A 180 -5.92 -52.62 -1.12
CA SER A 180 -4.97 -52.59 0.00
C SER A 180 -5.62 -52.67 1.38
N GLY A 181 -6.91 -52.36 1.53
CA GLY A 181 -7.56 -52.45 2.81
C GLY A 181 -7.36 -51.28 3.73
N ASN A 182 -6.69 -50.21 3.28
CA ASN A 182 -6.49 -49.03 4.11
C ASN A 182 -6.30 -47.82 3.20
N LEU A 183 -6.22 -46.65 3.81
CA LEU A 183 -6.17 -45.38 3.09
C LEU A 183 -4.88 -44.61 3.34
N ASP A 184 -3.80 -45.31 3.71
CA ASP A 184 -2.53 -44.65 3.94
C ASP A 184 -2.05 -43.96 2.67
N GLY A 185 -1.43 -42.79 2.84
CA GLY A 185 -0.86 -42.06 1.71
C GLY A 185 -1.87 -41.52 0.72
N LEU A 186 -3.17 -41.60 1.02
CA LEU A 186 -4.19 -41.12 0.10
C LEU A 186 -3.95 -39.66 -0.29
N GLU A 187 -3.67 -38.81 0.70
CA GLU A 187 -3.53 -37.38 0.45
C GLU A 187 -2.32 -37.02 -0.41
N TYR A 188 -1.49 -37.99 -0.79
CA TYR A 188 -0.38 -37.74 -1.71
C TYR A 188 -0.53 -38.51 -3.02
N LYS A 189 -1.70 -39.08 -3.29
CA LYS A 189 -1.88 -39.91 -4.48
C LYS A 189 -2.17 -39.10 -5.75
N LEU A 190 -2.55 -37.83 -5.61
CA LEU A 190 -2.84 -36.97 -6.77
C LEU A 190 -2.07 -35.68 -6.59
N HIS A 191 -1.01 -35.52 -7.37
CA HIS A 191 -0.05 -34.43 -7.23
C HIS A 191 -0.33 -33.36 -8.27
N ASP A 192 -0.34 -32.10 -7.83
CA ASP A 192 -0.60 -30.96 -8.71
C ASP A 192 0.63 -30.71 -9.57
N PHE A 193 0.49 -30.91 -10.88
CA PHE A 193 1.52 -30.61 -11.88
C PHE A 193 1.11 -29.45 -12.79
N GLY A 194 0.11 -28.69 -12.41
CA GLY A 194 -0.57 -27.80 -13.35
C GLY A 194 -0.02 -26.41 -13.54
N TYR A 195 1.12 -26.07 -12.93
CA TYR A 195 1.60 -24.68 -12.93
C TYR A 195 1.81 -24.17 -14.36
N ARG A 196 2.44 -24.97 -15.22
CA ARG A 196 2.70 -24.50 -16.56
C ARG A 196 1.48 -24.59 -17.48
N GLY A 197 0.53 -25.46 -17.17
CA GLY A 197 -0.63 -25.70 -18.00
C GLY A 197 -1.84 -24.85 -17.71
N VAL A 198 -1.75 -23.87 -16.82
CA VAL A 198 -2.84 -22.97 -16.55
C VAL A 198 -2.60 -21.66 -17.31
N SER A 199 -3.61 -20.79 -17.30
CA SER A 199 -3.59 -19.61 -18.16
C SER A 199 -2.89 -18.41 -17.53
N SER A 200 -2.64 -18.41 -16.23
CA SER A 200 -2.02 -17.25 -15.59
C SER A 200 -1.48 -17.65 -14.22
N GLN A 201 -0.57 -16.81 -13.71
CA GLN A 201 -0.02 -17.00 -12.37
C GLN A 201 -1.12 -16.97 -11.31
N GLU A 202 -2.07 -16.05 -11.44
CA GLU A 202 -3.13 -15.98 -10.45
C GLU A 202 -3.97 -17.25 -10.45
N THR A 203 -4.29 -17.77 -11.63
CA THR A 203 -5.04 -19.02 -11.72
C THR A 203 -4.29 -20.17 -11.07
N ALA A 204 -2.98 -20.27 -11.34
CA ALA A 204 -2.18 -21.31 -10.69
C ALA A 204 -2.33 -21.24 -9.18
N GLY A 205 -2.27 -20.04 -8.61
CA GLY A 205 -2.41 -19.91 -7.17
C GLY A 205 -3.78 -20.36 -6.68
N ILE A 206 -4.85 -19.86 -7.32
CA ILE A 206 -6.20 -20.21 -6.90
C ILE A 206 -6.44 -21.71 -7.07
N GLY A 207 -6.11 -22.24 -8.26
CA GLY A 207 -6.41 -23.63 -8.53
C GLY A 207 -5.63 -24.59 -7.66
N ALA A 208 -4.34 -24.31 -7.44
CA ALA A 208 -3.53 -25.17 -6.58
C ALA A 208 -4.05 -25.17 -5.16
N SER A 209 -4.46 -24.00 -4.66
CA SER A 209 -5.02 -23.95 -3.30
C SER A 209 -6.29 -24.76 -3.20
N ALA A 210 -7.11 -24.75 -4.25
CA ALA A 210 -8.34 -25.54 -4.24
C ALA A 210 -8.03 -27.04 -4.23
N HIS A 211 -7.01 -27.45 -5.00
CA HIS A 211 -6.60 -28.85 -4.97
C HIS A 211 -6.13 -29.26 -3.57
N LEU A 212 -5.40 -28.37 -2.90
CA LEU A 212 -4.90 -28.64 -1.56
C LEU A 212 -6.00 -28.75 -0.52
N VAL A 213 -7.24 -28.45 -0.87
CA VAL A 213 -8.36 -28.73 0.04
C VAL A 213 -8.48 -30.22 0.28
N ASN A 214 -8.10 -31.03 -0.71
CA ASN A 214 -8.28 -32.49 -0.67
C ASN A 214 -6.97 -33.27 -0.57
N PHE A 215 -5.87 -32.74 -1.08
CA PHE A 215 -4.60 -33.45 -1.12
C PHE A 215 -3.51 -32.56 -0.53
N LYS A 216 -2.32 -33.15 -0.34
CA LYS A 216 -1.18 -32.42 0.21
C LYS A 216 0.04 -32.40 -0.69
N GLY A 217 0.04 -33.12 -1.80
CA GLY A 217 1.16 -33.13 -2.71
C GLY A 217 0.94 -32.13 -3.83
N THR A 218 1.89 -31.20 -3.98
CA THR A 218 1.78 -30.21 -5.04
C THR A 218 3.17 -29.73 -5.43
N ASP A 219 3.30 -29.41 -6.72
CA ASP A 219 4.45 -28.70 -7.26
C ASP A 219 4.11 -27.28 -7.69
N THR A 220 2.85 -26.88 -7.57
CA THR A 220 2.44 -25.54 -7.96
C THR A 220 2.60 -24.64 -6.74
N VAL A 221 3.75 -23.98 -6.66
CA VAL A 221 4.15 -23.27 -5.45
C VAL A 221 3.21 -22.10 -5.16
N ALA A 222 2.70 -21.44 -6.21
CA ALA A 222 1.82 -20.29 -6.02
C ALA A 222 0.65 -20.62 -5.10
N GLY A 223 0.24 -21.88 -5.04
CA GLY A 223 -0.84 -22.27 -4.14
C GLY A 223 -0.46 -22.14 -2.68
N LEU A 224 0.80 -22.40 -2.33
CA LEU A 224 1.24 -22.24 -0.94
C LEU A 224 1.17 -20.78 -0.51
N ALA A 225 1.59 -19.87 -1.39
CA ALA A 225 1.58 -18.45 -1.05
C ALA A 225 0.17 -17.92 -0.86
N LEU A 226 -0.77 -18.36 -1.70
CA LEU A 226 -2.16 -17.91 -1.55
C LEU A 226 -2.73 -18.32 -0.20
N ILE A 227 -2.55 -19.59 0.16
CA ILE A 227 -3.18 -20.11 1.38
C ILE A 227 -2.65 -19.40 2.62
N LYS A 228 -1.34 -19.15 2.67
CA LYS A 228 -0.77 -18.51 3.85
C LYS A 228 -1.21 -17.06 3.96
N LYS A 229 -1.49 -16.40 2.85
CA LYS A 229 -1.88 -14.99 2.90
C LYS A 229 -3.36 -14.82 3.21
N TYR A 230 -4.22 -15.67 2.64
CA TYR A 230 -5.66 -15.45 2.70
C TYR A 230 -6.42 -16.44 3.58
N TYR A 231 -5.79 -17.53 4.01
CA TYR A 231 -6.51 -18.56 4.76
C TYR A 231 -5.74 -19.00 6.00
N GLY A 232 -4.53 -19.52 5.82
CA GLY A 232 -3.68 -19.85 6.95
C GLY A 232 -3.88 -21.26 7.45
N THR A 233 -2.79 -21.84 7.96
CA THR A 233 -2.79 -23.21 8.45
C THR A 233 -1.94 -23.32 9.71
N LYS A 234 -2.28 -24.30 10.55
CA LYS A 234 -1.46 -24.56 11.73
C LYS A 234 -0.20 -25.35 11.39
N ASP A 235 -0.25 -26.18 10.34
CA ASP A 235 0.93 -26.87 9.86
C ASP A 235 1.97 -25.86 9.37
N PRO A 236 3.25 -26.23 9.37
CA PRO A 236 4.27 -25.31 8.85
C PRO A 236 4.08 -24.96 7.39
N VAL A 237 3.36 -25.78 6.63
CA VAL A 237 3.14 -25.54 5.21
C VAL A 237 1.95 -26.38 4.78
N PRO A 238 1.12 -25.92 3.82
CA PRO A 238 -0.06 -26.71 3.43
C PRO A 238 0.20 -27.79 2.39
N GLY A 239 1.29 -27.72 1.64
CA GLY A 239 1.57 -28.71 0.61
C GLY A 239 3.04 -29.07 0.60
N TYR A 240 3.32 -30.28 0.12
CA TYR A 240 4.67 -30.85 0.15
C TYR A 240 5.04 -31.41 -1.21
N SER A 241 6.35 -31.48 -1.46
CA SER A 241 6.88 -32.05 -2.70
C SER A 241 8.17 -32.78 -2.39
N VAL A 242 8.73 -33.42 -3.42
CA VAL A 242 9.98 -34.16 -3.30
C VAL A 242 10.87 -33.83 -4.49
N PRO A 243 12.18 -34.08 -4.38
CA PRO A 243 13.06 -33.87 -5.53
C PRO A 243 12.64 -34.75 -6.71
N ALA A 244 12.77 -34.18 -7.91
CA ALA A 244 12.38 -34.91 -9.11
C ALA A 244 13.14 -34.35 -10.31
N ALA A 245 13.41 -35.23 -11.27
CA ALA A 245 14.09 -34.82 -12.48
C ALA A 245 13.09 -34.40 -13.56
N GLU A 246 13.56 -33.62 -14.50
CA GLU A 246 12.84 -33.35 -15.74
C GLU A 246 13.69 -33.88 -16.89
N HIS A 247 13.17 -33.76 -18.11
CA HIS A 247 13.91 -34.29 -19.25
C HIS A 247 15.23 -33.56 -19.46
N SER A 248 15.24 -32.23 -19.20
CA SER A 248 16.46 -31.47 -19.45
C SER A 248 17.60 -31.89 -18.52
N THR A 249 17.29 -32.30 -17.29
CA THR A 249 18.34 -32.77 -16.40
C THR A 249 18.81 -34.18 -16.74
N ILE A 250 18.07 -34.92 -17.56
CA ILE A 250 18.52 -36.21 -18.06
C ILE A 250 19.23 -36.06 -19.40
N THR A 251 18.55 -35.43 -20.36
CA THR A 251 19.06 -35.34 -21.72
C THR A 251 20.31 -34.46 -21.83
N ALA A 252 20.57 -33.61 -20.84
CA ALA A 252 21.76 -32.77 -20.87
C ALA A 252 23.05 -33.57 -20.72
N TRP A 253 22.96 -34.81 -20.22
CA TRP A 253 24.13 -35.65 -20.05
C TRP A 253 24.58 -36.32 -21.35
N GLY A 254 23.78 -36.22 -22.39
CA GLY A 254 24.05 -36.92 -23.63
C GLY A 254 23.25 -38.21 -23.73
N LYS A 255 22.87 -38.56 -24.97
CA LYS A 255 22.05 -39.75 -25.18
C LYS A 255 22.72 -41.00 -24.63
N ASP A 256 24.04 -41.10 -24.77
CA ASP A 256 24.77 -42.30 -24.34
C ASP A 256 25.07 -42.30 -22.84
N HIS A 257 24.62 -41.31 -22.09
CA HIS A 257 24.94 -41.19 -20.67
C HIS A 257 23.68 -41.07 -19.83
N GLU A 258 22.64 -41.82 -20.19
CA GLU A 258 21.40 -41.78 -19.39
C GLU A 258 21.61 -42.46 -18.05
N LYS A 259 22.40 -43.53 -18.01
CA LYS A 259 22.70 -44.19 -16.73
C LYS A 259 23.48 -43.26 -15.81
N ASP A 260 24.44 -42.52 -16.35
CA ASP A 260 25.21 -41.58 -15.54
C ASP A 260 24.30 -40.49 -14.98
N ALA A 261 23.34 -40.01 -15.78
CA ALA A 261 22.38 -39.03 -15.29
C ALA A 261 21.54 -39.62 -14.16
N PHE A 262 21.03 -40.84 -14.37
CA PHE A 262 20.25 -41.51 -13.33
C PHE A 262 21.08 -41.69 -12.06
N GLU A 263 22.30 -42.21 -12.20
CA GLU A 263 23.13 -42.51 -11.04
C GLU A 263 23.49 -41.25 -10.26
N HIS A 264 23.80 -40.17 -10.97
CA HIS A 264 24.09 -38.90 -10.30
C HIS A 264 22.89 -38.41 -9.51
N ILE A 265 21.69 -38.53 -10.08
CA ILE A 265 20.51 -37.92 -9.49
C ILE A 265 20.06 -38.68 -8.25
N VAL A 266 19.99 -40.02 -8.34
CA VAL A 266 19.58 -40.81 -7.18
C VAL A 266 20.62 -40.75 -6.07
N THR A 267 21.87 -40.42 -6.40
CA THR A 267 22.91 -40.29 -5.38
C THR A 267 22.84 -38.91 -4.71
N GLN A 268 22.53 -37.87 -5.49
CA GLN A 268 22.35 -36.55 -4.89
C GLN A 268 21.18 -36.52 -3.93
N PHE A 269 20.18 -37.36 -4.13
CA PHE A 269 18.99 -37.42 -3.28
C PHE A 269 18.79 -38.85 -2.78
N SER A 270 19.79 -39.35 -2.05
CA SER A 270 19.77 -40.74 -1.61
C SER A 270 18.94 -40.95 -0.34
N SER A 271 18.63 -39.89 0.40
CA SER A 271 17.95 -40.00 1.68
C SER A 271 16.52 -39.46 1.67
N VAL A 272 16.05 -38.93 0.55
CA VAL A 272 14.68 -38.49 0.41
C VAL A 272 14.07 -39.18 -0.80
N PRO A 273 12.74 -39.25 -0.88
CA PRO A 273 12.12 -39.74 -2.12
C PRO A 273 12.58 -38.91 -3.30
N VAL A 274 12.81 -39.57 -4.43
CA VAL A 274 13.26 -38.89 -5.64
C VAL A 274 12.54 -39.50 -6.83
N SER A 275 12.01 -38.64 -7.70
CA SER A 275 11.32 -39.07 -8.90
C SER A 275 12.23 -38.82 -10.11
N VAL A 276 12.43 -39.86 -10.91
CA VAL A 276 13.30 -39.78 -12.08
C VAL A 276 12.48 -40.16 -13.31
N VAL A 277 12.27 -39.19 -14.20
CA VAL A 277 11.59 -39.49 -15.46
C VAL A 277 12.49 -40.40 -16.28
N SER A 278 11.91 -41.50 -16.78
CA SER A 278 12.70 -42.59 -17.36
C SER A 278 12.33 -42.89 -18.81
N ASP A 279 11.67 -41.97 -19.50
CA ASP A 279 11.23 -42.21 -20.87
C ASP A 279 11.91 -41.31 -21.89
N SER A 280 13.05 -40.70 -21.53
CA SER A 280 13.72 -39.79 -22.45
C SER A 280 13.99 -40.46 -23.80
N TYR A 281 14.31 -41.76 -23.78
CA TYR A 281 14.66 -42.47 -25.01
C TYR A 281 13.91 -43.79 -25.14
N ASP A 282 13.91 -44.60 -24.08
CA ASP A 282 13.18 -45.87 -24.09
C ASP A 282 12.85 -46.24 -22.66
N ILE A 283 11.57 -46.06 -22.29
CA ILE A 283 11.15 -46.25 -20.90
C ILE A 283 11.30 -47.71 -20.49
N TYR A 284 11.04 -48.64 -21.40
CA TYR A 284 11.09 -50.05 -21.05
C TYR A 284 12.54 -50.53 -20.88
N ASN A 285 13.45 -50.00 -21.70
CA ASN A 285 14.86 -50.28 -21.51
C ASN A 285 15.37 -49.71 -20.20
N ALA A 286 14.92 -48.50 -19.84
CA ALA A 286 15.39 -47.87 -18.61
C ALA A 286 15.00 -48.69 -17.39
N CYS A 287 13.81 -49.29 -17.41
CA CYS A 287 13.33 -50.05 -16.25
C CYS A 287 13.97 -51.44 -16.18
N GLU A 288 14.15 -52.10 -17.33
CA GLU A 288 14.66 -53.46 -17.35
C GLU A 288 16.18 -53.48 -17.21
N LYS A 289 16.86 -52.65 -18.00
CA LYS A 289 18.32 -52.66 -18.07
C LYS A 289 18.96 -51.71 -17.07
N ILE A 290 18.54 -50.44 -17.06
CA ILE A 290 19.23 -49.44 -16.25
C ILE A 290 18.83 -49.54 -14.79
N TRP A 291 17.52 -49.50 -14.51
CA TRP A 291 17.08 -49.65 -13.12
C TRP A 291 17.17 -51.09 -12.65
N GLY A 292 16.75 -52.04 -13.50
CA GLY A 292 16.66 -53.42 -13.09
C GLY A 292 17.96 -54.19 -13.07
N GLU A 293 19.06 -53.60 -13.56
CA GLU A 293 20.35 -54.30 -13.60
C GLU A 293 21.51 -53.39 -13.24
N ASP A 294 21.81 -52.42 -14.12
CA ASP A 294 23.03 -51.64 -13.97
C ASP A 294 23.05 -50.84 -12.67
N LEU A 295 21.91 -50.24 -12.31
CA LEU A 295 21.83 -49.40 -11.11
C LEU A 295 20.99 -50.04 -10.02
N ARG A 296 20.75 -51.35 -10.10
CA ARG A 296 19.89 -52.01 -9.12
C ARG A 296 20.47 -51.91 -7.72
N HIS A 297 21.81 -51.97 -7.59
CA HIS A 297 22.42 -51.95 -6.27
C HIS A 297 22.19 -50.61 -5.57
N LEU A 298 21.96 -49.54 -6.33
CA LEU A 298 21.64 -48.24 -5.74
C LEU A 298 20.19 -48.13 -5.31
N ILE A 299 19.31 -49.00 -5.82
CA ILE A 299 17.89 -48.92 -5.54
C ILE A 299 17.48 -49.82 -4.40
N VAL A 300 17.98 -51.07 -4.38
CA VAL A 300 17.62 -52.00 -3.32
C VAL A 300 18.17 -51.61 -1.96
N SER A 301 19.07 -50.62 -1.90
CA SER A 301 19.62 -50.17 -0.63
C SER A 301 18.81 -49.03 0.00
N ARG A 302 17.87 -48.44 -0.72
CA ARG A 302 17.18 -47.27 -0.22
C ARG A 302 16.16 -47.65 0.86
N SER A 303 15.85 -46.66 1.71
CA SER A 303 14.91 -46.89 2.80
C SER A 303 13.47 -46.74 2.31
N THR A 304 12.54 -47.18 3.16
CA THR A 304 11.12 -47.08 2.82
C THR A 304 10.67 -45.63 2.77
N GLN A 305 11.29 -44.75 3.56
CA GLN A 305 10.94 -43.34 3.58
C GLN A 305 11.63 -42.54 2.48
N ALA A 306 12.43 -43.18 1.63
CA ALA A 306 13.15 -42.49 0.56
C ALA A 306 13.22 -43.37 -0.68
N PRO A 307 12.07 -43.78 -1.23
CA PRO A 307 12.08 -44.70 -2.36
C PRO A 307 12.42 -43.99 -3.66
N LEU A 308 12.87 -44.78 -4.63
CA LEU A 308 12.91 -44.32 -6.01
C LEU A 308 11.49 -44.36 -6.58
N ILE A 309 11.10 -43.28 -7.26
CA ILE A 309 9.81 -43.20 -7.94
C ILE A 309 10.10 -43.08 -9.43
N ILE A 310 9.75 -44.11 -10.19
CA ILE A 310 9.99 -44.13 -11.63
C ILE A 310 8.83 -43.44 -12.33
N ARG A 311 9.15 -42.45 -13.17
CA ARG A 311 8.13 -41.63 -13.82
C ARG A 311 8.11 -41.88 -15.33
N PRO A 312 7.18 -42.68 -15.84
CA PRO A 312 6.90 -42.66 -17.27
C PRO A 312 6.21 -41.37 -17.66
N ASP A 313 6.33 -41.02 -18.94
CA ASP A 313 5.76 -39.75 -19.39
C ASP A 313 5.33 -39.77 -20.86
N SER A 314 5.09 -40.94 -21.45
CA SER A 314 4.71 -40.99 -22.85
C SER A 314 3.99 -42.31 -23.11
N GLY A 315 3.38 -42.39 -24.29
CA GLY A 315 2.59 -43.55 -24.64
C GLY A 315 1.24 -43.54 -23.96
N ASN A 316 0.53 -44.65 -24.12
CA ASN A 316 -0.77 -44.78 -23.49
C ASN A 316 -0.59 -44.84 -21.98
N PRO A 317 -1.32 -44.02 -21.21
CA PRO A 317 -1.06 -43.97 -19.76
C PRO A 317 -1.24 -45.30 -19.03
N LEU A 318 -2.33 -46.02 -19.30
CA LEU A 318 -2.56 -47.27 -18.58
C LEU A 318 -1.64 -48.39 -19.07
N ASP A 319 -1.43 -48.47 -20.38
CA ASP A 319 -0.57 -49.53 -20.92
C ASP A 319 0.88 -49.34 -20.48
N THR A 320 1.40 -48.12 -20.56
CA THR A 320 2.76 -47.87 -20.12
C THR A 320 2.94 -48.20 -18.64
N VAL A 321 1.93 -47.89 -17.82
CA VAL A 321 1.99 -48.22 -16.40
C VAL A 321 2.07 -49.73 -16.20
N LEU A 322 1.19 -50.47 -16.87
CA LEU A 322 1.14 -51.92 -16.71
C LEU A 322 2.44 -52.57 -17.20
N LYS A 323 2.99 -52.06 -18.30
CA LYS A 323 4.22 -52.63 -18.82
C LYS A 323 5.41 -52.32 -17.91
N VAL A 324 5.43 -51.13 -17.30
CA VAL A 324 6.50 -50.81 -16.35
C VAL A 324 6.40 -51.67 -15.11
N LEU A 325 5.18 -51.88 -14.59
CA LEU A 325 5.02 -52.72 -13.42
C LEU A 325 5.41 -54.16 -13.70
N GLU A 326 5.12 -54.64 -14.91
CA GLU A 326 5.50 -56.00 -15.29
C GLU A 326 7.02 -56.16 -15.31
N ILE A 327 7.71 -55.24 -15.97
CA ILE A 327 9.16 -55.28 -16.03
C ILE A 327 9.77 -55.16 -14.65
N LEU A 328 9.32 -54.18 -13.86
CA LEU A 328 9.81 -54.04 -12.49
C LEU A 328 9.45 -55.25 -11.65
N GLY A 329 8.36 -55.93 -11.98
CA GLY A 329 7.95 -57.11 -11.21
C GLY A 329 8.92 -58.27 -11.35
N LYS A 330 9.67 -58.33 -12.45
CA LYS A 330 10.62 -59.40 -12.68
C LYS A 330 12.03 -59.08 -12.19
N LYS A 331 12.35 -57.79 -12.04
CA LYS A 331 13.68 -57.38 -11.60
C LYS A 331 13.76 -57.10 -10.11
N PHE A 332 12.64 -57.02 -9.41
CA PHE A 332 12.59 -56.68 -8.00
C PHE A 332 11.62 -57.61 -7.28
N PRO A 333 11.87 -57.90 -6.01
CA PRO A 333 11.02 -58.87 -5.28
C PRO A 333 9.63 -58.30 -5.03
N VAL A 334 8.62 -58.98 -5.57
CA VAL A 334 7.22 -58.58 -5.45
C VAL A 334 6.53 -59.46 -4.42
N THR A 335 5.76 -58.83 -3.54
CA THR A 335 4.97 -59.53 -2.53
C THR A 335 3.49 -59.45 -2.89
N GLU A 336 2.66 -60.06 -2.05
CA GLU A 336 1.21 -60.00 -2.18
C GLU A 336 0.64 -59.44 -0.88
N ASN A 337 -0.19 -58.40 -1.00
CA ASN A 337 -0.71 -57.72 0.18
C ASN A 337 -1.90 -58.48 0.75
N SER A 338 -2.51 -57.90 1.80
CA SER A 338 -3.60 -58.54 2.50
C SER A 338 -4.93 -58.35 1.76
N LYS A 339 -4.91 -58.55 0.45
CA LYS A 339 -6.11 -58.46 -0.38
C LYS A 339 -5.93 -59.31 -1.63
N GLY A 340 -4.69 -59.71 -1.90
CA GLY A 340 -4.36 -60.46 -3.09
C GLY A 340 -3.83 -59.63 -4.25
N TYR A 341 -3.20 -58.49 -3.99
CA TYR A 341 -2.71 -57.61 -5.03
C TYR A 341 -1.21 -57.41 -4.86
N LYS A 342 -0.50 -57.36 -5.99
CA LYS A 342 0.95 -57.30 -5.98
C LYS A 342 1.43 -55.94 -5.49
N LEU A 343 2.54 -55.96 -4.73
CA LEU A 343 3.10 -54.77 -4.12
C LEU A 343 4.61 -54.76 -4.30
N LEU A 344 5.13 -53.72 -4.97
CA LEU A 344 6.56 -53.54 -5.14
C LEU A 344 7.26 -53.43 -3.79
N PRO A 345 8.58 -53.64 -3.76
CA PRO A 345 9.32 -53.40 -2.52
C PRO A 345 9.24 -51.94 -2.13
N PRO A 346 9.31 -51.64 -0.83
CA PRO A 346 9.02 -50.27 -0.37
C PRO A 346 9.98 -49.21 -0.87
N TYR A 347 11.11 -49.58 -1.47
CA TYR A 347 12.05 -48.60 -2.00
C TYR A 347 11.79 -48.25 -3.46
N LEU A 348 10.72 -48.77 -4.06
CA LEU A 348 10.45 -48.56 -5.48
C LEU A 348 8.98 -48.23 -5.69
N ARG A 349 8.72 -47.14 -6.40
CA ARG A 349 7.35 -46.71 -6.69
C ARG A 349 7.30 -46.14 -8.11
N VAL A 350 6.08 -45.90 -8.58
CA VAL A 350 5.81 -45.37 -9.91
C VAL A 350 4.86 -44.18 -9.80
N ILE A 351 5.10 -43.15 -10.61
CA ILE A 351 4.18 -42.03 -10.72
C ILE A 351 3.87 -41.80 -12.20
N GLN A 352 2.57 -41.77 -12.52
CA GLN A 352 2.10 -41.46 -13.86
C GLN A 352 1.67 -40.00 -13.88
N GLY A 353 2.41 -39.17 -14.62
CA GLY A 353 2.13 -37.76 -14.66
C GLY A 353 1.90 -37.21 -16.05
N ASP A 354 1.44 -38.07 -16.95
CA ASP A 354 1.11 -37.68 -18.32
C ASP A 354 -0.33 -38.08 -18.62
N GLY A 355 -1.06 -37.17 -19.24
CA GLY A 355 -2.41 -37.48 -19.72
C GLY A 355 -3.38 -37.92 -18.64
N VAL A 356 -3.29 -37.34 -17.45
CA VAL A 356 -4.12 -37.74 -16.32
C VAL A 356 -5.19 -36.68 -16.08
N ASP A 357 -6.45 -37.09 -16.18
CA ASP A 357 -7.59 -36.32 -15.69
C ASP A 357 -8.49 -37.29 -14.96
N ILE A 358 -9.68 -36.83 -14.54
CA ILE A 358 -10.55 -37.69 -13.74
C ILE A 358 -10.98 -38.92 -14.53
N ASN A 359 -11.13 -38.79 -15.85
CA ASN A 359 -11.51 -39.94 -16.68
C ASN A 359 -10.36 -40.94 -16.77
N THR A 360 -9.19 -40.50 -17.23
CA THR A 360 -8.07 -41.42 -17.41
C THR A 360 -7.55 -41.93 -16.07
N LEU A 361 -7.67 -41.13 -15.00
CA LEU A 361 -7.36 -41.64 -13.67
C LEU A 361 -8.20 -42.87 -13.34
N GLN A 362 -9.51 -42.78 -13.60
CA GLN A 362 -10.40 -43.91 -13.35
C GLN A 362 -10.00 -45.14 -14.17
N GLU A 363 -9.66 -44.93 -15.44
CA GLU A 363 -9.28 -46.06 -16.29
C GLU A 363 -7.99 -46.71 -15.82
N ILE A 364 -7.05 -45.91 -15.29
CA ILE A 364 -5.77 -46.46 -14.86
C ILE A 364 -5.93 -47.30 -13.61
N VAL A 365 -6.67 -46.78 -12.61
CA VAL A 365 -6.84 -47.56 -11.39
C VAL A 365 -7.71 -48.77 -11.66
N GLU A 366 -8.67 -48.67 -12.58
CA GLU A 366 -9.46 -49.83 -12.99
C GLU A 366 -8.58 -50.89 -13.64
N GLY A 367 -7.75 -50.47 -14.61
CA GLY A 367 -6.88 -51.40 -15.29
C GLY A 367 -5.84 -52.03 -14.38
N MET A 368 -5.37 -51.27 -13.39
CA MET A 368 -4.42 -51.82 -12.42
C MET A 368 -5.09 -52.85 -11.53
N LYS A 369 -6.35 -52.60 -11.15
CA LYS A 369 -7.10 -53.60 -10.40
C LYS A 369 -7.33 -54.86 -11.23
N GLN A 370 -7.52 -54.70 -12.55
CA GLN A 370 -7.73 -55.85 -13.42
C GLN A 370 -6.51 -56.76 -13.45
N LYS A 371 -5.31 -56.17 -13.48
CA LYS A 371 -4.06 -56.91 -13.47
C LYS A 371 -3.55 -57.21 -12.07
N MET A 372 -4.42 -57.09 -11.06
CA MET A 372 -4.11 -57.44 -9.67
C MET A 372 -2.95 -56.62 -9.11
N TRP A 373 -2.77 -55.40 -9.61
CA TRP A 373 -1.75 -54.49 -9.09
C TRP A 373 -2.39 -53.54 -8.08
N SER A 374 -1.80 -53.46 -6.89
CA SER A 374 -2.31 -52.58 -5.85
C SER A 374 -2.10 -51.11 -6.23
N ILE A 375 -3.00 -50.26 -5.72
CA ILE A 375 -2.87 -48.83 -5.96
C ILE A 375 -1.75 -48.24 -5.11
N GLU A 376 -1.27 -48.97 -4.10
CA GLU A 376 -0.13 -48.51 -3.31
C GLU A 376 1.09 -48.26 -4.18
N ASN A 377 1.23 -49.00 -5.28
CA ASN A 377 2.41 -48.88 -6.14
C ASN A 377 2.44 -47.59 -6.92
N ILE A 378 1.31 -46.93 -7.10
CA ILE A 378 1.17 -45.84 -8.07
C ILE A 378 0.78 -44.56 -7.36
N ALA A 379 1.31 -43.45 -7.86
CA ALA A 379 0.80 -42.11 -7.56
C ALA A 379 0.58 -41.41 -8.90
N PHE A 380 -0.20 -40.34 -8.87
CA PHE A 380 -0.61 -39.65 -10.08
C PHE A 380 -0.22 -38.18 -10.03
N GLY A 381 0.22 -37.66 -11.17
CA GLY A 381 0.40 -36.24 -11.35
C GLY A 381 -0.53 -35.74 -12.43
N SER A 382 -1.24 -34.65 -12.17
CA SER A 382 -2.19 -34.10 -13.11
C SER A 382 -1.93 -32.60 -13.25
N GLY A 383 -1.89 -32.12 -14.49
CA GLY A 383 -1.61 -30.73 -14.74
C GLY A 383 -2.79 -29.99 -15.34
N GLY A 384 -2.82 -29.87 -16.66
CA GLY A 384 -3.97 -29.28 -17.32
C GLY A 384 -5.27 -29.96 -16.97
N GLY A 385 -5.23 -31.29 -16.77
CA GLY A 385 -6.44 -32.01 -16.41
C GLY A 385 -7.00 -31.61 -15.06
N LEU A 386 -6.13 -31.26 -14.12
CA LEU A 386 -6.55 -30.92 -12.76
C LEU A 386 -6.94 -29.46 -12.60
N LEU A 387 -6.29 -28.55 -13.34
CA LEU A 387 -6.41 -27.13 -13.07
C LEU A 387 -6.86 -26.30 -14.26
N GLN A 388 -6.80 -26.81 -15.48
CA GLN A 388 -7.14 -26.02 -16.66
C GLN A 388 -8.31 -26.57 -17.45
N LYS A 389 -8.41 -27.89 -17.59
CA LYS A 389 -9.45 -28.53 -18.39
C LYS A 389 -10.78 -28.54 -17.63
N LEU A 390 -11.26 -27.34 -17.32
CA LEU A 390 -12.46 -27.15 -16.51
C LEU A 390 -13.14 -25.86 -16.95
N THR A 391 -14.47 -25.87 -16.96
CA THR A 391 -15.24 -24.70 -17.37
C THR A 391 -16.36 -24.45 -16.39
N ARG A 392 -16.91 -23.24 -16.46
CA ARG A 392 -18.08 -22.88 -15.66
C ARG A 392 -19.28 -23.78 -15.96
N ASP A 393 -19.28 -24.45 -17.12
CA ASP A 393 -20.37 -25.33 -17.51
C ASP A 393 -20.35 -26.67 -16.78
N LEU A 394 -19.21 -27.04 -16.19
CA LEU A 394 -19.12 -28.37 -15.56
C LEU A 394 -20.14 -28.51 -14.45
N LEU A 395 -20.25 -27.52 -13.57
CA LEU A 395 -21.22 -27.53 -12.49
C LEU A 395 -22.36 -26.54 -12.72
N ASN A 396 -22.39 -25.90 -13.88
CA ASN A 396 -23.38 -24.88 -14.22
C ASN A 396 -23.45 -23.79 -13.14
N CYS A 397 -22.29 -23.16 -12.92
CA CYS A 397 -22.20 -22.06 -11.97
C CYS A 397 -22.87 -20.83 -12.54
N SER A 398 -23.81 -20.26 -11.78
CA SER A 398 -24.66 -19.21 -12.33
C SER A 398 -25.00 -18.20 -11.24
N PHE A 399 -25.07 -16.94 -11.65
CA PHE A 399 -25.33 -15.80 -10.78
C PHE A 399 -26.53 -15.07 -11.36
N LYS A 400 -27.62 -15.02 -10.60
CA LYS A 400 -28.87 -14.46 -11.10
C LYS A 400 -29.48 -13.52 -10.07
N CYS A 401 -30.20 -12.53 -10.57
CA CYS A 401 -30.97 -11.63 -9.73
C CYS A 401 -32.32 -12.28 -9.44
N SER A 402 -32.67 -12.37 -8.15
CA SER A 402 -33.90 -13.03 -7.76
C SER A 402 -34.87 -12.12 -7.01
N TYR A 403 -34.46 -10.90 -6.66
CA TYR A 403 -35.32 -10.02 -5.86
C TYR A 403 -34.91 -8.58 -6.11
N VAL A 404 -35.87 -7.74 -6.47
CA VAL A 404 -35.66 -6.30 -6.64
C VAL A 404 -36.75 -5.56 -5.89
N VAL A 405 -36.45 -4.32 -5.53
CA VAL A 405 -37.42 -3.38 -4.98
C VAL A 405 -37.43 -2.15 -5.87
N THR A 406 -38.58 -1.86 -6.48
CA THR A 406 -38.74 -0.70 -7.35
C THR A 406 -39.99 0.06 -6.94
N ASN A 407 -39.86 1.37 -6.78
CA ASN A 407 -40.95 2.22 -6.33
C ASN A 407 -41.55 1.68 -5.03
N GLY A 408 -40.68 1.20 -4.15
CA GLY A 408 -41.08 0.68 -2.87
C GLY A 408 -41.76 -0.67 -2.89
N LEU A 409 -41.81 -1.34 -4.04
CA LEU A 409 -42.50 -2.62 -4.18
C LEU A 409 -41.46 -3.70 -4.44
N GLY A 410 -41.46 -4.73 -3.59
CA GLY A 410 -40.54 -5.85 -3.78
C GLY A 410 -41.12 -6.87 -4.76
N ILE A 411 -40.25 -7.35 -5.65
CA ILE A 411 -40.64 -8.26 -6.72
C ILE A 411 -39.70 -9.46 -6.71
N ASN A 412 -40.25 -10.66 -6.69
CA ASN A 412 -39.47 -11.86 -6.93
C ASN A 412 -39.26 -12.01 -8.44
N VAL A 413 -38.01 -11.90 -8.89
CA VAL A 413 -37.71 -11.89 -10.32
C VAL A 413 -36.91 -13.14 -10.68
N PHE A 414 -37.03 -13.55 -11.94
CA PHE A 414 -36.41 -14.76 -12.43
C PHE A 414 -36.47 -14.75 -13.95
N LYS A 415 -35.57 -15.52 -14.56
CA LYS A 415 -35.65 -15.78 -15.99
C LYS A 415 -36.17 -17.19 -16.22
N ASP A 416 -36.78 -17.39 -17.38
CA ASP A 416 -37.32 -18.70 -17.75
C ASP A 416 -37.40 -18.80 -19.26
N PRO A 417 -36.28 -19.02 -19.94
CA PRO A 417 -36.34 -19.17 -21.41
C PRO A 417 -37.18 -20.36 -21.80
N VAL A 418 -38.07 -20.16 -22.78
CA VAL A 418 -38.98 -21.22 -23.19
C VAL A 418 -38.22 -22.40 -23.80
N ALA A 419 -37.12 -22.12 -24.50
CA ALA A 419 -36.37 -23.14 -25.20
C ALA A 419 -35.28 -23.78 -24.34
N ASP A 420 -35.25 -23.47 -23.05
CA ASP A 420 -34.27 -24.09 -22.15
C ASP A 420 -34.76 -24.02 -20.71
N PRO A 421 -35.59 -24.96 -20.26
CA PRO A 421 -36.05 -24.92 -18.87
C PRO A 421 -34.94 -25.07 -17.85
N ASN A 422 -33.80 -25.65 -18.21
CA ASN A 422 -32.69 -25.78 -17.30
C ASN A 422 -32.03 -24.43 -16.98
N LYS A 423 -32.33 -23.39 -17.75
CA LYS A 423 -31.83 -22.04 -17.49
C LYS A 423 -32.70 -21.28 -16.49
N ARG A 424 -33.70 -21.93 -15.90
CA ARG A 424 -34.58 -21.29 -14.93
C ARG A 424 -33.81 -20.95 -13.66
N SER A 425 -34.17 -19.83 -13.04
CA SER A 425 -33.52 -19.35 -11.83
C SER A 425 -34.53 -19.29 -10.69
N LYS A 426 -34.02 -19.12 -9.47
CA LYS A 426 -34.86 -19.11 -8.28
C LYS A 426 -35.49 -17.73 -8.07
N LYS A 427 -36.45 -17.66 -7.16
CA LYS A 427 -37.32 -16.49 -6.98
C LYS A 427 -37.20 -15.94 -5.57
N GLY A 428 -36.98 -14.63 -5.46
CA GLY A 428 -37.08 -13.95 -4.18
C GLY A 428 -35.88 -14.14 -3.28
N ARG A 429 -36.05 -13.72 -2.03
CA ARG A 429 -35.00 -13.86 -1.04
C ARG A 429 -34.83 -15.32 -0.67
N LEU A 430 -33.57 -15.74 -0.55
CA LEU A 430 -33.24 -17.15 -0.43
C LEU A 430 -32.57 -17.44 0.90
N SER A 431 -32.63 -18.71 1.30
CA SER A 431 -31.89 -19.20 2.45
C SER A 431 -31.64 -20.69 2.24
N LEU A 432 -30.61 -21.21 2.90
CA LEU A 432 -30.21 -22.60 2.76
C LEU A 432 -30.38 -23.30 4.09
N HIS A 433 -31.11 -24.40 4.10
CA HIS A 433 -31.44 -25.11 5.32
C HIS A 433 -31.18 -26.60 5.16
N ARG A 434 -30.96 -27.26 6.30
CA ARG A 434 -30.84 -28.70 6.37
C ARG A 434 -32.02 -29.26 7.15
N THR A 435 -32.67 -30.29 6.58
CA THR A 435 -33.71 -31.00 7.30
C THR A 435 -33.09 -31.82 8.43
N PRO A 436 -33.90 -32.32 9.36
CA PRO A 436 -33.36 -33.26 10.37
C PRO A 436 -32.79 -34.53 9.77
N ALA A 437 -33.25 -34.95 8.59
CA ALA A 437 -32.68 -36.13 7.95
C ALA A 437 -31.31 -35.85 7.33
N GLY A 438 -31.10 -34.64 6.80
CA GLY A 438 -29.79 -34.31 6.27
C GLY A 438 -29.78 -33.68 4.89
N ASN A 439 -30.82 -33.90 4.10
CA ASN A 439 -30.84 -33.31 2.77
C ASN A 439 -30.91 -31.79 2.86
N PHE A 440 -30.39 -31.12 1.84
CA PHE A 440 -30.33 -29.67 1.80
C PHE A 440 -31.49 -29.14 0.96
N VAL A 441 -32.05 -28.01 1.39
CA VAL A 441 -33.14 -27.37 0.68
C VAL A 441 -32.93 -25.86 0.67
N THR A 442 -33.05 -25.26 -0.51
CA THR A 442 -33.01 -23.81 -0.64
C THR A 442 -34.43 -23.29 -0.59
N LEU A 443 -34.76 -22.52 0.45
CA LEU A 443 -36.07 -21.91 0.59
C LEU A 443 -36.11 -20.59 -0.17
N GLU A 444 -37.09 -20.45 -1.06
CA GLU A 444 -37.22 -19.28 -1.89
C GLU A 444 -38.29 -18.35 -1.35
N GLU A 445 -38.50 -17.23 -2.05
CA GLU A 445 -39.57 -16.28 -1.75
C GLU A 445 -39.57 -15.84 -0.29
N GLY A 446 -38.40 -15.83 0.35
CA GLY A 446 -38.30 -15.40 1.73
C GLY A 446 -38.87 -16.35 2.75
N LYS A 447 -39.31 -17.55 2.34
CA LYS A 447 -39.93 -18.50 3.26
C LYS A 447 -39.00 -18.94 4.38
N GLY A 448 -37.70 -18.64 4.29
CA GLY A 448 -36.78 -18.95 5.37
C GLY A 448 -37.08 -18.25 6.67
N ASP A 449 -37.98 -17.28 6.66
CA ASP A 449 -38.43 -16.63 7.89
C ASP A 449 -39.68 -17.32 8.44
N GLN A 455 -32.66 -23.22 10.39
CA GLN A 455 -31.55 -22.28 10.61
C GLN A 455 -30.75 -22.07 9.34
N ASP A 456 -30.60 -20.81 8.93
CA ASP A 456 -29.93 -20.49 7.66
C ASP A 456 -28.44 -20.80 7.76
N LEU A 457 -27.94 -21.58 6.80
CA LEU A 457 -26.51 -21.89 6.77
C LEU A 457 -25.69 -20.77 6.14
N LEU A 458 -26.33 -19.82 5.45
CA LEU A 458 -25.63 -18.68 4.87
C LEU A 458 -25.33 -17.65 5.95
N HIS A 459 -24.04 -17.40 6.18
CA HIS A 459 -23.61 -16.40 7.16
C HIS A 459 -23.06 -15.18 6.43
N THR A 460 -23.24 -14.01 7.04
CA THR A 460 -22.67 -12.79 6.49
C THR A 460 -21.15 -12.88 6.54
N VAL A 461 -20.51 -12.86 5.38
CA VAL A 461 -19.06 -12.89 5.32
C VAL A 461 -18.47 -11.55 4.88
N PHE A 462 -19.26 -10.68 4.27
CA PHE A 462 -18.82 -9.36 3.84
C PHE A 462 -19.96 -8.37 4.05
N LYS A 463 -19.63 -7.20 4.61
CA LYS A 463 -20.64 -6.15 4.79
C LYS A 463 -19.95 -4.79 4.80
N ASN A 464 -20.36 -3.92 3.87
CA ASN A 464 -19.93 -2.53 3.84
C ASN A 464 -18.40 -2.41 3.92
N GLY A 465 -17.71 -3.16 3.08
CA GLY A 465 -16.28 -3.03 2.93
C GLY A 465 -15.44 -3.86 3.89
N LYS A 466 -16.05 -4.57 4.83
CA LYS A 466 -15.32 -5.34 5.82
C LYS A 466 -15.65 -6.82 5.70
N VAL A 467 -14.63 -7.66 5.91
CA VAL A 467 -14.84 -9.11 5.99
C VAL A 467 -15.30 -9.45 7.40
N THR A 468 -16.51 -9.97 7.52
CA THR A 468 -17.13 -10.17 8.83
C THR A 468 -16.90 -11.57 9.39
N LYS A 469 -16.63 -12.56 8.55
CA LYS A 469 -16.40 -13.92 9.01
C LYS A 469 -15.35 -14.56 8.11
N SER A 470 -14.37 -15.22 8.72
CA SER A 470 -13.26 -15.84 8.01
C SER A 470 -13.10 -17.28 8.47
N TYR A 471 -12.57 -18.12 7.58
CA TYR A 471 -12.27 -19.51 7.88
C TYR A 471 -10.81 -19.80 7.56
N SER A 472 -10.20 -20.69 8.35
CA SER A 472 -8.83 -21.10 8.10
C SER A 472 -8.81 -22.32 7.20
N PHE A 473 -7.64 -22.58 6.60
CA PHE A 473 -7.54 -23.71 5.67
C PHE A 473 -7.75 -25.03 6.39
N ASP A 474 -7.35 -25.12 7.66
CA ASP A 474 -7.62 -26.32 8.45
C ASP A 474 -9.13 -26.55 8.59
N GLU A 475 -9.88 -25.49 8.91
CA GLU A 475 -11.34 -25.62 8.99
C GLU A 475 -11.94 -26.05 7.66
N ILE A 476 -11.42 -25.51 6.56
CA ILE A 476 -11.98 -25.83 5.24
C ILE A 476 -11.71 -27.28 4.89
N ARG A 477 -10.48 -27.75 5.13
CA ARG A 477 -10.16 -29.15 4.90
C ARG A 477 -11.04 -30.06 5.75
N LYS A 478 -11.30 -29.67 7.00
CA LYS A 478 -12.14 -30.51 7.86
C LYS A 478 -13.57 -30.59 7.32
N ASN A 479 -14.09 -29.48 6.79
CA ASN A 479 -15.45 -29.50 6.24
C ASN A 479 -15.52 -30.32 4.95
N ALA A 480 -14.46 -30.38 4.18
CA ALA A 480 -14.49 -31.02 2.87
C ALA A 480 -14.08 -32.49 2.91
N GLN A 481 -13.95 -33.07 4.10
CA GLN A 481 -13.54 -34.46 4.22
C GLN A 481 -14.55 -35.41 3.58
N LEU A 482 -14.09 -36.62 3.26
CA LEU A 482 -14.92 -37.64 2.65
C LEU A 482 -15.64 -38.45 3.73
N ASN A 483 -16.63 -39.23 3.30
CA ASN A 483 -17.33 -40.15 4.19
C ASN A 483 -16.74 -41.55 4.08
N PHE B 9 4.48 -10.54 -6.01
CA PHE B 9 4.98 -11.63 -6.85
C PHE B 9 6.47 -11.89 -6.59
N ASN B 10 6.82 -13.16 -6.37
CA ASN B 10 8.18 -13.57 -6.04
C ASN B 10 8.63 -14.60 -7.07
N ILE B 11 9.62 -14.22 -7.89
CA ILE B 11 10.05 -15.10 -8.97
C ILE B 11 10.64 -16.39 -8.43
N LEU B 12 11.25 -16.35 -7.23
CA LEU B 12 11.82 -17.55 -6.64
C LEU B 12 10.75 -18.53 -6.15
N LEU B 13 9.49 -18.09 -6.08
CA LEU B 13 8.38 -18.96 -5.74
C LEU B 13 7.45 -19.19 -6.91
N ALA B 14 7.88 -18.85 -8.13
CA ALA B 14 7.02 -18.93 -9.30
C ALA B 14 7.56 -19.97 -10.28
N THR B 15 7.91 -21.15 -9.78
CA THR B 15 8.35 -22.26 -10.61
C THR B 15 7.75 -23.55 -10.08
N ASP B 16 7.78 -24.58 -10.92
CA ASP B 16 7.44 -25.92 -10.45
C ASP B 16 8.41 -26.33 -9.36
N SER B 17 7.88 -26.93 -8.30
CA SER B 17 8.67 -27.24 -7.11
C SER B 17 9.94 -28.03 -7.44
N TYR B 18 9.83 -29.04 -8.31
CA TYR B 18 11.00 -29.89 -8.54
C TYR B 18 12.13 -29.13 -9.23
N LYS B 19 11.83 -28.04 -9.94
CA LYS B 19 12.88 -27.22 -10.53
C LYS B 19 13.76 -26.56 -9.47
N VAL B 20 13.29 -26.48 -8.22
CA VAL B 20 14.16 -26.02 -7.13
C VAL B 20 15.37 -26.92 -6.98
N THR B 21 15.21 -28.21 -7.26
CA THR B 21 16.25 -29.20 -7.02
C THR B 21 17.11 -29.50 -8.25
N HIS B 22 16.84 -28.85 -9.38
CA HIS B 22 17.49 -29.24 -10.63
C HIS B 22 18.91 -28.70 -10.78
N TYR B 23 19.28 -27.62 -10.10
CA TYR B 23 20.64 -27.13 -10.20
C TYR B 23 21.66 -28.18 -9.77
N LYS B 24 21.24 -29.16 -8.98
CA LYS B 24 22.07 -30.26 -8.52
C LYS B 24 22.00 -31.49 -9.42
N GLN B 25 21.28 -31.41 -10.54
CA GLN B 25 21.09 -32.57 -11.40
C GLN B 25 21.79 -32.45 -12.76
N TYR B 26 22.06 -31.23 -13.22
CA TYR B 26 22.77 -31.05 -14.48
C TYR B 26 24.19 -31.59 -14.36
N PRO B 27 24.80 -31.98 -15.48
CA PRO B 27 26.18 -32.47 -15.43
C PRO B 27 27.10 -31.41 -14.87
N PRO B 28 28.11 -31.80 -14.09
CA PRO B 28 29.04 -30.80 -13.54
C PRO B 28 29.70 -29.98 -14.64
N ASN B 29 30.02 -28.73 -14.29
CA ASN B 29 30.67 -27.79 -15.20
C ASN B 29 29.80 -27.46 -16.41
N THR B 30 28.48 -27.53 -16.25
CA THR B 30 27.58 -27.04 -17.29
C THR B 30 27.54 -25.52 -17.22
N SER B 31 28.00 -24.87 -18.29
CA SER B 31 28.10 -23.42 -18.33
C SER B 31 26.96 -22.76 -19.09
N LYS B 32 26.16 -23.54 -19.82
CA LYS B 32 25.06 -22.98 -20.59
C LYS B 32 23.96 -24.02 -20.71
N VAL B 33 22.73 -23.61 -20.42
CA VAL B 33 21.53 -24.36 -20.75
C VAL B 33 20.74 -23.49 -21.73
N TYR B 34 20.48 -24.05 -22.90
CA TYR B 34 19.84 -23.34 -24.01
C TYR B 34 18.54 -24.06 -24.32
N SER B 35 17.42 -23.33 -24.31
CA SER B 35 16.12 -23.95 -24.42
C SER B 35 15.25 -23.15 -25.38
N TYR B 36 14.22 -23.82 -25.92
CA TYR B 36 13.39 -23.22 -26.95
C TYR B 36 11.93 -23.59 -26.72
N PHE B 37 11.06 -22.76 -27.32
CA PHE B 37 9.62 -22.94 -27.23
C PHE B 37 9.06 -23.12 -28.64
N GLU B 38 8.19 -24.12 -28.81
CA GLU B 38 7.55 -24.37 -30.09
C GLU B 38 6.11 -24.83 -29.84
N CYS B 39 5.29 -24.66 -30.86
CA CYS B 39 3.96 -25.28 -30.93
C CYS B 39 4.15 -26.53 -31.80
N ARG B 40 4.41 -27.65 -31.14
CA ARG B 40 4.79 -28.88 -31.82
C ARG B 40 3.71 -29.30 -32.82
N GLU B 41 4.15 -29.88 -33.93
CA GLU B 41 3.23 -30.37 -34.96
C GLU B 41 2.30 -31.46 -34.43
N LYS B 53 -6.48 -27.98 -39.20
CA LYS B 53 -6.79 -26.93 -38.25
C LYS B 53 -5.59 -26.62 -37.35
N TYR B 54 -5.41 -25.33 -37.05
CA TYR B 54 -4.31 -24.87 -36.21
C TYR B 54 -2.96 -25.20 -36.84
N GLU B 55 -2.85 -24.97 -38.15
CA GLU B 55 -1.57 -25.19 -38.83
C GLU B 55 -0.59 -24.05 -38.58
N GLU B 56 -1.09 -22.84 -38.34
CA GLU B 56 -0.26 -21.67 -38.05
C GLU B 56 -0.74 -21.00 -36.78
N THR B 57 0.21 -20.45 -36.02
CA THR B 57 -0.07 -19.87 -34.71
C THR B 57 0.30 -18.39 -34.73
N VAL B 58 -0.46 -17.61 -33.96
CA VAL B 58 -0.11 -16.21 -33.68
C VAL B 58 0.75 -16.19 -32.44
N PHE B 59 1.99 -15.72 -32.57
CA PHE B 59 2.88 -15.62 -31.41
C PHE B 59 2.60 -14.31 -30.69
N TYR B 60 1.99 -14.40 -29.50
CA TYR B 60 1.66 -13.20 -28.74
C TYR B 60 1.64 -13.57 -27.26
N GLY B 61 2.12 -12.65 -26.42
CA GLY B 61 2.01 -12.76 -24.98
C GLY B 61 3.33 -12.79 -24.23
N LEU B 62 4.44 -13.07 -24.90
CA LEU B 62 5.73 -13.14 -24.21
C LEU B 62 6.09 -11.80 -23.56
N GLN B 63 5.86 -10.69 -24.27
CA GLN B 63 6.25 -9.39 -23.76
C GLN B 63 5.53 -9.05 -22.47
N TYR B 64 4.28 -9.49 -22.32
CA TYR B 64 3.58 -9.34 -21.05
C TYR B 64 4.36 -9.98 -19.91
N ILE B 65 4.81 -11.22 -20.11
CA ILE B 65 5.57 -11.92 -19.07
C ILE B 65 6.87 -11.19 -18.78
N LEU B 66 7.55 -10.72 -19.82
CA LEU B 66 8.82 -10.03 -19.61
C LEU B 66 8.63 -8.76 -18.79
N ASN B 67 7.68 -7.92 -19.19
CA ASN B 67 7.50 -6.63 -18.52
C ASN B 67 6.97 -6.82 -17.09
N LYS B 68 6.00 -7.70 -16.90
CA LYS B 68 5.38 -7.82 -15.58
C LYS B 68 6.23 -8.62 -14.61
N TYR B 69 6.96 -9.62 -15.07
CA TYR B 69 7.51 -10.63 -14.18
C TYR B 69 9.01 -10.81 -14.23
N LEU B 70 9.67 -10.51 -15.36
CA LEU B 70 11.07 -10.88 -15.50
C LEU B 70 12.03 -9.69 -15.50
N LYS B 71 11.58 -8.49 -15.84
CA LYS B 71 12.49 -7.38 -16.03
C LYS B 71 12.78 -6.65 -14.72
N GLY B 72 13.93 -5.98 -14.68
CA GLY B 72 14.31 -5.19 -13.52
C GLY B 72 14.90 -6.00 -12.39
N LYS B 73 14.85 -5.40 -11.19
CA LYS B 73 15.34 -6.07 -9.99
C LYS B 73 14.22 -6.95 -9.46
N VAL B 74 14.25 -8.23 -9.86
CA VAL B 74 13.25 -9.19 -9.45
C VAL B 74 13.72 -10.09 -8.32
N VAL B 75 14.99 -10.03 -7.95
CA VAL B 75 15.53 -10.75 -6.80
C VAL B 75 15.89 -9.73 -5.73
N THR B 76 15.41 -9.96 -4.51
CA THR B 76 15.72 -9.11 -3.38
C THR B 76 16.06 -10.00 -2.20
N LYS B 77 16.66 -9.38 -1.17
CA LYS B 77 16.93 -10.11 0.05
C LYS B 77 15.65 -10.62 0.70
N GLU B 78 14.58 -9.83 0.63
CA GLU B 78 13.31 -10.27 1.20
C GLU B 78 12.75 -11.47 0.46
N LYS B 79 12.85 -11.46 -0.87
CA LYS B 79 12.28 -12.57 -1.66
C LYS B 79 13.11 -13.84 -1.47
N ILE B 80 14.44 -13.72 -1.34
CA ILE B 80 15.27 -14.90 -1.12
C ILE B 80 14.94 -15.53 0.24
N GLN B 81 14.70 -14.71 1.25
CA GLN B 81 14.34 -15.23 2.56
C GLN B 81 12.97 -15.90 2.54
N GLU B 82 12.00 -15.28 1.86
CA GLU B 82 10.67 -15.88 1.76
C GLU B 82 10.72 -17.25 1.10
N ALA B 83 11.45 -17.35 -0.02
CA ALA B 83 11.55 -18.63 -0.72
C ALA B 83 12.27 -19.67 0.13
N LYS B 84 13.36 -19.26 0.79
CA LYS B 84 14.14 -20.21 1.60
C LYS B 84 13.27 -20.84 2.68
N ASP B 85 12.46 -20.04 3.38
CA ASP B 85 11.66 -20.58 4.47
C ASP B 85 10.50 -21.42 3.92
N VAL B 86 9.93 -21.00 2.78
CA VAL B 86 8.86 -21.80 2.18
C VAL B 86 9.37 -23.19 1.79
N TYR B 87 10.45 -23.24 1.01
CA TYR B 87 10.94 -24.52 0.51
C TYR B 87 11.49 -25.40 1.63
N LYS B 88 11.98 -24.77 2.70
CA LYS B 88 12.48 -25.53 3.85
C LYS B 88 11.41 -26.46 4.41
N GLU B 89 10.18 -25.99 4.50
CA GLU B 89 9.07 -26.83 4.97
C GLU B 89 8.41 -27.60 3.85
N HIS B 90 8.44 -27.06 2.62
CA HIS B 90 7.79 -27.73 1.49
C HIS B 90 8.50 -29.03 1.15
N PHE B 91 9.84 -29.02 1.13
CA PHE B 91 10.62 -30.21 0.90
C PHE B 91 11.00 -30.94 2.18
N GLN B 92 10.72 -30.35 3.34
CA GLN B 92 11.14 -30.90 4.64
C GLN B 92 12.64 -31.18 4.62
N ASP B 93 13.38 -30.29 3.96
CA ASP B 93 14.80 -30.48 3.70
C ASP B 93 15.34 -29.19 3.11
N ASP B 94 16.66 -29.02 3.20
CA ASP B 94 17.34 -27.85 2.64
C ASP B 94 17.89 -28.25 1.28
N VAL B 95 17.23 -27.77 0.21
CA VAL B 95 17.67 -28.07 -1.15
C VAL B 95 17.68 -26.78 -1.95
N PHE B 96 17.06 -25.73 -1.41
CA PHE B 96 16.99 -24.44 -2.09
C PHE B 96 18.38 -23.90 -2.38
N ASN B 97 18.58 -23.41 -3.61
CA ASN B 97 19.88 -22.88 -4.05
C ASN B 97 20.03 -21.43 -3.59
N GLU B 98 20.25 -21.29 -2.28
CA GLU B 98 20.35 -19.96 -1.68
C GLU B 98 21.57 -19.20 -2.22
N LYS B 99 22.71 -19.88 -2.33
CA LYS B 99 23.92 -19.20 -2.80
C LYS B 99 23.78 -18.77 -4.26
N GLY B 100 23.12 -19.61 -5.08
CA GLY B 100 22.94 -19.25 -6.48
C GLY B 100 22.08 -18.01 -6.66
N TRP B 101 21.02 -17.89 -5.85
CA TRP B 101 20.19 -16.69 -5.94
C TRP B 101 20.88 -15.48 -5.33
N ASN B 102 21.66 -15.69 -4.26
CA ASN B 102 22.42 -14.59 -3.68
C ASN B 102 23.40 -14.00 -4.69
N TYR B 103 24.03 -14.86 -5.50
CA TYR B 103 24.97 -14.37 -6.51
C TYR B 103 24.32 -13.39 -7.46
N ILE B 104 23.10 -13.69 -7.90
CA ILE B 104 22.39 -12.82 -8.83
C ILE B 104 22.09 -11.47 -8.18
N LEU B 105 21.68 -11.49 -6.91
CA LEU B 105 21.42 -10.24 -6.19
C LEU B 105 22.70 -9.42 -6.03
N GLU B 106 23.81 -10.09 -5.69
CA GLU B 106 25.06 -9.37 -5.42
C GLU B 106 25.72 -8.90 -6.71
N LYS B 107 25.83 -9.80 -7.70
CA LYS B 107 26.59 -9.49 -8.91
C LYS B 107 25.79 -8.64 -9.89
N TYR B 108 24.49 -8.89 -10.02
CA TYR B 108 23.68 -8.21 -11.03
C TYR B 108 22.57 -7.35 -10.44
N ASP B 109 22.62 -7.06 -9.13
CA ASP B 109 21.62 -6.23 -8.47
C ASP B 109 20.21 -6.76 -8.72
N GLY B 110 20.06 -8.08 -8.62
CA GLY B 110 18.75 -8.69 -8.74
C GLY B 110 18.21 -8.77 -10.15
N HIS B 111 19.05 -8.56 -11.17
CA HIS B 111 18.65 -8.65 -12.56
C HIS B 111 19.01 -10.04 -13.11
N LEU B 112 18.05 -10.67 -13.78
CA LEU B 112 18.26 -12.03 -14.27
C LEU B 112 19.27 -12.04 -15.41
N PRO B 113 20.39 -12.75 -15.29
CA PRO B 113 21.35 -12.89 -16.40
C PRO B 113 20.85 -13.92 -17.42
N ILE B 114 19.89 -13.47 -18.23
CA ILE B 114 19.19 -14.31 -19.18
C ILE B 114 19.10 -13.55 -20.49
N GLU B 115 19.19 -14.28 -21.61
CA GLU B 115 18.93 -13.72 -22.92
C GLU B 115 17.82 -14.51 -23.60
N ILE B 116 16.83 -13.80 -24.11
CA ILE B 116 15.68 -14.39 -24.76
C ILE B 116 15.57 -13.78 -26.15
N LYS B 117 15.59 -14.64 -27.17
CA LYS B 117 15.37 -14.23 -28.55
C LYS B 117 14.03 -14.79 -29.00
N ALA B 118 13.24 -13.98 -29.69
CA ALA B 118 11.87 -14.35 -30.03
C ALA B 118 11.52 -13.82 -31.41
N VAL B 119 10.52 -14.46 -32.02
CA VAL B 119 9.94 -13.94 -33.25
C VAL B 119 9.12 -12.70 -32.88
N PRO B 120 9.01 -11.71 -33.76
CA PRO B 120 8.18 -10.54 -33.44
C PRO B 120 6.74 -10.94 -33.16
N GLU B 121 6.18 -10.36 -32.09
CA GLU B 121 4.83 -10.72 -31.69
C GLU B 121 3.83 -10.29 -32.77
N GLY B 122 2.80 -11.11 -32.95
CA GLY B 122 1.89 -10.96 -34.05
C GLY B 122 2.26 -11.75 -35.29
N PHE B 123 3.50 -12.25 -35.37
CA PHE B 123 3.89 -13.06 -36.51
C PHE B 123 3.06 -14.34 -36.54
N VAL B 124 2.62 -14.70 -37.73
CA VAL B 124 1.84 -15.92 -37.94
C VAL B 124 2.81 -16.97 -38.47
N ILE B 125 3.12 -17.96 -37.63
CA ILE B 125 4.16 -18.95 -37.92
C ILE B 125 3.53 -20.35 -37.96
N PRO B 126 3.88 -21.18 -38.94
CA PRO B 126 3.36 -22.55 -38.95
C PRO B 126 3.86 -23.37 -37.77
N ARG B 127 3.11 -24.41 -37.44
CA ARG B 127 3.46 -25.32 -36.35
C ARG B 127 4.86 -25.91 -36.57
N GLY B 128 5.48 -26.30 -35.47
CA GLY B 128 6.77 -26.96 -35.54
C GLY B 128 7.96 -26.05 -35.73
N ASN B 129 7.85 -24.77 -35.40
CA ASN B 129 8.93 -23.81 -35.56
C ASN B 129 9.34 -23.24 -34.21
N VAL B 130 10.62 -22.88 -34.09
CA VAL B 130 11.08 -22.21 -32.88
C VAL B 130 10.44 -20.82 -32.82
N LEU B 131 9.84 -20.50 -31.69
CA LEU B 131 9.21 -19.20 -31.47
C LEU B 131 10.03 -18.31 -30.55
N PHE B 132 10.64 -18.86 -29.51
CA PHE B 132 11.65 -18.12 -28.76
C PHE B 132 12.63 -19.08 -28.12
N THR B 133 13.81 -18.55 -27.81
CA THR B 133 14.88 -19.30 -27.17
C THR B 133 15.30 -18.58 -25.90
N VAL B 134 15.77 -19.35 -24.92
CA VAL B 134 16.20 -18.81 -23.63
C VAL B 134 17.55 -19.42 -23.29
N GLU B 135 18.48 -18.57 -22.84
CA GLU B 135 19.78 -19.04 -22.38
C GLU B 135 20.30 -18.11 -21.31
N ASN B 136 21.10 -18.65 -20.40
CA ASN B 136 21.77 -17.84 -19.39
C ASN B 136 23.00 -17.15 -19.98
N THR B 137 23.27 -15.94 -19.52
CA THR B 137 24.44 -15.18 -19.97
C THR B 137 25.62 -15.32 -19.03
N ASP B 138 25.44 -15.94 -17.86
CA ASP B 138 26.49 -16.11 -16.88
C ASP B 138 26.63 -17.60 -16.57
N PRO B 139 27.80 -18.20 -16.75
CA PRO B 139 27.94 -19.65 -16.51
C PRO B 139 27.53 -20.09 -15.12
N GLU B 140 27.66 -19.23 -14.11
CA GLU B 140 27.18 -19.58 -12.77
C GLU B 140 25.67 -19.80 -12.74
N CYS B 141 24.93 -19.24 -13.70
CA CYS B 141 23.48 -19.28 -13.71
C CYS B 141 22.92 -20.24 -14.74
N TYR B 142 23.64 -21.34 -15.01
CA TYR B 142 23.18 -22.37 -15.94
C TYR B 142 21.79 -22.89 -15.56
N TRP B 143 21.50 -22.93 -14.26
CA TRP B 143 20.25 -23.48 -13.76
C TRP B 143 19.07 -22.54 -13.95
N LEU B 144 19.32 -21.27 -14.26
CA LEU B 144 18.27 -20.27 -14.35
C LEU B 144 17.45 -20.39 -15.62
N THR B 145 18.01 -20.99 -16.67
CA THR B 145 17.30 -21.09 -17.94
C THR B 145 15.98 -21.85 -17.77
N ASN B 146 16.03 -23.04 -17.18
CA ASN B 146 14.83 -23.83 -17.03
C ASN B 146 14.09 -23.56 -15.72
N TRP B 147 14.67 -22.75 -14.82
CA TRP B 147 13.90 -22.28 -13.66
C TRP B 147 12.69 -21.48 -14.12
N ILE B 148 12.88 -20.63 -15.13
CA ILE B 148 11.82 -19.75 -15.63
C ILE B 148 11.04 -20.41 -16.75
N GLU B 149 11.20 -21.72 -16.93
CA GLU B 149 10.40 -22.42 -17.93
C GLU B 149 8.92 -22.30 -17.61
N THR B 150 8.55 -22.58 -16.36
CA THR B 150 7.16 -22.61 -15.95
C THR B 150 6.44 -21.30 -16.29
N ILE B 151 7.05 -20.17 -15.93
CA ILE B 151 6.40 -18.89 -16.17
C ILE B 151 6.38 -18.56 -17.66
N LEU B 152 7.39 -19.02 -18.42
CA LEU B 152 7.42 -18.75 -19.85
C LEU B 152 6.49 -19.67 -20.63
N VAL B 153 6.29 -20.91 -20.17
CA VAL B 153 5.37 -21.82 -20.86
C VAL B 153 3.94 -21.30 -20.83
N GLN B 154 3.59 -20.54 -19.79
CA GLN B 154 2.25 -19.96 -19.69
C GLN B 154 1.92 -19.05 -20.87
N SER B 155 2.91 -18.68 -21.69
CA SER B 155 2.61 -17.98 -22.93
C SER B 155 1.81 -18.85 -23.90
N TRP B 156 1.65 -20.15 -23.61
CA TRP B 156 0.75 -20.98 -24.42
C TRP B 156 -0.63 -20.37 -24.48
N TYR B 157 -1.09 -19.78 -23.37
CA TYR B 157 -2.48 -19.33 -23.31
C TYR B 157 -2.74 -18.14 -24.23
N PRO B 158 -1.98 -17.03 -24.17
CA PRO B 158 -2.23 -15.95 -25.14
C PRO B 158 -1.93 -16.34 -26.57
N ILE B 159 -0.95 -17.22 -26.80
CA ILE B 159 -0.73 -17.74 -28.15
C ILE B 159 -1.96 -18.48 -28.65
N THR B 160 -2.54 -19.31 -27.79
CA THR B 160 -3.67 -20.13 -28.21
C THR B 160 -4.93 -19.30 -28.38
N VAL B 161 -5.20 -18.36 -27.47
CA VAL B 161 -6.35 -17.48 -27.62
C VAL B 161 -6.23 -16.69 -28.92
N ALA B 162 -5.06 -16.11 -29.17
CA ALA B 162 -4.86 -15.32 -30.39
C ALA B 162 -4.97 -16.19 -31.64
N THR B 163 -4.42 -17.41 -31.59
CA THR B 163 -4.52 -18.32 -32.73
C THR B 163 -5.96 -18.73 -32.97
N ASN B 164 -6.65 -19.17 -31.91
CA ASN B 164 -8.03 -19.61 -32.05
C ASN B 164 -8.94 -18.47 -32.48
N SER B 165 -8.72 -17.27 -31.93
CA SER B 165 -9.47 -16.09 -32.36
C SER B 165 -9.24 -15.81 -33.85
N ARG B 166 -7.98 -15.92 -34.31
CA ARG B 166 -7.68 -15.62 -35.70
C ARG B 166 -8.30 -16.65 -36.65
N GLU B 167 -8.30 -17.93 -36.25
CA GLU B 167 -8.95 -18.94 -37.08
C GLU B 167 -10.44 -18.64 -37.24
N GLN B 168 -11.08 -18.11 -36.19
CA GLN B 168 -12.48 -17.73 -36.30
C GLN B 168 -12.66 -16.52 -37.20
N LYS B 169 -11.69 -15.61 -37.20
CA LYS B 169 -11.71 -14.48 -38.12
C LYS B 169 -11.66 -14.95 -39.57
N LYS B 170 -10.85 -15.98 -39.85
CA LYS B 170 -10.83 -16.57 -41.18
C LYS B 170 -12.21 -17.08 -41.58
N ILE B 171 -12.89 -17.75 -40.65
CA ILE B 171 -14.23 -18.28 -40.93
C ILE B 171 -15.20 -17.15 -41.24
N LEU B 172 -15.21 -16.12 -40.38
CA LEU B 172 -16.11 -15.00 -40.59
C LEU B 172 -15.76 -14.24 -41.86
N ALA B 173 -14.46 -14.07 -42.14
CA ALA B 173 -14.06 -13.34 -43.34
C ALA B 173 -14.51 -14.06 -44.60
N LYS B 174 -14.32 -15.38 -44.64
CA LYS B 174 -14.70 -16.17 -45.81
C LYS B 174 -16.20 -16.07 -46.08
N TYR B 175 -17.02 -16.32 -45.05
CA TYR B 175 -18.46 -16.33 -45.27
C TYR B 175 -19.06 -14.94 -45.40
N LEU B 176 -18.46 -13.93 -44.77
CA LEU B 176 -18.96 -12.56 -44.96
C LEU B 176 -18.69 -12.07 -46.38
N LEU B 177 -17.59 -12.50 -46.98
CA LEU B 177 -17.29 -12.10 -48.36
C LEU B 177 -18.24 -12.79 -49.33
N GLU B 178 -18.42 -14.10 -49.18
CA GLU B 178 -19.25 -14.87 -50.11
C GLU B 178 -20.71 -14.43 -50.07
N THR B 179 -21.15 -13.89 -48.93
CA THR B 179 -22.55 -13.48 -48.77
C THR B 179 -22.74 -11.98 -48.90
N SER B 180 -21.66 -11.21 -49.05
CA SER B 180 -21.79 -9.75 -49.15
C SER B 180 -20.83 -9.09 -50.13
N GLY B 181 -19.62 -9.61 -50.33
CA GLY B 181 -18.68 -9.01 -51.24
C GLY B 181 -17.71 -8.03 -50.63
N ASN B 182 -17.72 -7.87 -49.31
CA ASN B 182 -16.79 -6.99 -48.63
C ASN B 182 -16.58 -7.48 -47.21
N LEU B 183 -15.65 -6.84 -46.50
CA LEU B 183 -15.32 -7.20 -45.13
C LEU B 183 -15.59 -6.06 -44.14
N ASP B 184 -16.49 -5.15 -44.49
CA ASP B 184 -16.78 -4.02 -43.62
C ASP B 184 -17.38 -4.51 -42.31
N GLY B 185 -16.75 -4.15 -41.20
CA GLY B 185 -17.19 -4.58 -39.90
C GLY B 185 -16.66 -5.92 -39.44
N LEU B 186 -15.74 -6.53 -40.20
CA LEU B 186 -15.21 -7.84 -39.82
C LEU B 186 -14.60 -7.82 -38.43
N GLU B 187 -13.89 -6.75 -38.09
CA GLU B 187 -13.24 -6.66 -36.78
C GLU B 187 -14.23 -6.57 -35.62
N TYR B 188 -15.53 -6.42 -35.90
CA TYR B 188 -16.54 -6.38 -34.86
C TYR B 188 -17.48 -7.58 -34.91
N LYS B 189 -17.16 -8.61 -35.69
CA LYS B 189 -18.06 -9.75 -35.85
C LYS B 189 -17.94 -10.78 -34.73
N LEU B 190 -16.86 -10.75 -33.95
CA LEU B 190 -16.66 -11.69 -32.85
C LEU B 190 -16.31 -10.89 -31.60
N HIS B 191 -17.23 -10.87 -30.64
CA HIS B 191 -17.13 -10.02 -29.46
C HIS B 191 -16.81 -10.85 -28.24
N ASP B 192 -15.82 -10.40 -27.46
CA ASP B 192 -15.36 -11.11 -26.27
C ASP B 192 -16.34 -10.90 -25.12
N PHE B 193 -17.01 -11.98 -24.71
CA PHE B 193 -17.87 -12.00 -23.52
C PHE B 193 -17.29 -12.86 -22.41
N GLY B 194 -15.98 -13.05 -22.37
CA GLY B 194 -15.39 -14.09 -21.56
C GLY B 194 -14.99 -13.76 -20.14
N TYR B 195 -15.29 -12.55 -19.66
CA TYR B 195 -14.76 -12.09 -18.38
C TYR B 195 -15.17 -13.01 -17.23
N ARG B 196 -16.46 -13.37 -17.16
CA ARG B 196 -16.93 -14.16 -16.02
C ARG B 196 -16.53 -15.63 -16.12
N GLY B 197 -16.30 -16.15 -17.33
CA GLY B 197 -16.07 -17.56 -17.55
C GLY B 197 -14.64 -18.04 -17.45
N VAL B 198 -13.68 -17.14 -17.22
CA VAL B 198 -12.29 -17.54 -17.05
C VAL B 198 -12.01 -17.79 -15.58
N SER B 199 -10.79 -18.26 -15.29
CA SER B 199 -10.46 -18.72 -13.95
C SER B 199 -9.90 -17.64 -13.04
N SER B 200 -9.54 -16.46 -13.56
CA SER B 200 -8.99 -15.42 -12.70
C SER B 200 -9.03 -14.07 -13.39
N GLN B 201 -8.86 -13.01 -12.59
CA GLN B 201 -8.74 -11.66 -13.14
C GLN B 201 -7.57 -11.55 -14.10
N GLU B 202 -6.42 -12.11 -13.73
CA GLU B 202 -5.26 -12.01 -14.62
C GLU B 202 -5.49 -12.76 -15.92
N THR B 203 -6.01 -14.00 -15.82
CA THR B 203 -6.35 -14.73 -17.04
C THR B 203 -7.28 -13.91 -17.92
N ALA B 204 -8.26 -13.23 -17.31
CA ALA B 204 -9.21 -12.43 -18.08
C ALA B 204 -8.49 -11.36 -18.90
N GLY B 205 -7.57 -10.63 -18.28
CA GLY B 205 -6.85 -9.59 -19.01
C GLY B 205 -5.97 -10.12 -20.12
N ILE B 206 -5.25 -11.22 -19.84
CA ILE B 206 -4.39 -11.85 -20.84
C ILE B 206 -5.20 -12.30 -22.05
N GLY B 207 -6.27 -13.07 -21.80
CA GLY B 207 -7.02 -13.64 -22.90
C GLY B 207 -7.80 -12.61 -23.68
N ALA B 208 -8.33 -11.59 -23.00
CA ALA B 208 -9.00 -10.51 -23.71
C ALA B 208 -8.04 -9.78 -24.63
N SER B 209 -6.80 -9.57 -24.18
CA SER B 209 -5.82 -8.89 -25.02
C SER B 209 -5.43 -9.74 -26.23
N ALA B 210 -5.39 -11.06 -26.07
CA ALA B 210 -5.08 -11.93 -27.20
C ALA B 210 -6.21 -11.93 -28.23
N HIS B 211 -7.46 -11.90 -27.77
CA HIS B 211 -8.58 -11.72 -28.68
C HIS B 211 -8.43 -10.42 -29.47
N LEU B 212 -8.06 -9.35 -28.79
CA LEU B 212 -7.97 -8.02 -29.40
C LEU B 212 -6.86 -7.91 -30.43
N VAL B 213 -5.98 -8.92 -30.54
CA VAL B 213 -5.03 -8.96 -31.64
C VAL B 213 -5.76 -8.99 -32.98
N ASN B 214 -6.94 -9.63 -33.02
CA ASN B 214 -7.67 -9.83 -34.27
C ASN B 214 -8.96 -9.01 -34.36
N PHE B 215 -9.57 -8.66 -33.23
CA PHE B 215 -10.84 -7.96 -33.23
C PHE B 215 -10.75 -6.74 -32.33
N LYS B 216 -11.77 -5.89 -32.39
CA LYS B 216 -11.81 -4.67 -31.60
C LYS B 216 -12.99 -4.61 -30.64
N GLY B 217 -13.87 -5.62 -30.66
CA GLY B 217 -15.01 -5.65 -29.77
C GLY B 217 -14.76 -6.54 -28.58
N THR B 218 -14.91 -5.98 -27.39
CA THR B 218 -14.67 -6.71 -26.16
C THR B 218 -15.48 -6.12 -25.03
N ASP B 219 -15.96 -6.98 -24.13
CA ASP B 219 -16.56 -6.57 -22.88
C ASP B 219 -15.69 -6.90 -21.68
N THR B 220 -14.54 -7.52 -21.90
CA THR B 220 -13.61 -7.84 -20.81
C THR B 220 -12.68 -6.64 -20.67
N VAL B 221 -13.09 -5.69 -19.81
CA VAL B 221 -12.35 -4.44 -19.63
C VAL B 221 -10.91 -4.72 -19.21
N ALA B 222 -10.69 -5.81 -18.48
CA ALA B 222 -9.34 -6.15 -18.04
C ALA B 222 -8.34 -6.22 -19.19
N GLY B 223 -8.81 -6.52 -20.40
CA GLY B 223 -7.92 -6.55 -21.55
C GLY B 223 -7.45 -5.16 -21.95
N LEU B 224 -8.31 -4.16 -21.82
CA LEU B 224 -7.92 -2.79 -22.11
C LEU B 224 -6.76 -2.35 -21.23
N ALA B 225 -6.88 -2.60 -19.91
CA ALA B 225 -5.85 -2.18 -18.97
C ALA B 225 -4.55 -2.95 -19.16
N LEU B 226 -4.62 -4.23 -19.57
CA LEU B 226 -3.39 -4.99 -19.75
C LEU B 226 -2.63 -4.49 -20.97
N ILE B 227 -3.33 -4.24 -22.08
CA ILE B 227 -2.68 -3.72 -23.27
C ILE B 227 -2.04 -2.37 -22.99
N LYS B 228 -2.79 -1.47 -22.35
CA LYS B 228 -2.29 -0.12 -22.08
C LYS B 228 -1.03 -0.15 -21.24
N LYS B 229 -0.89 -1.12 -20.33
CA LYS B 229 0.24 -1.11 -19.41
C LYS B 229 1.46 -1.85 -19.97
N TYR B 230 1.26 -2.93 -20.70
CA TYR B 230 2.38 -3.78 -21.10
C TYR B 230 2.66 -3.77 -22.60
N TYR B 231 1.79 -3.19 -23.43
CA TYR B 231 2.07 -3.08 -24.85
C TYR B 231 1.90 -1.65 -25.36
N GLY B 232 0.78 -1.02 -25.02
CA GLY B 232 0.50 0.32 -25.48
C GLY B 232 -0.03 0.35 -26.91
N THR B 233 -0.74 1.43 -27.20
CA THR B 233 -1.30 1.63 -28.53
C THR B 233 -1.37 3.12 -28.83
N LYS B 234 -1.30 3.47 -30.11
CA LYS B 234 -1.49 4.86 -30.50
C LYS B 234 -2.95 5.26 -30.40
N ASP B 235 -3.86 4.31 -30.57
CA ASP B 235 -5.29 4.59 -30.48
C ASP B 235 -5.67 4.88 -29.03
N PRO B 236 -6.73 5.66 -28.82
CA PRO B 236 -7.15 5.95 -27.43
C PRO B 236 -7.41 4.70 -26.60
N VAL B 237 -8.17 3.74 -27.12
CA VAL B 237 -8.35 2.46 -26.44
C VAL B 237 -8.18 1.32 -27.44
N PRO B 238 -7.69 0.15 -27.00
CA PRO B 238 -7.57 -0.99 -27.92
C PRO B 238 -8.86 -1.77 -28.13
N GLY B 239 -9.92 -1.48 -27.39
CA GLY B 239 -11.17 -2.21 -27.57
C GLY B 239 -12.37 -1.32 -27.34
N TYR B 240 -13.49 -1.71 -27.94
CA TYR B 240 -14.71 -0.92 -27.89
C TYR B 240 -15.90 -1.80 -27.53
N SER B 241 -16.96 -1.15 -27.03
CA SER B 241 -18.18 -1.87 -26.70
C SER B 241 -19.35 -0.90 -26.79
N VAL B 242 -20.55 -1.46 -26.65
CA VAL B 242 -21.79 -0.69 -26.78
C VAL B 242 -22.66 -1.00 -25.58
N PRO B 243 -23.61 -0.11 -25.25
CA PRO B 243 -24.56 -0.41 -24.19
C PRO B 243 -25.36 -1.66 -24.51
N ALA B 244 -25.58 -2.49 -23.50
CA ALA B 244 -26.27 -3.75 -23.71
C ALA B 244 -26.99 -4.16 -22.43
N ALA B 245 -28.16 -4.76 -22.60
CA ALA B 245 -28.92 -5.25 -21.47
C ALA B 245 -28.50 -6.67 -21.13
N GLU B 246 -28.68 -7.03 -19.86
CA GLU B 246 -28.60 -8.40 -19.41
C GLU B 246 -29.98 -8.81 -18.91
N HIS B 247 -30.11 -10.08 -18.49
CA HIS B 247 -31.41 -10.55 -18.04
C HIS B 247 -31.88 -9.80 -16.80
N SER B 248 -30.95 -9.41 -15.93
CA SER B 248 -31.35 -8.79 -14.67
C SER B 248 -32.04 -7.44 -14.89
N THR B 249 -31.59 -6.68 -15.88
CA THR B 249 -32.17 -5.35 -16.11
C THR B 249 -33.51 -5.43 -16.83
N ILE B 250 -33.81 -6.55 -17.49
CA ILE B 250 -35.12 -6.74 -18.11
C ILE B 250 -36.13 -7.32 -17.12
N THR B 251 -35.75 -8.41 -16.45
CA THR B 251 -36.67 -9.08 -15.53
C THR B 251 -36.97 -8.23 -14.31
N ALA B 252 -36.16 -7.21 -14.02
CA ALA B 252 -36.42 -6.33 -12.88
C ALA B 252 -37.68 -5.51 -13.07
N TRP B 253 -38.12 -5.30 -14.32
CA TRP B 253 -39.37 -4.58 -14.59
C TRP B 253 -40.60 -5.45 -14.35
N GLY B 254 -40.43 -6.72 -14.05
CA GLY B 254 -41.56 -7.62 -13.91
C GLY B 254 -41.86 -8.36 -15.20
N LYS B 255 -42.43 -9.56 -15.06
CA LYS B 255 -42.71 -10.39 -16.22
C LYS B 255 -43.67 -9.70 -17.17
N ASP B 256 -44.64 -8.96 -16.63
CA ASP B 256 -45.66 -8.31 -17.45
C ASP B 256 -45.18 -7.04 -18.12
N HIS B 257 -44.03 -6.50 -17.74
CA HIS B 257 -43.55 -5.21 -18.26
C HIS B 257 -42.28 -5.38 -19.09
N GLU B 258 -42.15 -6.50 -19.80
CA GLU B 258 -41.01 -6.67 -20.70
C GLU B 258 -41.02 -5.62 -21.79
N LYS B 259 -42.20 -5.26 -22.29
CA LYS B 259 -42.31 -4.21 -23.29
C LYS B 259 -41.77 -2.89 -22.76
N ASP B 260 -42.05 -2.58 -21.49
CA ASP B 260 -41.57 -1.32 -20.91
C ASP B 260 -40.06 -1.33 -20.78
N ALA B 261 -39.47 -2.48 -20.42
CA ALA B 261 -38.03 -2.57 -20.32
C ALA B 261 -37.35 -2.31 -21.66
N PHE B 262 -37.88 -2.90 -22.72
CA PHE B 262 -37.31 -2.70 -24.05
C PHE B 262 -37.39 -1.23 -24.46
N GLU B 263 -38.54 -0.60 -24.25
CA GLU B 263 -38.73 0.77 -24.69
C GLU B 263 -37.84 1.74 -23.91
N HIS B 264 -37.68 1.51 -22.61
CA HIS B 264 -36.84 2.40 -21.81
C HIS B 264 -35.37 2.31 -22.23
N ILE B 265 -34.91 1.13 -22.63
CA ILE B 265 -33.49 0.95 -22.92
C ILE B 265 -33.14 1.49 -24.31
N VAL B 266 -33.98 1.23 -25.30
CA VAL B 266 -33.72 1.77 -26.63
C VAL B 266 -33.82 3.28 -26.63
N THR B 267 -34.62 3.85 -25.72
CA THR B 267 -34.72 5.30 -25.61
C THR B 267 -33.49 5.88 -24.94
N GLN B 268 -32.99 5.21 -23.88
CA GLN B 268 -31.80 5.69 -23.20
C GLN B 268 -30.58 5.69 -24.12
N PHE B 269 -30.55 4.81 -25.13
CA PHE B 269 -29.41 4.67 -26.03
C PHE B 269 -29.92 4.70 -27.47
N SER B 270 -30.25 5.89 -27.94
CA SER B 270 -30.71 6.09 -29.31
C SER B 270 -29.65 6.71 -30.21
N SER B 271 -28.51 7.12 -29.66
CA SER B 271 -27.42 7.70 -30.42
C SER B 271 -26.23 6.76 -30.54
N VAL B 272 -26.36 5.51 -30.11
CA VAL B 272 -25.26 4.55 -30.07
C VAL B 272 -25.89 3.17 -30.21
N PRO B 273 -25.20 2.18 -30.77
CA PRO B 273 -25.80 0.84 -30.86
C PRO B 273 -26.09 0.28 -29.47
N VAL B 274 -27.23 -0.39 -29.35
CA VAL B 274 -27.63 -1.01 -28.10
C VAL B 274 -28.05 -2.45 -28.38
N SER B 275 -27.67 -3.35 -27.48
CA SER B 275 -28.06 -4.76 -27.54
C SER B 275 -29.05 -5.05 -26.43
N VAL B 276 -30.14 -5.72 -26.77
CA VAL B 276 -31.19 -6.03 -25.81
C VAL B 276 -31.45 -7.54 -25.88
N VAL B 277 -31.13 -8.24 -24.79
CA VAL B 277 -31.42 -9.67 -24.71
C VAL B 277 -32.93 -9.88 -24.71
N SER B 278 -33.39 -10.87 -25.49
CA SER B 278 -34.81 -11.00 -25.78
C SER B 278 -35.37 -12.38 -25.45
N ASP B 279 -34.62 -13.25 -24.77
CA ASP B 279 -35.07 -14.60 -24.47
C ASP B 279 -35.43 -14.79 -23.00
N SER B 280 -35.68 -13.69 -22.27
CA SER B 280 -35.96 -13.80 -20.85
C SER B 280 -37.17 -14.69 -20.58
N TYR B 281 -38.20 -14.57 -21.39
CA TYR B 281 -39.41 -15.39 -21.25
C TYR B 281 -39.71 -16.17 -22.52
N ASP B 282 -39.82 -15.50 -23.66
CA ASP B 282 -40.13 -16.16 -24.92
C ASP B 282 -39.46 -15.38 -26.04
N ILE B 283 -38.38 -15.92 -26.59
CA ILE B 283 -37.59 -15.22 -27.60
C ILE B 283 -38.40 -15.00 -28.87
N TYR B 284 -39.20 -16.00 -29.25
CA TYR B 284 -39.98 -15.87 -30.48
C TYR B 284 -41.16 -14.91 -30.30
N ASN B 285 -41.72 -14.83 -29.09
CA ASN B 285 -42.73 -13.81 -28.81
C ASN B 285 -42.11 -12.42 -28.76
N ALA B 286 -40.86 -12.32 -28.31
CA ALA B 286 -40.21 -11.02 -28.23
C ALA B 286 -39.96 -10.43 -29.62
N CYS B 287 -39.50 -11.25 -30.55
CA CYS B 287 -39.19 -10.76 -31.90
C CYS B 287 -40.46 -10.51 -32.71
N GLU B 288 -41.51 -11.31 -32.50
CA GLU B 288 -42.72 -11.19 -33.30
C GLU B 288 -43.68 -10.14 -32.76
N LYS B 289 -43.98 -10.18 -31.45
CA LYS B 289 -44.95 -9.27 -30.89
C LYS B 289 -44.32 -7.98 -30.37
N ILE B 290 -43.30 -8.09 -29.53
CA ILE B 290 -42.77 -6.91 -28.84
C ILE B 290 -41.98 -6.04 -29.81
N TRP B 291 -40.90 -6.59 -30.39
CA TRP B 291 -40.15 -5.82 -31.38
C TRP B 291 -40.91 -5.71 -32.69
N GLY B 292 -41.74 -6.71 -33.03
CA GLY B 292 -42.36 -6.74 -34.34
C GLY B 292 -43.53 -5.81 -34.52
N GLU B 293 -44.30 -5.55 -33.47
CA GLU B 293 -45.49 -4.72 -33.60
C GLU B 293 -45.59 -3.65 -32.53
N ASP B 294 -45.48 -4.04 -31.26
CA ASP B 294 -45.68 -3.10 -30.17
C ASP B 294 -44.65 -1.97 -30.21
N LEU B 295 -43.37 -2.34 -30.38
CA LEU B 295 -42.28 -1.36 -30.44
C LEU B 295 -41.63 -1.33 -31.82
N ARG B 296 -42.44 -1.58 -32.86
CA ARG B 296 -41.90 -1.58 -34.22
C ARG B 296 -41.49 -0.19 -34.67
N HIS B 297 -42.11 0.86 -34.11
CA HIS B 297 -41.84 2.21 -34.58
C HIS B 297 -40.47 2.71 -34.15
N LEU B 298 -40.00 2.30 -32.96
CA LEU B 298 -38.70 2.76 -32.48
C LEU B 298 -37.54 1.99 -33.07
N ILE B 299 -37.79 0.85 -33.74
CA ILE B 299 -36.71 0.11 -34.38
C ILE B 299 -36.40 0.68 -35.74
N VAL B 300 -37.43 0.98 -36.54
CA VAL B 300 -37.26 1.40 -37.92
C VAL B 300 -36.82 2.85 -38.01
N SER B 301 -36.52 3.46 -36.86
CA SER B 301 -36.28 4.89 -36.78
C SER B 301 -34.87 5.27 -36.35
N ARG B 302 -34.02 4.32 -35.99
CA ARG B 302 -32.67 4.64 -35.56
C ARG B 302 -31.68 4.51 -36.71
N SER B 303 -30.50 5.09 -36.51
CA SER B 303 -29.52 5.24 -37.57
C SER B 303 -28.90 3.89 -37.93
N THR B 304 -28.18 3.88 -39.06
CA THR B 304 -27.38 2.72 -39.42
C THR B 304 -26.18 2.57 -38.49
N GLN B 305 -25.71 3.68 -37.92
CA GLN B 305 -24.59 3.66 -36.98
C GLN B 305 -25.02 3.34 -35.55
N ALA B 306 -26.31 3.34 -35.26
CA ALA B 306 -26.82 3.08 -33.92
C ALA B 306 -28.07 2.19 -34.00
N PRO B 307 -27.90 0.95 -34.45
CA PRO B 307 -29.06 0.08 -34.67
C PRO B 307 -29.43 -0.68 -33.40
N LEU B 308 -30.61 -1.29 -33.43
CA LEU B 308 -31.03 -2.22 -32.39
C LEU B 308 -30.41 -3.59 -32.67
N ILE B 309 -29.82 -4.20 -31.63
CA ILE B 309 -29.22 -5.52 -31.73
C ILE B 309 -30.03 -6.46 -30.84
N ILE B 310 -30.59 -7.51 -31.43
CA ILE B 310 -31.36 -8.51 -30.72
C ILE B 310 -30.45 -9.67 -30.36
N ARG B 311 -30.48 -10.07 -29.10
CA ARG B 311 -29.59 -11.12 -28.60
C ARG B 311 -30.38 -12.29 -28.02
N PRO B 312 -30.44 -13.43 -28.69
CA PRO B 312 -30.89 -14.66 -28.02
C PRO B 312 -29.77 -15.26 -27.19
N ASP B 313 -30.17 -15.99 -26.14
CA ASP B 313 -29.19 -16.55 -25.21
C ASP B 313 -29.56 -17.97 -24.77
N SER B 314 -30.40 -18.66 -25.53
CA SER B 314 -30.84 -20.00 -25.16
C SER B 314 -31.25 -20.77 -26.41
N GLY B 315 -31.49 -22.06 -26.23
CA GLY B 315 -31.85 -22.93 -27.33
C GLY B 315 -30.64 -23.30 -28.18
N ASN B 316 -30.90 -24.03 -29.25
CA ASN B 316 -29.84 -24.39 -30.18
C ASN B 316 -29.35 -23.14 -30.89
N PRO B 317 -28.05 -22.83 -30.83
CA PRO B 317 -27.57 -21.55 -31.40
C PRO B 317 -27.96 -21.32 -32.84
N LEU B 318 -27.79 -22.33 -33.71
CA LEU B 318 -28.08 -22.14 -35.13
C LEU B 318 -29.57 -22.12 -35.39
N ASP B 319 -30.33 -23.01 -34.73
CA ASP B 319 -31.77 -23.04 -34.95
C ASP B 319 -32.44 -21.75 -34.47
N THR B 320 -31.95 -21.20 -33.36
CA THR B 320 -32.59 -20.00 -32.80
C THR B 320 -32.33 -18.76 -33.66
N VAL B 321 -31.09 -18.59 -34.14
CA VAL B 321 -30.80 -17.41 -34.94
C VAL B 321 -31.56 -17.46 -36.26
N LEU B 322 -31.65 -18.65 -36.88
CA LEU B 322 -32.44 -18.79 -38.10
C LEU B 322 -33.91 -18.50 -37.84
N LYS B 323 -34.45 -19.01 -36.73
CA LYS B 323 -35.84 -18.74 -36.40
C LYS B 323 -36.07 -17.28 -36.02
N VAL B 324 -35.07 -16.63 -35.44
CA VAL B 324 -35.21 -15.20 -35.12
C VAL B 324 -35.14 -14.37 -36.40
N LEU B 325 -34.19 -14.67 -37.28
CA LEU B 325 -34.06 -13.94 -38.54
C LEU B 325 -35.35 -14.02 -39.36
N GLU B 326 -35.96 -15.20 -39.42
CA GLU B 326 -37.17 -15.34 -40.24
C GLU B 326 -38.34 -14.58 -39.64
N ILE B 327 -38.45 -14.54 -38.31
CA ILE B 327 -39.50 -13.74 -37.69
C ILE B 327 -39.29 -12.26 -37.98
N LEU B 328 -38.05 -11.80 -37.97
CA LEU B 328 -37.77 -10.42 -38.30
C LEU B 328 -38.04 -10.12 -39.77
N GLY B 329 -37.88 -11.12 -40.64
CA GLY B 329 -38.16 -10.94 -42.06
C GLY B 329 -39.63 -10.76 -42.37
N LYS B 330 -40.52 -11.10 -41.43
CA LYS B 330 -41.95 -10.93 -41.63
C LYS B 330 -42.47 -9.60 -41.12
N LYS B 331 -41.70 -8.90 -40.27
CA LYS B 331 -42.14 -7.64 -39.69
C LYS B 331 -41.30 -6.45 -40.13
N PHE B 332 -40.21 -6.65 -40.86
CA PHE B 332 -39.32 -5.57 -41.25
C PHE B 332 -38.87 -5.77 -42.69
N PRO B 333 -38.62 -4.67 -43.42
CA PRO B 333 -38.23 -4.80 -44.84
C PRO B 333 -36.86 -5.42 -45.03
N VAL B 334 -36.83 -6.64 -45.57
CA VAL B 334 -35.59 -7.36 -45.86
C VAL B 334 -35.35 -7.31 -47.37
N THR B 335 -34.16 -6.90 -47.76
CA THR B 335 -33.77 -6.82 -49.16
C THR B 335 -32.83 -7.96 -49.53
N GLU B 336 -32.51 -8.03 -50.83
CA GLU B 336 -31.61 -9.02 -51.38
C GLU B 336 -30.38 -8.30 -51.90
N ASN B 337 -29.22 -8.61 -51.35
CA ASN B 337 -27.99 -7.88 -51.67
C ASN B 337 -27.43 -8.34 -53.01
N SER B 338 -26.22 -7.90 -53.32
CA SER B 338 -25.64 -8.15 -54.64
C SER B 338 -25.27 -9.62 -54.83
N LYS B 339 -24.99 -10.35 -53.75
CA LYS B 339 -24.62 -11.75 -53.84
C LYS B 339 -25.83 -12.68 -53.86
N GLY B 340 -27.04 -12.15 -53.71
CA GLY B 340 -28.23 -12.98 -53.66
C GLY B 340 -28.57 -13.50 -52.28
N TYR B 341 -28.25 -12.74 -51.24
CA TYR B 341 -28.48 -13.17 -49.86
C TYR B 341 -29.34 -12.14 -49.13
N LYS B 342 -30.27 -12.65 -48.31
CA LYS B 342 -31.20 -11.78 -47.61
C LYS B 342 -30.46 -10.93 -46.59
N LEU B 343 -30.81 -9.64 -46.54
CA LEU B 343 -30.16 -8.68 -45.67
C LEU B 343 -31.21 -7.91 -44.89
N LEU B 344 -31.02 -7.85 -43.57
CA LEU B 344 -31.93 -7.10 -42.71
C LEU B 344 -31.80 -5.61 -42.99
N PRO B 345 -32.78 -4.81 -42.56
CA PRO B 345 -32.64 -3.36 -42.65
C PRO B 345 -31.44 -2.88 -41.85
N PRO B 346 -30.89 -1.71 -42.19
CA PRO B 346 -29.64 -1.27 -41.53
C PRO B 346 -29.82 -0.89 -40.06
N TYR B 347 -31.04 -0.71 -39.58
CA TYR B 347 -31.29 -0.33 -38.19
C TYR B 347 -31.53 -1.53 -37.29
N LEU B 348 -31.27 -2.75 -37.77
CA LEU B 348 -31.60 -3.96 -37.02
C LEU B 348 -30.50 -5.00 -37.23
N ARG B 349 -29.91 -5.47 -36.13
CA ARG B 349 -28.88 -6.49 -36.18
C ARG B 349 -29.18 -7.58 -35.15
N VAL B 350 -28.44 -8.68 -35.26
CA VAL B 350 -28.58 -9.82 -34.35
C VAL B 350 -27.18 -10.22 -33.87
N ILE B 351 -27.04 -10.45 -32.56
CA ILE B 351 -25.82 -11.01 -32.01
C ILE B 351 -26.17 -12.32 -31.30
N GLN B 352 -25.46 -13.38 -31.67
CA GLN B 352 -25.58 -14.67 -30.99
C GLN B 352 -24.39 -14.81 -30.04
N GLY B 353 -24.66 -14.71 -28.74
CA GLY B 353 -23.59 -14.73 -27.76
C GLY B 353 -23.66 -15.87 -26.77
N ASP B 354 -24.25 -16.99 -27.16
CA ASP B 354 -24.39 -18.15 -26.29
C ASP B 354 -23.92 -19.40 -27.02
N GLY B 355 -23.13 -20.23 -26.34
CA GLY B 355 -22.69 -21.49 -26.90
C GLY B 355 -21.84 -21.36 -28.14
N VAL B 356 -21.04 -20.30 -28.23
CA VAL B 356 -20.24 -20.03 -29.41
C VAL B 356 -18.80 -20.42 -29.15
N ASP B 357 -18.29 -21.34 -29.94
CA ASP B 357 -16.87 -21.65 -29.98
C ASP B 357 -16.49 -21.78 -31.45
N ILE B 358 -15.24 -22.16 -31.71
CA ILE B 358 -14.78 -22.24 -33.10
C ILE B 358 -15.60 -23.26 -33.89
N ASN B 359 -16.05 -24.34 -33.23
CA ASN B 359 -16.84 -25.35 -33.92
C ASN B 359 -18.24 -24.82 -34.27
N THR B 360 -18.97 -24.32 -33.27
CA THR B 360 -20.36 -23.89 -33.53
C THR B 360 -20.39 -22.67 -34.43
N LEU B 361 -19.41 -21.77 -34.31
CA LEU B 361 -19.37 -20.60 -35.18
C LEU B 361 -19.36 -21.01 -36.65
N GLN B 362 -18.48 -21.94 -37.01
CA GLN B 362 -18.47 -22.49 -38.37
C GLN B 362 -19.84 -23.05 -38.74
N GLU B 363 -20.45 -23.80 -37.82
CA GLU B 363 -21.76 -24.39 -38.08
C GLU B 363 -22.82 -23.31 -38.31
N ILE B 364 -22.75 -22.21 -37.56
CA ILE B 364 -23.78 -21.19 -37.65
C ILE B 364 -23.70 -20.44 -38.98
N VAL B 365 -22.50 -19.97 -39.36
CA VAL B 365 -22.38 -19.17 -40.57
C VAL B 365 -22.59 -20.01 -41.81
N GLU B 366 -22.15 -21.28 -41.78
CA GLU B 366 -22.43 -22.18 -42.90
C GLU B 366 -23.93 -22.45 -43.02
N GLY B 367 -24.62 -22.58 -41.89
CA GLY B 367 -26.05 -22.78 -41.93
C GLY B 367 -26.79 -21.56 -42.44
N MET B 368 -26.33 -20.37 -42.05
CA MET B 368 -26.96 -19.14 -42.53
C MET B 368 -26.80 -18.99 -44.04
N LYS B 369 -25.64 -19.36 -44.57
CA LYS B 369 -25.41 -19.27 -46.01
C LYS B 369 -26.34 -20.20 -46.77
N GLN B 370 -26.55 -21.42 -46.26
CA GLN B 370 -27.48 -22.35 -46.90
C GLN B 370 -28.90 -21.80 -46.89
N LYS B 371 -29.25 -21.00 -45.88
CA LYS B 371 -30.57 -20.39 -45.78
C LYS B 371 -30.66 -19.06 -46.52
N MET B 372 -29.66 -18.73 -47.35
CA MET B 372 -29.62 -17.49 -48.12
C MET B 372 -29.66 -16.26 -47.23
N TRP B 373 -29.13 -16.37 -46.01
CA TRP B 373 -29.01 -15.24 -45.10
C TRP B 373 -27.57 -14.74 -45.12
N SER B 374 -27.42 -13.41 -45.20
CA SER B 374 -26.10 -12.81 -45.28
C SER B 374 -25.47 -12.69 -43.90
N ILE B 375 -24.15 -12.92 -43.84
CA ILE B 375 -23.42 -12.79 -42.59
C ILE B 375 -23.36 -11.35 -42.09
N GLU B 376 -23.75 -10.38 -42.93
CA GLU B 376 -23.84 -9.00 -42.47
C GLU B 376 -24.85 -8.85 -41.34
N ASN B 377 -25.87 -9.69 -41.31
CA ASN B 377 -26.94 -9.55 -40.33
C ASN B 377 -26.49 -9.93 -38.93
N ILE B 378 -25.46 -10.78 -38.83
CA ILE B 378 -25.15 -11.48 -37.58
C ILE B 378 -23.80 -11.03 -37.04
N ALA B 379 -23.70 -10.97 -35.72
CA ALA B 379 -22.45 -10.90 -35.00
C ALA B 379 -22.46 -11.97 -33.92
N PHE B 380 -21.28 -12.27 -33.39
CA PHE B 380 -21.14 -13.35 -32.42
C PHE B 380 -20.46 -12.85 -31.15
N GLY B 381 -20.89 -13.41 -30.03
CA GLY B 381 -20.20 -13.24 -28.76
C GLY B 381 -19.73 -14.60 -28.27
N SER B 382 -18.52 -14.63 -27.73
CA SER B 382 -17.94 -15.87 -27.23
C SER B 382 -17.31 -15.62 -25.87
N GLY B 383 -17.70 -16.43 -24.88
CA GLY B 383 -17.21 -16.28 -23.53
C GLY B 383 -16.17 -17.31 -23.15
N GLY B 384 -16.57 -18.34 -22.40
CA GLY B 384 -15.65 -19.40 -22.04
C GLY B 384 -15.07 -20.14 -23.24
N GLY B 385 -15.86 -20.24 -24.32
CA GLY B 385 -15.34 -20.87 -25.53
C GLY B 385 -14.19 -20.12 -26.16
N LEU B 386 -14.10 -18.81 -25.92
CA LEU B 386 -13.04 -17.98 -26.48
C LEU B 386 -11.80 -17.94 -25.59
N LEU B 387 -11.98 -17.90 -24.27
CA LEU B 387 -10.88 -17.64 -23.35
C LEU B 387 -10.61 -18.74 -22.34
N GLN B 388 -11.52 -19.70 -22.13
CA GLN B 388 -11.35 -20.67 -21.06
C GLN B 388 -11.21 -22.10 -21.57
N LYS B 389 -12.06 -22.54 -22.51
CA LYS B 389 -12.01 -23.90 -23.01
C LYS B 389 -10.87 -24.06 -24.02
N LEU B 390 -9.65 -23.86 -23.50
CA LEU B 390 -8.44 -23.97 -24.30
C LEU B 390 -7.36 -24.55 -23.39
N THR B 391 -6.50 -25.39 -23.96
CA THR B 391 -5.51 -26.12 -23.19
C THR B 391 -4.16 -26.03 -23.90
N ARG B 392 -3.12 -26.37 -23.15
CA ARG B 392 -1.77 -26.33 -23.70
C ARG B 392 -1.53 -27.39 -24.76
N ASP B 393 -2.29 -28.49 -24.73
CA ASP B 393 -2.08 -29.55 -25.71
C ASP B 393 -2.86 -29.31 -27.01
N LEU B 394 -3.57 -28.18 -27.13
CA LEU B 394 -4.24 -27.86 -28.38
C LEU B 394 -3.23 -27.56 -29.49
N LEU B 395 -2.22 -26.74 -29.18
CA LEU B 395 -1.13 -26.46 -30.11
C LEU B 395 0.16 -27.16 -29.72
N ASN B 396 0.13 -28.02 -28.70
CA ASN B 396 1.31 -28.68 -28.16
C ASN B 396 2.42 -27.66 -27.88
N CYS B 397 2.07 -26.68 -27.06
CA CYS B 397 3.05 -25.68 -26.63
C CYS B 397 4.02 -26.32 -25.65
N SER B 398 5.31 -26.25 -25.95
CA SER B 398 6.29 -27.00 -25.17
C SER B 398 7.63 -26.27 -25.16
N PHE B 399 8.36 -26.47 -24.07
CA PHE B 399 9.63 -25.81 -23.77
C PHE B 399 10.65 -26.90 -23.50
N LYS B 400 11.74 -26.91 -24.25
CA LYS B 400 12.69 -28.02 -24.19
C LYS B 400 14.12 -27.51 -24.33
N CYS B 401 15.04 -28.19 -23.66
CA CYS B 401 16.46 -27.87 -23.79
C CYS B 401 17.02 -28.57 -25.02
N SER B 402 17.64 -27.79 -25.91
CA SER B 402 18.19 -28.31 -27.15
C SER B 402 19.71 -28.20 -27.25
N TYR B 403 20.35 -27.49 -26.32
CA TYR B 403 21.78 -27.22 -26.43
C TYR B 403 22.33 -26.96 -25.04
N VAL B 404 23.43 -27.62 -24.70
CA VAL B 404 24.15 -27.41 -23.45
C VAL B 404 25.62 -27.28 -23.74
N VAL B 405 26.30 -26.44 -22.96
CA VAL B 405 27.76 -26.33 -22.98
C VAL B 405 28.26 -26.81 -21.63
N THR B 406 29.00 -27.92 -21.64
CA THR B 406 29.50 -28.54 -20.42
C THR B 406 31.01 -28.74 -20.56
N ASN B 407 31.77 -28.07 -19.69
CA ASN B 407 33.23 -28.18 -19.68
C ASN B 407 33.82 -27.78 -21.03
N GLY B 408 33.33 -26.66 -21.56
CA GLY B 408 33.83 -26.12 -22.81
C GLY B 408 33.34 -26.79 -24.08
N LEU B 409 32.50 -27.80 -23.98
CA LEU B 409 32.00 -28.53 -25.14
C LEU B 409 30.51 -28.29 -25.30
N GLY B 410 30.11 -27.80 -26.47
CA GLY B 410 28.70 -27.65 -26.79
C GLY B 410 28.13 -28.96 -27.30
N ILE B 411 26.97 -29.36 -26.77
CA ILE B 411 26.37 -30.65 -27.05
C ILE B 411 24.92 -30.45 -27.43
N ASN B 412 24.51 -31.01 -28.56
CA ASN B 412 23.11 -30.96 -28.99
C ASN B 412 22.33 -32.06 -28.28
N VAL B 413 21.30 -31.67 -27.51
CA VAL B 413 20.54 -32.59 -26.67
C VAL B 413 19.07 -32.52 -27.05
N PHE B 414 18.35 -33.61 -26.75
CA PHE B 414 16.95 -33.72 -27.14
C PHE B 414 16.36 -34.97 -26.50
N LYS B 415 15.03 -35.03 -26.49
CA LYS B 415 14.29 -36.20 -26.06
C LYS B 415 13.73 -36.93 -27.27
N ASP B 416 13.47 -38.22 -27.09
CA ASP B 416 13.02 -39.08 -28.18
C ASP B 416 12.31 -40.30 -27.62
N PRO B 417 11.11 -40.15 -27.04
CA PRO B 417 10.44 -41.29 -26.41
C PRO B 417 10.06 -42.34 -27.45
N VAL B 418 10.34 -43.61 -27.13
CA VAL B 418 10.15 -44.66 -28.11
C VAL B 418 8.68 -44.87 -28.45
N ALA B 419 7.79 -44.64 -27.48
CA ALA B 419 6.37 -44.84 -27.69
C ALA B 419 5.65 -43.60 -28.21
N ASP B 420 6.38 -42.53 -28.51
CA ASP B 420 5.71 -41.33 -28.99
C ASP B 420 6.67 -40.45 -29.79
N PRO B 421 6.88 -40.73 -31.07
CA PRO B 421 7.77 -39.87 -31.88
C PRO B 421 7.27 -38.45 -32.03
N ASN B 422 5.99 -38.19 -31.73
CA ASN B 422 5.49 -36.82 -31.77
C ASN B 422 6.11 -35.93 -30.72
N LYS B 423 6.69 -36.51 -29.66
CA LYS B 423 7.29 -35.74 -28.58
C LYS B 423 8.80 -35.58 -28.74
N ARG B 424 9.35 -35.95 -29.89
CA ARG B 424 10.76 -35.72 -30.16
C ARG B 424 11.03 -34.22 -30.26
N SER B 425 12.12 -33.77 -29.65
CA SER B 425 12.44 -32.36 -29.58
C SER B 425 13.64 -32.05 -30.47
N LYS B 426 13.82 -30.75 -30.76
CA LYS B 426 14.82 -30.30 -31.71
C LYS B 426 16.22 -30.35 -31.09
N LYS B 427 17.24 -30.20 -31.94
CA LYS B 427 18.62 -30.39 -31.56
C LYS B 427 19.43 -29.11 -31.79
N GLY B 428 20.24 -28.75 -30.80
CA GLY B 428 21.25 -27.73 -30.99
C GLY B 428 20.70 -26.32 -31.04
N ARG B 429 21.59 -25.38 -31.35
CA ARG B 429 21.20 -23.98 -31.46
C ARG B 429 20.25 -23.79 -32.64
N LEU B 430 19.21 -22.99 -32.42
CA LEU B 430 18.10 -22.91 -33.35
C LEU B 430 17.95 -21.49 -33.90
N SER B 431 17.42 -21.40 -35.11
CA SER B 431 17.13 -20.12 -35.72
C SER B 431 15.94 -20.28 -36.65
N LEU B 432 15.29 -19.15 -36.95
CA LEU B 432 14.13 -19.11 -37.82
C LEU B 432 14.45 -18.22 -39.01
N HIS B 433 14.10 -18.68 -40.21
CA HIS B 433 14.50 -17.98 -41.42
C HIS B 433 13.33 -17.86 -42.38
N ARG B 434 13.30 -16.73 -43.09
CA ARG B 434 12.37 -16.54 -44.19
C ARG B 434 12.92 -17.26 -45.42
N THR B 435 12.14 -18.20 -45.96
CA THR B 435 12.56 -18.96 -47.11
C THR B 435 12.41 -18.16 -48.39
N PRO B 436 13.12 -18.52 -49.46
CA PRO B 436 12.94 -17.81 -50.73
C PRO B 436 11.51 -17.80 -51.24
N ALA B 437 10.72 -18.83 -50.93
CA ALA B 437 9.32 -18.87 -51.33
C ALA B 437 8.43 -17.99 -50.46
N GLY B 438 8.97 -17.36 -49.43
CA GLY B 438 8.19 -16.51 -48.56
C GLY B 438 7.65 -17.17 -47.31
N ASN B 439 8.07 -18.40 -47.02
CA ASN B 439 7.57 -19.17 -45.89
C ASN B 439 8.58 -19.11 -44.75
N PHE B 440 8.48 -20.04 -43.79
CA PHE B 440 9.34 -20.08 -42.63
C PHE B 440 9.96 -21.46 -42.50
N VAL B 441 11.21 -21.50 -42.02
CA VAL B 441 11.87 -22.77 -41.71
C VAL B 441 12.72 -22.57 -40.45
N THR B 442 12.75 -23.60 -39.62
CA THR B 442 13.59 -23.63 -38.41
C THR B 442 14.81 -24.50 -38.68
N LEU B 443 15.99 -23.91 -38.55
CA LEU B 443 17.25 -24.64 -38.72
C LEU B 443 17.80 -25.04 -37.36
N GLU B 444 18.40 -26.22 -37.31
CA GLU B 444 18.89 -26.82 -36.08
C GLU B 444 20.41 -26.91 -36.12
N GLU B 445 20.98 -27.38 -35.01
CA GLU B 445 22.41 -27.70 -34.92
C GLU B 445 23.30 -26.55 -35.39
N GLY B 446 22.83 -25.30 -35.20
CA GLY B 446 23.61 -24.13 -35.53
C GLY B 446 23.70 -23.79 -37.01
N LYS B 447 23.00 -24.51 -37.88
CA LYS B 447 23.10 -24.26 -39.32
C LYS B 447 22.60 -22.87 -39.71
N GLY B 448 21.85 -22.19 -38.83
CA GLY B 448 21.50 -20.82 -39.09
C GLY B 448 22.69 -19.88 -39.18
N ASP B 449 23.85 -20.28 -38.65
CA ASP B 449 25.04 -19.44 -38.74
C ASP B 449 25.49 -19.24 -40.18
N LEU B 450 25.25 -20.22 -41.05
CA LEU B 450 25.62 -20.09 -42.45
C LEU B 450 24.74 -19.08 -43.18
N GLU B 451 23.55 -18.81 -42.66
CA GLU B 451 22.59 -17.88 -43.26
C GLU B 451 22.34 -18.21 -44.73
N GLU B 452 22.12 -19.50 -45.01
CA GLU B 452 21.74 -19.88 -46.36
C GLU B 452 20.44 -19.20 -46.78
N TYR B 453 19.48 -19.10 -45.86
CA TYR B 453 18.21 -18.40 -46.09
C TYR B 453 18.18 -17.04 -45.41
N GLY B 454 19.28 -16.31 -45.43
CA GLY B 454 19.28 -14.99 -44.83
C GLY B 454 19.34 -15.01 -43.31
N GLN B 455 19.01 -13.86 -42.73
CA GLN B 455 19.24 -13.61 -41.32
C GLN B 455 18.21 -14.31 -40.45
N ASP B 456 18.64 -14.69 -39.24
CA ASP B 456 17.74 -15.19 -38.22
C ASP B 456 16.63 -14.18 -37.95
N LEU B 457 15.40 -14.67 -37.80
CA LEU B 457 14.26 -13.82 -37.50
C LEU B 457 14.06 -13.59 -36.02
N LEU B 458 14.63 -14.44 -35.17
CA LEU B 458 14.58 -14.22 -33.73
C LEU B 458 15.37 -12.96 -33.36
N HIS B 459 14.71 -12.02 -32.69
CA HIS B 459 15.35 -10.82 -32.17
C HIS B 459 15.54 -10.95 -30.66
N THR B 460 16.64 -10.41 -30.15
CA THR B 460 16.80 -10.32 -28.71
C THR B 460 15.76 -9.38 -28.13
N VAL B 461 14.90 -9.90 -27.26
CA VAL B 461 13.86 -9.11 -26.63
C VAL B 461 14.12 -8.89 -25.14
N PHE B 462 15.01 -9.66 -24.52
CA PHE B 462 15.31 -9.56 -23.10
C PHE B 462 16.76 -9.94 -22.91
N LYS B 463 17.52 -9.10 -22.20
CA LYS B 463 18.92 -9.40 -21.94
C LYS B 463 19.33 -8.75 -20.62
N ASN B 464 19.71 -9.60 -19.65
CA ASN B 464 20.24 -9.14 -18.37
C ASN B 464 19.29 -8.17 -17.67
N GLY B 465 18.04 -8.59 -17.51
CA GLY B 465 17.06 -7.81 -16.79
C GLY B 465 16.44 -6.66 -17.54
N LYS B 466 16.85 -6.42 -18.79
CA LYS B 466 16.30 -5.34 -19.60
C LYS B 466 15.48 -5.91 -20.74
N VAL B 467 14.37 -5.23 -21.06
CA VAL B 467 13.60 -5.52 -22.27
C VAL B 467 14.25 -4.73 -23.39
N THR B 468 15.03 -5.42 -24.23
CA THR B 468 15.82 -4.76 -25.27
C THR B 468 14.98 -4.43 -26.50
N LYS B 469 13.95 -5.22 -26.78
CA LYS B 469 13.09 -5.01 -27.93
C LYS B 469 11.65 -5.20 -27.49
N SER B 470 10.81 -4.22 -27.79
CA SER B 470 9.41 -4.27 -27.42
C SER B 470 8.58 -3.92 -28.65
N TYR B 471 7.31 -4.29 -28.60
CA TYR B 471 6.40 -4.08 -29.72
C TYR B 471 5.15 -3.35 -29.26
N SER B 472 4.70 -2.42 -30.09
CA SER B 472 3.39 -1.82 -29.88
C SER B 472 2.29 -2.82 -30.22
N PHE B 473 1.16 -2.68 -29.54
CA PHE B 473 0.00 -3.48 -29.92
C PHE B 473 -0.43 -3.17 -31.35
N ASP B 474 -0.15 -1.96 -31.83
CA ASP B 474 -0.46 -1.62 -33.21
C ASP B 474 0.42 -2.44 -34.17
N GLU B 475 1.68 -2.65 -33.81
CA GLU B 475 2.55 -3.48 -34.64
C GLU B 475 2.12 -4.94 -34.60
N ILE B 476 1.67 -5.42 -33.45
CA ILE B 476 1.24 -6.80 -33.33
C ILE B 476 0.00 -7.04 -34.19
N ARG B 477 -0.97 -6.14 -34.10
CA ARG B 477 -2.16 -6.27 -34.93
C ARG B 477 -1.81 -6.29 -36.42
N LYS B 478 -0.86 -5.45 -36.83
CA LYS B 478 -0.44 -5.42 -38.23
C LYS B 478 0.16 -6.77 -38.64
N ASN B 479 1.06 -7.31 -37.81
CA ASN B 479 1.71 -8.57 -38.16
C ASN B 479 0.72 -9.73 -38.25
N ALA B 480 -0.40 -9.66 -37.53
CA ALA B 480 -1.33 -10.78 -37.43
C ALA B 480 -2.49 -10.69 -38.41
N GLN B 481 -2.50 -9.70 -39.30
CA GLN B 481 -3.65 -9.50 -40.17
C GLN B 481 -3.84 -10.69 -41.11
N LEU B 482 -5.05 -10.80 -41.65
CA LEU B 482 -5.37 -11.91 -42.53
C LEU B 482 -4.80 -11.69 -43.92
N ASN B 483 -4.82 -12.76 -44.72
CA ASN B 483 -4.37 -12.73 -46.11
C ASN B 483 -2.91 -12.34 -46.22
N PHE C 9 19.86 22.46 32.51
CA PHE C 9 20.01 21.35 31.56
C PHE C 9 21.09 20.39 32.02
N ASN C 10 20.82 19.09 31.94
CA ASN C 10 21.74 18.05 32.38
C ASN C 10 21.87 17.01 31.28
N ILE C 11 23.02 16.97 30.62
CA ILE C 11 23.22 16.06 29.49
C ILE C 11 23.08 14.60 29.90
N LEU C 12 23.28 14.28 31.18
CA LEU C 12 23.07 12.92 31.66
C LEU C 12 21.59 12.54 31.70
N LEU C 13 20.69 13.51 31.65
CA LEU C 13 19.25 13.24 31.61
C LEU C 13 18.66 13.52 30.24
N ALA C 14 19.50 13.78 29.23
CA ALA C 14 19.01 14.22 27.93
C ALA C 14 19.24 13.16 26.86
N THR C 15 18.92 11.91 27.18
CA THR C 15 19.04 10.81 26.25
C THR C 15 17.83 9.90 26.41
N ASP C 16 17.59 9.05 25.41
CA ASP C 16 16.57 8.01 25.56
C ASP C 16 16.93 7.12 26.73
N SER C 17 15.92 6.79 27.54
CA SER C 17 16.15 6.02 28.76
C SER C 17 16.94 4.74 28.49
N TYR C 18 16.57 3.98 27.46
CA TYR C 18 17.24 2.70 27.26
C TYR C 18 18.73 2.86 26.94
N LYS C 19 19.17 4.02 26.48
CA LYS C 19 20.59 4.22 26.24
C LYS C 19 21.40 4.26 27.52
N VAL C 20 20.75 4.45 28.67
CA VAL C 20 21.44 4.39 29.96
C VAL C 20 22.09 3.02 30.15
N THR C 21 21.51 1.98 29.57
CA THR C 21 21.98 0.62 29.75
C THR C 21 22.90 0.14 28.64
N HIS C 22 23.18 0.97 27.62
CA HIS C 22 23.87 0.46 26.44
C HIS C 22 25.36 0.25 26.65
N TYR C 23 25.98 0.89 27.63
CA TYR C 23 27.39 0.63 27.90
C TYR C 23 27.64 -0.83 28.26
N LYS C 24 26.64 -1.51 28.81
CA LYS C 24 26.74 -2.93 29.16
C LYS C 24 26.49 -3.87 27.99
N GLN C 25 25.95 -3.38 26.88
CA GLN C 25 25.50 -4.24 25.80
C GLN C 25 26.50 -4.37 24.66
N TYR C 26 27.41 -3.41 24.50
CA TYR C 26 28.41 -3.46 23.45
C TYR C 26 29.36 -4.64 23.66
N PRO C 27 30.01 -5.10 22.60
CA PRO C 27 30.98 -6.20 22.74
C PRO C 27 32.07 -5.81 23.72
N PRO C 28 32.53 -6.75 24.55
CA PRO C 28 33.59 -6.42 25.51
C PRO C 28 34.86 -5.98 24.79
N ASN C 29 35.59 -5.07 25.43
CA ASN C 29 36.81 -4.48 24.88
C ASN C 29 36.53 -3.71 23.59
N THR C 30 35.37 -3.07 23.53
CA THR C 30 35.07 -2.12 22.46
C THR C 30 35.68 -0.78 22.82
N SER C 31 36.54 -0.26 21.95
CA SER C 31 37.24 1.00 22.21
C SER C 31 36.76 2.15 21.35
N LYS C 32 36.01 1.89 20.28
CA LYS C 32 35.57 2.97 19.41
C LYS C 32 34.19 2.66 18.85
N VAL C 33 33.31 3.65 18.90
CA VAL C 33 32.00 3.60 18.25
C VAL C 33 31.89 4.83 17.36
N TYR C 34 31.67 4.61 16.07
CA TYR C 34 31.65 5.67 15.07
C TYR C 34 30.30 5.60 14.37
N SER C 35 29.55 6.70 14.44
CA SER C 35 28.19 6.76 13.93
C SER C 35 28.06 7.95 12.99
N TYR C 36 26.97 7.97 12.22
CA TYR C 36 26.77 9.00 11.22
C TYR C 36 25.29 9.34 11.10
N PHE C 37 25.03 10.52 10.54
CA PHE C 37 23.68 11.04 10.34
C PHE C 37 23.46 11.24 8.84
N GLU C 38 22.31 10.81 8.34
CA GLU C 38 21.93 11.05 6.96
C GLU C 38 20.43 11.31 6.88
N CYS C 39 20.01 11.87 5.76
CA CYS C 39 18.60 11.94 5.38
C CYS C 39 18.39 10.86 4.33
N ARG C 40 17.89 9.70 4.78
CA ARG C 40 17.91 8.50 3.95
C ARG C 40 17.07 8.68 2.69
N GLU C 41 17.56 8.14 1.59
CA GLU C 41 16.80 8.09 0.35
C GLU C 41 15.51 7.31 0.55
N LYS C 53 8.48 15.89 -3.36
CA LYS C 53 9.76 15.19 -3.41
C LYS C 53 10.88 16.08 -2.91
N TYR C 54 11.51 15.66 -1.82
CA TYR C 54 12.58 16.42 -1.17
C TYR C 54 13.90 15.74 -1.54
N GLU C 55 14.38 16.01 -2.75
CA GLU C 55 15.57 15.33 -3.24
C GLU C 55 16.87 15.87 -2.66
N GLU C 56 16.86 17.09 -2.12
CA GLU C 56 18.04 17.70 -1.54
C GLU C 56 17.67 18.37 -0.23
N THR C 57 18.62 18.41 0.71
CA THR C 57 18.35 18.92 2.05
C THR C 57 19.35 20.00 2.41
N VAL C 58 18.85 21.04 3.08
CA VAL C 58 19.71 22.07 3.66
C VAL C 58 20.22 21.58 5.00
N PHE C 59 21.54 21.53 5.15
CA PHE C 59 22.10 21.15 6.45
C PHE C 59 22.18 22.39 7.35
N TYR C 60 21.33 22.46 8.37
CA TYR C 60 21.29 23.59 9.26
C TYR C 60 20.86 23.16 10.65
N GLY C 61 21.49 23.74 11.67
CA GLY C 61 21.02 23.63 13.05
C GLY C 61 21.99 22.96 14.01
N LEU C 62 23.01 22.26 13.52
CA LEU C 62 23.91 21.54 14.42
C LEU C 62 24.68 22.50 15.32
N GLN C 63 25.09 23.64 14.77
CA GLN C 63 25.88 24.60 15.56
C GLN C 63 25.11 25.09 16.77
N TYR C 64 23.79 25.26 16.64
CA TYR C 64 22.97 25.59 17.80
C TYR C 64 23.10 24.53 18.89
N ILE C 65 23.02 23.25 18.51
CA ILE C 65 23.05 22.15 19.48
C ILE C 65 24.43 22.05 20.12
N LEU C 66 25.49 22.12 19.32
CA LEU C 66 26.85 22.01 19.87
C LEU C 66 27.10 23.06 20.94
N ASN C 67 26.68 24.30 20.70
CA ASN C 67 26.98 25.39 21.63
C ASN C 67 26.08 25.34 22.85
N LYS C 68 24.78 25.17 22.64
CA LYS C 68 23.85 25.26 23.77
C LYS C 68 23.95 24.04 24.67
N TYR C 69 24.27 22.87 24.13
CA TYR C 69 24.13 21.65 24.90
C TYR C 69 25.40 20.82 25.09
N LEU C 70 26.34 20.84 24.14
CA LEU C 70 27.44 19.88 24.20
C LEU C 70 28.80 20.46 24.58
N LYS C 71 29.02 21.76 24.41
CA LYS C 71 30.35 22.33 24.56
C LYS C 71 30.67 22.66 26.02
N GLY C 72 31.96 22.65 26.33
CA GLY C 72 32.41 23.05 27.64
C GLY C 72 32.24 21.96 28.69
N LYS C 73 32.23 22.39 29.95
CA LYS C 73 32.05 21.48 31.08
C LYS C 73 30.58 21.17 31.21
N VAL C 74 30.16 20.02 30.67
CA VAL C 74 28.76 19.61 30.73
C VAL C 74 28.51 18.54 31.77
N VAL C 75 29.56 18.05 32.43
CA VAL C 75 29.45 17.05 33.49
C VAL C 75 29.97 17.67 34.78
N THR C 76 29.16 17.60 35.84
CA THR C 76 29.56 18.03 37.17
C THR C 76 29.20 16.94 38.17
N LYS C 77 29.78 17.06 39.37
CA LYS C 77 29.44 16.15 40.46
C LYS C 77 27.95 16.17 40.76
N GLU C 78 27.36 17.36 40.78
CA GLU C 78 25.93 17.48 41.08
C GLU C 78 25.07 16.87 39.98
N LYS C 79 25.49 16.96 38.72
CA LYS C 79 24.69 16.39 37.63
C LYS C 79 24.72 14.88 37.66
N ILE C 80 25.87 14.30 38.02
CA ILE C 80 25.97 12.85 38.17
C ILE C 80 25.03 12.36 39.28
N GLN C 81 25.02 13.07 40.40
CA GLN C 81 24.16 12.68 41.51
C GLN C 81 22.68 12.81 41.14
N GLU C 82 22.31 13.92 40.49
CA GLU C 82 20.94 14.08 40.02
C GLU C 82 20.54 12.95 39.07
N ALA C 83 21.45 12.58 38.15
CA ALA C 83 21.16 11.48 37.23
C ALA C 83 21.02 10.16 37.96
N LYS C 84 21.98 9.85 38.84
CA LYS C 84 21.94 8.61 39.60
C LYS C 84 20.64 8.46 40.36
N ASP C 85 20.12 9.56 40.91
CA ASP C 85 18.90 9.50 41.70
C ASP C 85 17.67 9.26 40.81
N VAL C 86 17.60 9.94 39.67
CA VAL C 86 16.44 9.78 38.80
C VAL C 86 16.37 8.37 38.23
N TYR C 87 17.51 7.86 37.75
CA TYR C 87 17.52 6.55 37.10
C TYR C 87 17.29 5.42 38.09
N LYS C 88 17.70 5.59 39.34
CA LYS C 88 17.43 4.57 40.35
C LYS C 88 15.93 4.33 40.51
N GLU C 89 15.14 5.40 40.50
CA GLU C 89 13.69 5.26 40.58
C GLU C 89 13.06 4.97 39.22
N HIS C 90 13.66 5.50 38.15
CA HIS C 90 13.09 5.33 36.81
C HIS C 90 13.16 3.88 36.37
N PHE C 91 14.26 3.20 36.65
CA PHE C 91 14.45 1.81 36.27
C PHE C 91 14.09 0.83 37.36
N GLN C 92 13.85 1.29 38.59
CA GLN C 92 13.65 0.42 39.74
C GLN C 92 14.81 -0.56 39.90
N ASP C 93 16.01 -0.07 39.62
CA ASP C 93 17.23 -0.86 39.59
C ASP C 93 18.39 0.09 39.39
N ASP C 94 19.59 -0.37 39.75
CA ASP C 94 20.80 0.42 39.60
C ASP C 94 21.51 -0.01 38.32
N VAL C 95 21.47 0.83 37.30
CA VAL C 95 22.03 0.49 36.01
C VAL C 95 22.80 1.68 35.45
N PHE C 96 22.67 2.84 36.10
CA PHE C 96 23.34 4.06 35.63
C PHE C 96 24.86 3.93 35.71
N ASN C 97 25.53 4.29 34.62
CA ASN C 97 26.99 4.17 34.52
C ASN C 97 27.66 5.35 35.23
N GLU C 98 27.51 5.35 36.55
CA GLU C 98 28.12 6.41 37.37
C GLU C 98 29.63 6.46 37.16
N LYS C 99 30.27 5.30 37.07
CA LYS C 99 31.73 5.25 36.92
C LYS C 99 32.19 5.90 35.62
N GLY C 100 31.47 5.63 34.52
CA GLY C 100 31.89 6.17 33.23
C GLY C 100 31.77 7.68 33.16
N TRP C 101 30.70 8.23 33.73
CA TRP C 101 30.55 9.68 33.74
C TRP C 101 31.55 10.35 34.69
N ASN C 102 31.88 9.67 35.80
CA ASN C 102 32.89 10.20 36.71
C ASN C 102 34.26 10.27 36.04
N TYR C 103 34.61 9.22 35.28
CA TYR C 103 35.86 9.23 34.53
C TYR C 103 35.97 10.46 33.64
N ILE C 104 34.88 10.82 32.96
CA ILE C 104 34.87 12.00 32.11
C ILE C 104 35.09 13.26 32.94
N LEU C 105 34.43 13.34 34.10
CA LEU C 105 34.58 14.50 34.96
C LEU C 105 36.01 14.63 35.49
N GLU C 106 36.64 13.50 35.85
CA GLU C 106 37.96 13.56 36.46
C GLU C 106 39.07 13.72 35.42
N LYS C 107 38.97 13.00 34.31
CA LYS C 107 40.03 13.03 33.30
C LYS C 107 39.97 14.27 32.43
N TYR C 108 38.77 14.78 32.14
CA TYR C 108 38.59 15.82 31.15
C TYR C 108 37.83 17.03 31.70
N ASP C 109 37.73 17.14 33.02
CA ASP C 109 37.00 18.24 33.68
C ASP C 109 35.61 18.41 33.09
N GLY C 110 34.93 17.29 32.86
CA GLY C 110 33.56 17.33 32.37
C GLY C 110 33.41 17.68 30.90
N HIS C 111 34.49 17.72 30.13
CA HIS C 111 34.42 17.98 28.70
C HIS C 111 34.28 16.65 27.95
N LEU C 112 33.34 16.60 27.00
CA LEU C 112 33.03 15.35 26.30
C LEU C 112 34.16 14.92 25.38
N PRO C 113 34.74 13.74 25.55
CA PRO C 113 35.73 13.23 24.58
C PRO C 113 35.06 12.70 23.32
N ILE C 114 34.63 13.64 22.47
CA ILE C 114 33.89 13.35 21.24
C ILE C 114 34.45 14.22 20.13
N GLU C 115 34.55 13.65 18.92
CA GLU C 115 34.84 14.43 17.74
C GLU C 115 33.65 14.32 16.78
N ILE C 116 33.14 15.47 16.35
CA ILE C 116 32.06 15.54 15.38
C ILE C 116 32.59 16.24 14.13
N LYS C 117 32.32 15.65 12.97
CA LYS C 117 32.65 16.24 11.68
C LYS C 117 31.35 16.43 10.89
N ALA C 118 31.23 17.56 10.19
CA ALA C 118 29.96 17.91 9.56
C ALA C 118 30.21 18.69 8.28
N VAL C 119 29.23 18.63 7.37
CA VAL C 119 29.22 19.44 6.16
C VAL C 119 28.92 20.88 6.56
N PRO C 120 29.49 21.88 5.89
CA PRO C 120 29.22 23.27 6.28
C PRO C 120 27.73 23.57 6.27
N GLU C 121 27.28 24.33 7.27
CA GLU C 121 25.87 24.63 7.38
C GLU C 121 25.42 25.53 6.23
N GLY C 122 24.17 25.35 5.81
CA GLY C 122 23.68 25.95 4.59
C GLY C 122 23.92 25.14 3.33
N PHE C 123 24.86 24.19 3.36
CA PHE C 123 25.09 23.35 2.20
C PHE C 123 23.84 22.55 1.86
N VAL C 124 23.59 22.39 0.56
CA VAL C 124 22.43 21.66 0.06
C VAL C 124 22.94 20.35 -0.53
N ILE C 125 22.52 19.24 0.08
CA ILE C 125 23.10 17.93 -0.20
C ILE C 125 21.98 16.98 -0.65
N PRO C 126 22.20 16.17 -1.69
CA PRO C 126 21.17 15.20 -2.08
C PRO C 126 20.95 14.17 -1.00
N ARG C 127 19.74 13.60 -0.98
CA ARG C 127 19.39 12.60 0.01
C ARG C 127 20.35 11.41 -0.05
N GLY C 128 20.42 10.67 1.05
CA GLY C 128 21.26 9.50 1.11
C GLY C 128 22.74 9.76 1.20
N ASN C 129 23.14 10.91 1.72
CA ASN C 129 24.55 11.22 1.90
C ASN C 129 24.85 11.50 3.37
N VAL C 130 26.07 11.17 3.79
CA VAL C 130 26.48 11.46 5.14
C VAL C 130 26.55 12.97 5.32
N LEU C 131 25.93 13.47 6.39
CA LEU C 131 25.92 14.88 6.73
C LEU C 131 26.79 15.22 7.93
N PHE C 132 26.84 14.35 8.94
CA PHE C 132 27.83 14.50 10.00
C PHE C 132 28.12 13.14 10.61
N THR C 133 29.28 13.05 11.26
CA THR C 133 29.75 11.83 11.92
C THR C 133 30.17 12.15 13.34
N VAL C 134 30.12 11.12 14.19
CA VAL C 134 30.38 11.24 15.64
C VAL C 134 31.23 10.07 16.07
N GLU C 135 32.26 10.32 16.86
CA GLU C 135 33.10 9.26 17.38
C GLU C 135 33.71 9.69 18.70
N ASN C 136 33.93 8.73 19.59
CA ASN C 136 34.62 9.01 20.84
C ASN C 136 36.12 9.09 20.61
N THR C 137 36.78 9.95 21.38
CA THR C 137 38.24 10.09 21.33
C THR C 137 38.97 9.38 22.46
N ASP C 138 38.24 8.82 23.43
CA ASP C 138 38.83 8.06 24.52
C ASP C 138 38.24 6.66 24.51
N PRO C 139 39.07 5.60 24.46
CA PRO C 139 38.51 4.23 24.41
C PRO C 139 37.58 3.89 25.55
N GLU C 140 37.78 4.47 26.74
CA GLU C 140 36.88 4.22 27.86
C GLU C 140 35.47 4.77 27.61
N CYS C 141 35.32 5.67 26.65
CA CYS C 141 34.06 6.37 26.40
C CYS C 141 33.43 5.94 25.08
N TYR C 142 33.62 4.67 24.70
CA TYR C 142 32.94 4.09 23.54
C TYR C 142 31.43 4.27 23.62
N TRP C 143 30.87 4.25 24.84
CA TRP C 143 29.43 4.36 25.05
C TRP C 143 28.91 5.78 24.80
N LEU C 144 29.78 6.78 24.76
CA LEU C 144 29.33 8.17 24.70
C LEU C 144 28.82 8.55 23.32
N THR C 145 29.35 7.91 22.26
CA THR C 145 28.93 8.23 20.90
C THR C 145 27.41 8.15 20.76
N ASN C 146 26.83 7.02 21.13
CA ASN C 146 25.39 6.89 20.94
C ASN C 146 24.58 7.41 22.11
N TRP C 147 25.21 7.68 23.26
CA TRP C 147 24.50 8.40 24.32
C TRP C 147 23.95 9.71 23.80
N ILE C 148 24.72 10.43 22.99
CA ILE C 148 24.29 11.75 22.54
C ILE C 148 23.55 11.66 21.22
N GLU C 149 23.20 10.45 20.78
CA GLU C 149 22.42 10.32 19.55
C GLU C 149 21.12 11.12 19.63
N THR C 150 20.45 11.05 20.79
CA THR C 150 19.11 11.61 20.90
C THR C 150 19.10 13.11 20.69
N ILE C 151 20.07 13.81 21.28
CA ILE C 151 20.10 15.26 21.17
C ILE C 151 20.59 15.70 19.79
N LEU C 152 21.46 14.92 19.15
CA LEU C 152 21.92 15.29 17.82
C LEU C 152 20.88 15.02 16.74
N VAL C 153 20.09 13.96 16.90
CA VAL C 153 19.07 13.62 15.91
C VAL C 153 17.99 14.71 15.86
N GLN C 154 17.78 15.43 16.96
CA GLN C 154 16.89 16.57 16.94
C GLN C 154 17.28 17.63 15.92
N SER C 155 18.49 17.55 15.35
CA SER C 155 18.83 18.42 14.22
C SER C 155 17.94 18.16 13.02
N TRP C 156 17.15 17.08 13.01
CA TRP C 156 16.21 16.84 11.93
C TRP C 156 15.27 18.03 11.74
N TYR C 157 14.89 18.67 12.85
CA TYR C 157 13.88 19.72 12.77
C TYR C 157 14.39 20.97 12.06
N PRO C 158 15.52 21.58 12.48
CA PRO C 158 16.02 22.73 11.69
C PRO C 158 16.36 22.35 10.26
N ILE C 159 16.90 21.14 10.04
CA ILE C 159 17.15 20.67 8.67
C ILE C 159 15.87 20.68 7.85
N THR C 160 14.81 20.09 8.41
CA THR C 160 13.58 19.91 7.65
C THR C 160 12.84 21.23 7.44
N VAL C 161 12.81 22.11 8.46
CA VAL C 161 12.20 23.42 8.27
C VAL C 161 12.92 24.17 7.16
N ALA C 162 14.25 24.24 7.24
CA ALA C 162 15.05 24.96 6.24
C ALA C 162 14.85 24.35 4.86
N THR C 163 14.76 23.02 4.79
CA THR C 163 14.58 22.37 3.49
C THR C 163 13.19 22.65 2.92
N ASN C 164 12.15 22.50 3.75
CA ASN C 164 10.80 22.72 3.27
C ASN C 164 10.54 24.19 2.95
N SER C 165 11.11 25.09 3.74
CA SER C 165 11.01 26.50 3.44
C SER C 165 11.70 26.82 2.11
N ARG C 166 12.86 26.23 1.86
CA ARG C 166 13.56 26.44 0.60
C ARG C 166 12.78 25.89 -0.58
N GLU C 167 12.11 24.74 -0.42
CA GLU C 167 11.31 24.19 -1.51
C GLU C 167 10.15 25.11 -1.85
N GLN C 168 9.55 25.74 -0.86
CA GLN C 168 8.53 26.74 -1.13
C GLN C 168 9.13 27.96 -1.83
N LYS C 169 10.37 28.32 -1.51
CA LYS C 169 11.03 29.42 -2.20
C LYS C 169 11.26 29.11 -3.67
N LYS C 170 11.53 27.83 -3.99
CA LYS C 170 11.67 27.44 -5.39
C LYS C 170 10.37 27.65 -6.16
N ILE C 171 9.25 27.34 -5.51
CA ILE C 171 7.94 27.51 -6.12
C ILE C 171 7.65 28.98 -6.37
N LEU C 172 7.84 29.81 -5.33
CA LEU C 172 7.59 31.24 -5.47
C LEU C 172 8.50 31.87 -6.51
N ALA C 173 9.78 31.48 -6.53
CA ALA C 173 10.72 32.03 -7.50
C ALA C 173 10.32 31.68 -8.92
N LYS C 174 9.91 30.43 -9.16
CA LYS C 174 9.48 30.03 -10.50
C LYS C 174 8.29 30.87 -10.96
N TYR C 175 7.26 30.98 -10.12
CA TYR C 175 6.04 31.66 -10.52
C TYR C 175 6.22 33.18 -10.57
N LEU C 176 7.05 33.73 -9.67
CA LEU C 176 7.32 35.16 -9.73
C LEU C 176 8.12 35.52 -10.98
N LEU C 177 9.08 34.69 -11.36
CA LEU C 177 9.85 34.96 -12.58
C LEU C 177 8.97 34.78 -13.82
N GLU C 178 8.14 33.74 -13.84
CA GLU C 178 7.28 33.50 -14.99
C GLU C 178 6.23 34.59 -15.16
N THR C 179 5.65 35.08 -14.05
CA THR C 179 4.58 36.06 -14.18
C THR C 179 5.07 37.49 -14.19
N SER C 180 6.32 37.77 -13.82
CA SER C 180 6.77 39.15 -13.69
C SER C 180 8.10 39.47 -14.33
N GLY C 181 8.96 38.48 -14.62
CA GLY C 181 10.22 38.73 -15.26
C GLY C 181 11.40 38.90 -14.33
N ASN C 182 11.18 39.01 -13.02
CA ASN C 182 12.27 39.20 -12.07
C ASN C 182 11.89 38.54 -10.75
N LEU C 183 12.81 38.63 -9.78
CA LEU C 183 12.63 38.06 -8.45
C LEU C 183 12.57 39.11 -7.35
N ASP C 184 12.18 40.34 -7.69
CA ASP C 184 12.13 41.41 -6.70
C ASP C 184 11.16 41.07 -5.58
N GLY C 185 11.65 41.13 -4.34
CA GLY C 185 10.81 40.89 -3.18
C GLY C 185 10.59 39.43 -2.84
N LEU C 186 11.35 38.52 -3.45
CA LEU C 186 11.16 37.09 -3.20
C LEU C 186 11.37 36.75 -1.73
N GLU C 187 12.37 37.37 -1.09
CA GLU C 187 12.69 37.07 0.30
C GLU C 187 11.59 37.51 1.28
N TYR C 188 10.55 38.19 0.80
CA TYR C 188 9.45 38.58 1.67
C TYR C 188 8.12 37.95 1.26
N LYS C 189 8.15 36.95 0.37
CA LYS C 189 6.93 36.35 -0.16
C LYS C 189 6.36 35.24 0.73
N LEU C 190 7.13 34.73 1.69
CA LEU C 190 6.64 33.70 2.61
C LEU C 190 7.01 34.14 4.03
N HIS C 191 6.01 34.60 4.78
CA HIS C 191 6.19 35.19 6.09
C HIS C 191 5.88 34.15 7.17
N ASP C 192 6.75 34.07 8.18
CA ASP C 192 6.61 33.11 9.28
C ASP C 192 5.54 33.62 10.25
N PHE C 193 4.40 32.92 10.29
CA PHE C 193 3.34 33.15 11.26
C PHE C 193 3.26 32.04 12.30
N GLY C 194 4.35 31.31 12.52
CA GLY C 194 4.27 30.04 13.22
C GLY C 194 4.43 30.03 14.73
N TYR C 195 4.58 31.18 15.37
CA TYR C 195 4.93 31.21 16.79
C TYR C 195 3.90 30.48 17.65
N ARG C 196 2.62 30.78 17.45
CA ARG C 196 1.59 30.20 18.31
C ARG C 196 1.31 28.73 17.98
N GLY C 197 1.64 28.28 16.78
CA GLY C 197 1.32 26.95 16.33
C GLY C 197 2.41 25.90 16.48
N VAL C 198 3.52 26.22 17.13
CA VAL C 198 4.54 25.24 17.43
C VAL C 198 4.38 24.77 18.87
N SER C 199 5.15 23.75 19.24
CA SER C 199 4.94 23.01 20.47
C SER C 199 5.64 23.61 21.68
N SER C 200 6.58 24.54 21.50
CA SER C 200 7.26 25.14 22.64
C SER C 200 7.94 26.44 22.21
N GLN C 201 8.36 27.21 23.22
CA GLN C 201 9.14 28.41 22.98
C GLN C 201 10.47 28.10 22.31
N GLU C 202 11.14 27.02 22.75
CA GLU C 202 12.42 26.66 22.14
C GLU C 202 12.23 26.29 20.67
N THR C 203 11.23 25.45 20.38
CA THR C 203 10.93 25.09 18.99
C THR C 203 10.70 26.33 18.13
N ALA C 204 9.95 27.30 18.66
CA ALA C 204 9.65 28.51 17.90
C ALA C 204 10.93 29.19 17.41
N GLY C 205 11.92 29.33 18.29
CA GLY C 205 13.15 29.98 17.91
C GLY C 205 13.95 29.17 16.90
N ILE C 206 14.00 27.85 17.08
CA ILE C 206 14.75 27.01 16.16
C ILE C 206 14.12 27.04 14.77
N GLY C 207 12.80 26.82 14.71
CA GLY C 207 12.12 26.77 13.42
C GLY C 207 12.13 28.12 12.70
N ALA C 208 11.88 29.20 13.45
CA ALA C 208 11.93 30.53 12.85
C ALA C 208 13.31 30.79 12.24
N SER C 209 14.37 30.41 12.94
CA SER C 209 15.71 30.64 12.42
C SER C 209 15.96 29.82 11.16
N ALA C 210 15.43 28.60 11.11
CA ALA C 210 15.59 27.78 9.92
C ALA C 210 14.85 28.37 8.72
N HIS C 211 13.69 28.98 8.96
CA HIS C 211 12.97 29.64 7.87
C HIS C 211 13.74 30.84 7.36
N LEU C 212 14.42 31.56 8.25
CA LEU C 212 15.18 32.75 7.87
C LEU C 212 16.43 32.41 7.06
N VAL C 213 16.80 31.14 6.95
CA VAL C 213 17.86 30.75 6.02
C VAL C 213 17.46 31.12 4.59
N ASN C 214 16.16 31.16 4.31
CA ASN C 214 15.63 31.36 2.97
C ASN C 214 14.90 32.68 2.77
N PHE C 215 14.23 33.20 3.79
CA PHE C 215 13.41 34.40 3.69
C PHE C 215 13.83 35.39 4.76
N LYS C 216 13.21 36.56 4.73
CA LYS C 216 13.49 37.60 5.71
C LYS C 216 12.26 38.10 6.45
N GLY C 217 11.06 37.64 6.06
CA GLY C 217 9.85 38.04 6.76
C GLY C 217 9.49 37.06 7.85
N THR C 218 9.40 37.53 9.09
CA THR C 218 8.99 36.66 10.19
C THR C 218 8.29 37.47 11.27
N ASP C 219 7.25 36.87 11.84
CA ASP C 219 6.64 37.36 13.06
C ASP C 219 7.04 36.55 14.27
N THR C 220 7.85 35.51 14.10
CA THR C 220 8.26 34.66 15.22
C THR C 220 9.58 35.23 15.76
N VAL C 221 9.45 36.26 16.59
CA VAL C 221 10.62 37.02 16.99
C VAL C 221 11.64 36.18 17.75
N ALA C 222 11.23 35.01 18.27
CA ALA C 222 12.18 34.13 18.94
C ALA C 222 13.34 33.73 18.04
N GLY C 223 13.14 33.72 16.73
CA GLY C 223 14.21 33.33 15.83
C GLY C 223 15.34 34.34 15.76
N LEU C 224 15.04 35.61 16.04
CA LEU C 224 16.05 36.65 15.95
C LEU C 224 17.13 36.46 17.02
N ALA C 225 16.71 36.21 18.26
CA ALA C 225 17.67 36.11 19.36
C ALA C 225 18.55 34.87 19.21
N LEU C 226 18.00 33.78 18.69
CA LEU C 226 18.80 32.57 18.49
C LEU C 226 19.88 32.80 17.45
N ILE C 227 19.55 33.46 16.36
CA ILE C 227 20.53 33.73 15.31
C ILE C 227 21.63 34.64 15.84
N LYS C 228 21.25 35.69 16.57
CA LYS C 228 22.25 36.61 17.12
C LYS C 228 23.18 35.90 18.08
N LYS C 229 22.67 34.96 18.87
CA LYS C 229 23.50 34.33 19.89
C LYS C 229 24.43 33.26 19.30
N TYR C 230 23.91 32.40 18.42
CA TYR C 230 24.66 31.23 17.98
C TYR C 230 25.24 31.34 16.58
N TYR C 231 24.74 32.25 15.75
CA TYR C 231 25.19 32.33 14.37
C TYR C 231 25.75 33.71 14.02
N GLY C 232 24.96 34.77 14.15
CA GLY C 232 25.44 36.10 13.85
C GLY C 232 25.25 36.53 12.41
N THR C 233 24.87 37.79 12.20
CA THR C 233 24.70 38.34 10.87
C THR C 233 25.29 39.73 10.82
N LYS C 234 25.78 40.11 9.63
CA LYS C 234 26.27 41.48 9.43
C LYS C 234 25.13 42.49 9.50
N ASP C 235 23.94 42.10 9.04
CA ASP C 235 22.77 42.95 9.17
C ASP C 235 22.43 43.15 10.64
N PRO C 236 21.72 44.23 10.98
CA PRO C 236 21.33 44.43 12.38
C PRO C 236 20.34 43.39 12.88
N VAL C 237 19.54 42.80 12.00
CA VAL C 237 18.56 41.79 12.37
C VAL C 237 18.37 40.86 11.19
N PRO C 238 18.18 39.55 11.41
CA PRO C 238 18.00 38.64 10.27
C PRO C 238 16.59 38.64 9.68
N GLY C 239 15.59 39.10 10.42
CA GLY C 239 14.22 39.05 9.94
C GLY C 239 13.48 40.33 10.26
N TYR C 240 12.43 40.58 9.49
CA TYR C 240 11.70 41.84 9.56
C TYR C 240 10.20 41.57 9.56
N SER C 241 9.45 42.56 10.03
CA SER C 241 7.99 42.49 10.03
C SER C 241 7.44 43.89 9.80
N VAL C 242 6.11 43.96 9.66
CA VAL C 242 5.40 45.21 9.41
C VAL C 242 4.16 45.24 10.29
N PRO C 243 3.60 46.43 10.52
CA PRO C 243 2.36 46.51 11.30
C PRO C 243 1.26 45.71 10.63
N ALA C 244 0.46 45.05 11.46
CA ALA C 244 -0.59 44.18 10.96
C ALA C 244 -1.68 44.07 12.02
N ALA C 245 -2.93 44.05 11.58
CA ALA C 245 -4.06 43.88 12.47
C ALA C 245 -4.34 42.40 12.69
N GLU C 246 -4.93 42.09 13.83
CA GLU C 246 -5.52 40.80 14.10
C GLU C 246 -7.03 40.98 14.26
N HIS C 247 -7.75 39.86 14.34
CA HIS C 247 -9.20 39.97 14.44
C HIS C 247 -9.63 40.77 15.67
N SER C 248 -8.88 40.67 16.78
CA SER C 248 -9.29 41.35 18.00
C SER C 248 -9.27 42.86 17.83
N THR C 249 -8.30 43.40 17.09
CA THR C 249 -8.25 44.85 16.92
C THR C 249 -9.23 45.36 15.88
N ILE C 250 -9.91 44.47 15.14
CA ILE C 250 -10.99 44.85 14.25
C ILE C 250 -12.31 44.71 15.02
N THR C 251 -12.56 43.52 15.54
CA THR C 251 -13.84 43.23 16.17
C THR C 251 -14.03 43.98 17.49
N ALA C 252 -12.96 44.49 18.10
CA ALA C 252 -13.14 45.27 19.32
C ALA C 252 -13.98 46.51 19.10
N TRP C 253 -14.02 47.01 17.87
CA TRP C 253 -14.80 48.20 17.55
C TRP C 253 -16.29 47.92 17.47
N GLY C 254 -16.70 46.66 17.41
CA GLY C 254 -18.09 46.31 17.22
C GLY C 254 -18.38 45.98 15.76
N LYS C 255 -19.33 45.07 15.55
CA LYS C 255 -19.60 44.57 14.20
C LYS C 255 -20.09 45.69 13.28
N ASP C 256 -20.83 46.66 13.81
CA ASP C 256 -21.31 47.77 12.99
C ASP C 256 -20.22 48.77 12.64
N HIS C 257 -19.01 48.61 13.19
CA HIS C 257 -17.97 49.61 13.06
C HIS C 257 -16.69 49.00 12.51
N GLU C 258 -16.82 48.04 11.59
CA GLU C 258 -15.64 47.52 10.92
C GLU C 258 -14.97 48.60 10.08
N LYS C 259 -15.76 49.41 9.39
CA LYS C 259 -15.17 50.52 8.63
C LYS C 259 -14.39 51.47 9.54
N ASP C 260 -14.93 51.75 10.72
CA ASP C 260 -14.22 52.63 11.65
C ASP C 260 -12.88 52.04 12.06
N ALA C 261 -12.84 50.73 12.30
CA ALA C 261 -11.56 50.08 12.61
C ALA C 261 -10.60 50.17 11.43
N PHE C 262 -11.09 49.86 10.22
CA PHE C 262 -10.25 49.96 9.03
C PHE C 262 -9.72 51.38 8.85
N GLU C 263 -10.56 52.39 9.03
CA GLU C 263 -10.11 53.76 8.85
C GLU C 263 -9.06 54.14 9.88
N HIS C 264 -9.28 53.76 11.14
CA HIS C 264 -8.32 54.10 12.20
C HIS C 264 -6.96 53.46 11.95
N ILE C 265 -6.94 52.18 11.59
CA ILE C 265 -5.68 51.47 11.49
C ILE C 265 -4.86 51.97 10.30
N VAL C 266 -5.49 52.18 9.14
CA VAL C 266 -4.69 52.65 8.00
C VAL C 266 -4.23 54.09 8.25
N THR C 267 -4.98 54.89 9.00
CA THR C 267 -4.54 56.24 9.33
C THR C 267 -3.40 56.21 10.35
N GLN C 268 -3.49 55.33 11.36
CA GLN C 268 -2.41 55.17 12.32
C GLN C 268 -1.10 54.81 11.63
N PHE C 269 -1.17 53.96 10.60
CA PHE C 269 0.02 53.53 9.89
C PHE C 269 -0.07 53.96 8.43
N SER C 270 -0.12 55.27 8.21
CA SER C 270 -0.35 55.81 6.88
C SER C 270 0.91 55.92 6.04
N SER C 271 2.09 55.80 6.64
CA SER C 271 3.35 55.98 5.94
C SER C 271 4.20 54.71 5.89
N VAL C 272 3.68 53.58 6.37
CA VAL C 272 4.38 52.30 6.29
C VAL C 272 3.39 51.27 5.74
N PRO C 273 3.89 50.14 5.24
CA PRO C 273 2.98 49.05 4.87
C PRO C 273 2.20 48.59 6.09
N VAL C 274 0.95 48.19 5.86
CA VAL C 274 0.12 47.68 6.95
C VAL C 274 -0.83 46.63 6.41
N SER C 275 -0.85 45.47 7.06
CA SER C 275 -1.79 44.39 6.76
C SER C 275 -3.03 44.51 7.64
N VAL C 276 -4.21 44.40 7.04
CA VAL C 276 -5.47 44.53 7.75
C VAL C 276 -6.33 43.32 7.43
N VAL C 277 -6.54 42.45 8.42
CA VAL C 277 -7.40 41.29 8.21
C VAL C 277 -8.82 41.76 7.95
N SER C 278 -9.43 41.23 6.90
CA SER C 278 -10.64 41.80 6.33
C SER C 278 -11.81 40.83 6.29
N ASP C 279 -11.68 39.66 6.91
CA ASP C 279 -12.70 38.63 6.84
C ASP C 279 -13.47 38.43 8.15
N SER C 280 -13.41 39.41 9.06
CA SER C 280 -14.04 39.25 10.37
C SER C 280 -15.52 38.90 10.23
N TYR C 281 -16.19 39.48 9.22
CA TYR C 281 -17.61 39.24 9.03
C TYR C 281 -17.91 38.81 7.60
N ASP C 282 -17.37 39.54 6.62
CA ASP C 282 -17.65 39.24 5.21
C ASP C 282 -16.51 39.84 4.38
N ILE C 283 -15.56 38.97 3.98
CA ILE C 283 -14.39 39.43 3.26
C ILE C 283 -14.78 40.10 1.95
N TYR C 284 -15.77 39.55 1.26
CA TYR C 284 -16.14 40.11 -0.04
C TYR C 284 -16.81 41.46 0.11
N ASN C 285 -17.62 41.63 1.16
CA ASN C 285 -18.19 42.94 1.46
C ASN C 285 -17.11 43.95 1.83
N ALA C 286 -16.12 43.52 2.62
CA ALA C 286 -15.07 44.45 3.04
C ALA C 286 -14.26 44.93 1.85
N CYS C 287 -13.96 44.04 0.90
CA CYS C 287 -13.20 44.43 -0.27
C CYS C 287 -14.00 45.31 -1.21
N GLU C 288 -15.26 44.92 -1.48
CA GLU C 288 -16.05 45.64 -2.48
C GLU C 288 -16.56 46.96 -1.93
N LYS C 289 -17.10 46.96 -0.73
CA LYS C 289 -17.82 48.10 -0.17
C LYS C 289 -16.99 48.97 0.75
N ILE C 290 -16.17 48.39 1.62
CA ILE C 290 -15.45 49.19 2.61
C ILE C 290 -14.14 49.69 1.99
N TRP C 291 -13.28 48.78 1.55
CA TRP C 291 -12.05 49.20 0.90
C TRP C 291 -12.32 49.81 -0.47
N GLY C 292 -13.19 49.19 -1.26
CA GLY C 292 -13.38 49.61 -2.63
C GLY C 292 -14.29 50.80 -2.84
N GLU C 293 -14.92 51.30 -1.76
CA GLU C 293 -15.86 52.40 -1.90
C GLU C 293 -15.76 53.37 -0.73
N ASP C 294 -16.11 52.91 0.48
CA ASP C 294 -16.19 53.79 1.64
C ASP C 294 -14.83 54.44 1.96
N LEU C 295 -13.77 53.63 1.96
CA LEU C 295 -12.45 54.10 2.33
C LEU C 295 -11.49 54.14 1.14
N ARG C 296 -12.01 54.06 -0.08
CA ARG C 296 -11.15 54.06 -1.27
C ARG C 296 -10.27 55.30 -1.31
N HIS C 297 -10.80 56.45 -0.89
CA HIS C 297 -10.01 57.68 -0.93
C HIS C 297 -8.80 57.63 -0.01
N LEU C 298 -8.80 56.74 0.98
CA LEU C 298 -7.66 56.58 1.87
C LEU C 298 -6.65 55.56 1.35
N ILE C 299 -7.01 54.78 0.33
CA ILE C 299 -6.10 53.77 -0.20
C ILE C 299 -5.32 54.29 -1.38
N VAL C 300 -6.01 54.87 -2.37
CA VAL C 300 -5.36 55.35 -3.59
C VAL C 300 -4.38 56.48 -3.32
N SER C 301 -4.40 57.06 -2.13
CA SER C 301 -3.47 58.14 -1.77
C SER C 301 -2.20 57.62 -1.11
N ARG C 302 -2.09 56.32 -0.85
CA ARG C 302 -0.92 55.79 -0.18
C ARG C 302 0.25 55.65 -1.15
N SER C 303 1.46 55.59 -0.59
CA SER C 303 2.66 55.53 -1.41
C SER C 303 3.02 54.09 -1.75
N THR C 304 3.84 53.95 -2.80
CA THR C 304 4.30 52.65 -3.24
C THR C 304 5.01 51.88 -2.14
N GLN C 305 5.72 52.58 -1.26
CA GLN C 305 6.43 51.91 -0.18
C GLN C 305 5.59 51.78 1.09
N ALA C 306 4.30 52.11 1.03
CA ALA C 306 3.40 51.93 2.17
C ALA C 306 2.03 51.41 1.69
N PRO C 307 2.00 50.27 1.02
CA PRO C 307 0.72 49.75 0.51
C PRO C 307 -0.18 49.29 1.64
N LEU C 308 -1.48 49.27 1.34
CA LEU C 308 -2.42 48.49 2.12
C LEU C 308 -2.32 47.04 1.69
N ILE C 309 -2.15 46.14 2.66
CA ILE C 309 -2.06 44.71 2.39
C ILE C 309 -3.33 44.08 2.96
N ILE C 310 -4.28 43.77 2.09
CA ILE C 310 -5.54 43.16 2.51
C ILE C 310 -5.29 41.70 2.82
N ARG C 311 -5.81 41.21 3.96
CA ARG C 311 -5.58 39.84 4.40
C ARG C 311 -6.88 39.08 4.56
N PRO C 312 -7.26 38.23 3.61
CA PRO C 312 -8.28 37.22 3.90
C PRO C 312 -7.70 36.18 4.85
N ASP C 313 -8.60 35.42 5.50
CA ASP C 313 -8.14 34.46 6.49
C ASP C 313 -9.08 33.26 6.64
N SER C 314 -9.94 33.00 5.67
CA SER C 314 -10.90 31.91 5.82
C SER C 314 -11.43 31.53 4.45
N GLY C 315 -12.03 30.34 4.39
CA GLY C 315 -12.52 29.78 3.15
C GLY C 315 -11.43 29.03 2.42
N ASN C 316 -11.80 28.49 1.26
CA ASN C 316 -10.82 27.80 0.43
C ASN C 316 -9.71 28.78 0.05
N PRO C 317 -8.44 28.48 0.35
CA PRO C 317 -7.38 29.49 0.14
C PRO C 317 -7.28 29.99 -1.29
N LEU C 318 -7.28 29.10 -2.28
CA LEU C 318 -7.19 29.54 -3.66
C LEU C 318 -8.45 30.27 -4.09
N ASP C 319 -9.62 29.70 -3.79
CA ASP C 319 -10.88 30.32 -4.18
C ASP C 319 -11.02 31.72 -3.60
N THR C 320 -10.61 31.91 -2.34
CA THR C 320 -10.75 33.21 -1.70
C THR C 320 -9.79 34.22 -2.30
N VAL C 321 -8.55 33.81 -2.58
CA VAL C 321 -7.59 34.74 -3.16
C VAL C 321 -8.05 35.20 -4.53
N LEU C 322 -8.54 34.27 -5.35
CA LEU C 322 -9.03 34.64 -6.68
C LEU C 322 -10.22 35.59 -6.58
N LYS C 323 -11.12 35.34 -5.63
CA LYS C 323 -12.29 36.21 -5.49
C LYS C 323 -11.90 37.60 -5.00
N VAL C 324 -10.93 37.68 -4.08
CA VAL C 324 -10.46 38.97 -3.58
C VAL C 324 -9.80 39.77 -4.70
N LEU C 325 -8.97 39.11 -5.51
CA LEU C 325 -8.28 39.82 -6.58
C LEU C 325 -9.26 40.34 -7.62
N GLU C 326 -10.29 39.56 -7.94
CA GLU C 326 -11.30 40.00 -8.90
C GLU C 326 -12.05 41.22 -8.37
N ILE C 327 -12.49 41.17 -7.11
CA ILE C 327 -13.22 42.28 -6.53
C ILE C 327 -12.36 43.54 -6.52
N LEU C 328 -11.11 43.42 -6.05
CA LEU C 328 -10.22 44.57 -5.99
C LEU C 328 -9.91 45.11 -7.38
N GLY C 329 -9.72 44.21 -8.36
CA GLY C 329 -9.45 44.66 -9.71
C GLY C 329 -10.61 45.41 -10.33
N LYS C 330 -11.82 45.16 -9.85
CA LYS C 330 -12.99 45.89 -10.32
C LYS C 330 -13.07 47.30 -9.76
N LYS C 331 -12.48 47.54 -8.59
CA LYS C 331 -12.61 48.82 -7.90
C LYS C 331 -11.38 49.71 -8.03
N PHE C 332 -10.22 49.15 -8.36
CA PHE C 332 -8.98 49.89 -8.47
C PHE C 332 -8.37 49.71 -9.85
N PRO C 333 -7.56 50.66 -10.31
CA PRO C 333 -6.99 50.57 -11.67
C PRO C 333 -5.93 49.48 -11.76
N VAL C 334 -6.21 48.46 -12.56
CA VAL C 334 -5.29 47.35 -12.77
C VAL C 334 -4.52 47.61 -14.05
N THR C 335 -3.21 47.41 -14.00
CA THR C 335 -2.35 47.55 -15.17
C THR C 335 -1.87 46.17 -15.59
N GLU C 336 -1.16 46.16 -16.72
CA GLU C 336 -0.60 44.93 -17.27
C GLU C 336 0.91 45.08 -17.29
N ASN C 337 1.61 44.16 -16.63
CA ASN C 337 3.06 44.26 -16.55
C ASN C 337 3.69 43.77 -17.85
N SER C 338 5.02 43.81 -17.90
CA SER C 338 5.75 43.53 -19.13
C SER C 338 5.60 42.09 -19.58
N LYS C 339 5.13 41.19 -18.71
CA LYS C 339 4.90 39.81 -19.08
C LYS C 339 3.45 39.54 -19.48
N GLY C 340 2.59 40.56 -19.45
CA GLY C 340 1.20 40.38 -19.78
C GLY C 340 0.29 39.98 -18.64
N TYR C 341 0.79 39.99 -17.41
CA TYR C 341 -0.01 39.59 -16.25
C TYR C 341 -0.56 40.82 -15.53
N LYS C 342 -1.72 40.63 -14.90
CA LYS C 342 -2.44 41.74 -14.29
C LYS C 342 -1.81 42.12 -12.97
N LEU C 343 -1.72 43.44 -12.73
CA LEU C 343 -1.03 43.98 -11.56
C LEU C 343 -1.93 45.01 -10.89
N LEU C 344 -2.19 44.80 -9.60
CA LEU C 344 -2.88 45.80 -8.80
C LEU C 344 -2.02 47.06 -8.70
N PRO C 345 -2.63 48.21 -8.38
CA PRO C 345 -1.83 49.41 -8.19
C PRO C 345 -0.84 49.22 -7.04
N PRO C 346 0.28 49.93 -7.07
CA PRO C 346 1.35 49.65 -6.10
C PRO C 346 0.99 49.96 -4.66
N TYR C 347 -0.10 50.67 -4.39
CA TYR C 347 -0.53 50.94 -3.02
C TYR C 347 -1.45 49.86 -2.46
N LEU C 348 -1.64 48.76 -3.18
CA LEU C 348 -2.61 47.73 -2.77
C LEU C 348 -2.03 46.36 -3.03
N ARG C 349 -2.00 45.51 -1.99
CA ARG C 349 -1.46 44.16 -2.08
C ARG C 349 -2.36 43.23 -1.27
N VAL C 350 -2.11 41.92 -1.41
CA VAL C 350 -2.85 40.89 -0.70
C VAL C 350 -1.86 39.96 -0.01
N ILE C 351 -2.22 39.47 1.17
CA ILE C 351 -1.45 38.42 1.83
C ILE C 351 -2.40 37.31 2.25
N GLN C 352 -2.15 36.10 1.79
CA GLN C 352 -2.89 34.92 2.21
C GLN C 352 -2.13 34.29 3.37
N GLY C 353 -2.70 34.34 4.56
CA GLY C 353 -2.03 33.81 5.73
C GLY C 353 -2.76 32.65 6.39
N ASP C 354 -3.66 32.00 5.65
CA ASP C 354 -4.48 30.93 6.21
C ASP C 354 -4.37 29.68 5.34
N GLY C 355 -4.16 28.53 5.98
CA GLY C 355 -4.13 27.26 5.28
C GLY C 355 -3.02 27.11 4.26
N VAL C 356 -1.91 27.83 4.45
CA VAL C 356 -0.79 27.77 3.51
C VAL C 356 0.23 26.73 3.98
N ASP C 357 0.48 25.74 3.13
CA ASP C 357 1.63 24.86 3.28
C ASP C 357 2.23 24.69 1.88
N ILE C 358 3.22 23.80 1.76
CA ILE C 358 3.89 23.68 0.46
C ILE C 358 2.93 23.20 -0.61
N ASN C 359 1.95 22.37 -0.25
CA ASN C 359 0.99 21.88 -1.23
C ASN C 359 0.03 22.98 -1.67
N THR C 360 -0.56 23.71 -0.71
CA THR C 360 -1.55 24.71 -1.09
C THR C 360 -0.90 25.97 -1.68
N LEU C 361 0.35 26.27 -1.30
CA LEU C 361 1.06 27.38 -1.91
C LEU C 361 1.20 27.18 -3.41
N GLN C 362 1.63 25.99 -3.82
CA GLN C 362 1.71 25.63 -5.24
C GLN C 362 0.36 25.81 -5.92
N GLU C 363 -0.71 25.30 -5.29
CA GLU C 363 -2.03 25.38 -5.89
C GLU C 363 -2.48 26.84 -6.06
N ILE C 364 -2.15 27.69 -5.09
CA ILE C 364 -2.59 29.08 -5.16
C ILE C 364 -1.87 29.83 -6.27
N VAL C 365 -0.53 29.73 -6.33
CA VAL C 365 0.18 30.51 -7.35
C VAL C 365 -0.17 29.99 -8.75
N GLU C 366 -0.43 28.69 -8.90
CA GLU C 366 -0.82 28.18 -10.21
C GLU C 366 -2.20 28.69 -10.61
N GLY C 367 -3.13 28.77 -9.65
CA GLY C 367 -4.46 29.28 -9.95
C GLY C 367 -4.44 30.75 -10.31
N MET C 368 -3.61 31.55 -9.62
CA MET C 368 -3.44 32.95 -10.00
C MET C 368 -2.87 33.07 -11.40
N LYS C 369 -1.83 32.28 -11.69
CA LYS C 369 -1.23 32.30 -13.03
C LYS C 369 -2.27 31.98 -14.10
N GLN C 370 -3.11 30.97 -13.84
CA GLN C 370 -4.15 30.60 -14.81
C GLN C 370 -5.16 31.72 -15.00
N LYS C 371 -5.40 32.53 -13.97
CA LYS C 371 -6.26 33.69 -14.09
C LYS C 371 -5.50 34.95 -14.49
N MET C 372 -4.24 34.79 -14.89
CA MET C 372 -3.39 35.88 -15.40
C MET C 372 -3.15 36.97 -14.36
N TRP C 373 -3.11 36.59 -13.09
CA TRP C 373 -2.70 37.50 -12.02
C TRP C 373 -1.21 37.29 -11.75
N SER C 374 -0.47 38.39 -11.68
CA SER C 374 0.95 38.29 -11.37
C SER C 374 1.15 37.93 -9.90
N ILE C 375 2.21 37.16 -9.63
CA ILE C 375 2.57 36.84 -8.25
C ILE C 375 3.09 38.05 -7.49
N GLU C 376 3.37 39.16 -8.20
CA GLU C 376 3.71 40.41 -7.53
C GLU C 376 2.60 40.87 -6.59
N ASN C 377 1.36 40.49 -6.89
CA ASN C 377 0.21 40.96 -6.12
C ASN C 377 0.11 40.33 -4.75
N ILE C 378 0.76 39.18 -4.53
CA ILE C 378 0.44 38.33 -3.41
C ILE C 378 1.69 38.04 -2.58
N ALA C 379 1.50 37.89 -1.28
CA ALA C 379 2.48 37.34 -0.37
C ALA C 379 1.80 36.26 0.46
N PHE C 380 2.57 35.45 1.16
CA PHE C 380 1.99 34.34 1.91
C PHE C 380 2.49 34.35 3.34
N GLY C 381 1.59 33.97 4.26
CA GLY C 381 1.94 33.69 5.64
C GLY C 381 1.63 32.25 5.95
N SER C 382 2.57 31.57 6.59
CA SER C 382 2.40 30.16 6.94
C SER C 382 2.83 29.98 8.39
N GLY C 383 2.03 29.26 9.16
CA GLY C 383 2.34 29.03 10.56
C GLY C 383 2.64 27.57 10.86
N GLY C 384 1.62 26.82 11.29
CA GLY C 384 1.81 25.40 11.54
C GLY C 384 2.36 24.66 10.34
N GLY C 385 1.88 25.02 9.14
CA GLY C 385 2.37 24.37 7.93
C GLY C 385 3.85 24.57 7.68
N LEU C 386 4.40 25.67 8.20
CA LEU C 386 5.80 26.02 8.01
C LEU C 386 6.70 25.47 9.11
N LEU C 387 6.22 25.45 10.36
CA LEU C 387 7.07 25.18 11.50
C LEU C 387 6.66 23.98 12.35
N GLN C 388 5.46 23.44 12.17
CA GLN C 388 4.98 22.36 13.04
C GLN C 388 4.58 21.10 12.29
N LYS C 389 3.94 21.21 11.12
CA LYS C 389 3.45 20.05 10.39
C LYS C 389 4.59 19.39 9.61
N LEU C 390 5.60 18.96 10.36
CA LEU C 390 6.79 18.33 9.81
C LEU C 390 7.25 17.26 10.76
N THR C 391 7.78 16.17 10.23
CA THR C 391 8.24 15.05 11.05
C THR C 391 9.60 14.59 10.55
N ARG C 392 10.28 13.86 11.43
CA ARG C 392 11.57 13.27 11.09
C ARG C 392 11.45 12.31 9.91
N ASP C 393 10.26 11.74 9.68
CA ASP C 393 10.03 10.82 8.58
C ASP C 393 10.11 11.49 7.21
N LEU C 394 9.86 12.80 7.14
CA LEU C 394 9.77 13.46 5.85
C LEU C 394 11.08 13.31 5.06
N LEU C 395 12.21 13.53 5.72
CA LEU C 395 13.52 13.36 5.09
C LEU C 395 14.25 12.11 5.58
N ASN C 396 13.59 11.27 6.37
CA ASN C 396 14.19 10.05 6.92
C ASN C 396 15.52 10.33 7.60
N CYS C 397 15.51 11.33 8.49
CA CYS C 397 16.70 11.68 9.24
C CYS C 397 17.01 10.58 10.25
N SER C 398 18.24 10.05 10.19
CA SER C 398 18.56 8.87 10.99
C SER C 398 20.04 8.86 11.36
N PHE C 399 20.32 8.30 12.54
CA PHE C 399 21.64 8.21 13.14
C PHE C 399 21.97 6.73 13.32
N LYS C 400 23.12 6.30 12.81
CA LYS C 400 23.44 4.87 12.82
C LYS C 400 24.94 4.67 13.03
N CYS C 401 25.29 3.62 13.76
CA CYS C 401 26.68 3.24 13.92
C CYS C 401 27.15 2.46 12.70
N SER C 402 28.29 2.87 12.13
CA SER C 402 28.81 2.21 10.94
C SER C 402 30.21 1.62 11.12
N TYR C 403 30.87 1.88 12.24
CA TYR C 403 32.24 1.41 12.44
C TYR C 403 32.50 1.30 13.93
N VAL C 404 33.05 0.17 14.36
CA VAL C 404 33.47 -0.01 15.74
C VAL C 404 34.87 -0.63 15.73
N VAL C 405 35.57 -0.46 16.84
CA VAL C 405 36.84 -1.14 17.08
C VAL C 405 36.68 -1.97 18.34
N THR C 406 36.90 -3.27 18.22
CA THR C 406 36.81 -4.19 19.35
C THR C 406 38.05 -5.09 19.33
N ASN C 407 38.71 -5.20 20.48
CA ASN C 407 39.98 -5.92 20.59
C ASN C 407 41.02 -5.39 19.61
N GLY C 408 40.99 -4.08 19.32
CA GLY C 408 41.92 -3.48 18.39
C GLY C 408 41.62 -3.70 16.92
N LEU C 409 40.55 -4.42 16.59
CA LEU C 409 40.20 -4.69 15.20
C LEU C 409 39.04 -3.79 14.77
N GLY C 410 39.24 -3.05 13.69
CA GLY C 410 38.15 -2.29 13.11
C GLY C 410 37.18 -3.19 12.35
N ILE C 411 35.89 -2.91 12.51
CA ILE C 411 34.83 -3.70 11.89
C ILE C 411 33.81 -2.75 11.29
N ASN C 412 33.48 -2.95 10.01
CA ASN C 412 32.43 -2.17 9.36
C ASN C 412 31.09 -2.80 9.64
N VAL C 413 30.21 -2.06 10.33
CA VAL C 413 28.94 -2.60 10.79
C VAL C 413 27.78 -1.79 10.19
N PHE C 414 26.59 -2.38 10.24
CA PHE C 414 25.43 -1.82 9.56
C PHE C 414 24.21 -2.68 9.87
N LYS C 415 23.03 -2.09 9.69
CA LYS C 415 21.78 -2.83 9.72
C LYS C 415 21.25 -3.00 8.31
N ASP C 416 20.51 -4.08 8.10
CA ASP C 416 20.02 -4.44 6.77
C ASP C 416 18.73 -5.24 6.93
N PRO C 417 17.65 -4.61 7.38
CA PRO C 417 16.44 -5.36 7.71
C PRO C 417 15.85 -6.02 6.47
N VAL C 418 15.42 -7.27 6.63
CA VAL C 418 15.02 -8.07 5.48
C VAL C 418 13.76 -7.50 4.82
N ALA C 419 12.85 -6.92 5.59
CA ALA C 419 11.58 -6.45 5.05
C ALA C 419 11.56 -4.97 4.71
N ASP C 420 12.70 -4.27 4.78
CA ASP C 420 12.76 -2.86 4.39
C ASP C 420 14.17 -2.51 3.96
N PRO C 421 14.48 -2.69 2.67
CA PRO C 421 15.81 -2.31 2.17
C PRO C 421 16.08 -0.82 2.23
N ASN C 422 15.06 0.02 2.36
CA ASN C 422 15.28 1.46 2.48
C ASN C 422 15.89 1.83 3.83
N LYS C 423 15.87 0.91 4.80
CA LYS C 423 16.47 1.16 6.10
C LYS C 423 17.89 0.59 6.22
N ARG C 424 18.45 0.05 5.16
CA ARG C 424 19.84 -0.36 5.20
C ARG C 424 20.73 0.85 5.40
N SER C 425 21.70 0.73 6.31
CA SER C 425 22.59 1.83 6.61
C SER C 425 23.98 1.57 6.04
N LYS C 426 24.79 2.62 5.98
CA LYS C 426 26.11 2.56 5.37
C LYS C 426 27.11 1.89 6.31
N LYS C 427 28.18 1.38 5.71
CA LYS C 427 29.18 0.58 6.41
C LYS C 427 30.51 1.31 6.44
N GLY C 428 31.20 1.23 7.57
CA GLY C 428 32.56 1.72 7.67
C GLY C 428 32.67 3.22 7.86
N ARG C 429 33.91 3.69 7.79
CA ARG C 429 34.19 5.11 7.91
C ARG C 429 33.76 5.82 6.63
N LEU C 430 33.09 6.96 6.80
CA LEU C 430 32.42 7.64 5.69
C LEU C 430 33.11 8.96 5.36
N SER C 431 32.93 9.40 4.12
CA SER C 431 33.38 10.72 3.68
C SER C 431 32.44 11.20 2.58
N LEU C 432 32.31 12.51 2.46
CA LEU C 432 31.43 13.14 1.48
C LEU C 432 32.26 13.84 0.43
N HIS C 433 31.89 13.63 -0.84
CA HIS C 433 32.69 14.14 -1.94
C HIS C 433 31.79 14.71 -3.03
N ARG C 434 32.29 15.76 -3.68
CA ARG C 434 31.62 16.36 -4.82
C ARG C 434 32.34 15.92 -6.09
N THR C 435 31.56 15.50 -7.09
CA THR C 435 32.13 15.02 -8.35
C THR C 435 32.37 16.17 -9.30
N PRO C 436 33.21 15.98 -10.33
CA PRO C 436 33.43 17.06 -11.31
C PRO C 436 32.14 17.59 -11.93
N ALA C 437 31.19 16.72 -12.24
CA ALA C 437 29.92 17.16 -12.81
C ALA C 437 29.00 17.82 -11.79
N GLY C 438 29.42 17.93 -10.53
CA GLY C 438 28.62 18.57 -9.51
C GLY C 438 27.70 17.65 -8.74
N ASN C 439 27.86 16.34 -8.87
CA ASN C 439 27.08 15.39 -8.08
C ASN C 439 27.77 15.16 -6.74
N PHE C 440 27.12 14.38 -5.88
CA PHE C 440 27.64 14.09 -4.55
C PHE C 440 27.70 12.59 -4.34
N VAL C 441 28.78 12.12 -3.73
CA VAL C 441 28.96 10.70 -3.44
C VAL C 441 29.46 10.56 -2.01
N THR C 442 28.85 9.65 -1.27
CA THR C 442 29.34 9.23 0.04
C THR C 442 30.16 7.96 -0.15
N LEU C 443 31.44 8.01 0.20
CA LEU C 443 32.29 6.84 0.11
C LEU C 443 32.27 6.09 1.44
N GLU C 444 32.13 4.78 1.38
CA GLU C 444 32.01 3.91 2.54
C GLU C 444 33.30 3.12 2.73
N GLU C 445 33.38 2.43 3.86
CA GLU C 445 34.47 1.50 4.16
C GLU C 445 35.83 2.20 4.14
N GLY C 446 35.84 3.50 4.44
CA GLY C 446 37.08 4.25 4.46
C GLY C 446 37.68 4.52 3.11
N LYS C 447 36.97 4.22 2.02
CA LYS C 447 37.52 4.35 0.67
C LYS C 447 37.79 5.79 0.28
N GLY C 448 37.32 6.76 1.07
CA GLY C 448 37.67 8.16 0.81
C GLY C 448 39.12 8.50 1.13
N ASP C 449 39.81 7.64 1.88
CA ASP C 449 41.22 7.87 2.17
C ASP C 449 42.07 7.91 0.90
N LEU C 450 41.62 7.22 -0.15
CA LEU C 450 42.27 7.23 -1.46
C LEU C 450 42.02 8.52 -2.24
N GLU C 451 41.42 9.53 -1.61
CA GLU C 451 41.01 10.77 -2.26
C GLU C 451 40.10 10.46 -3.45
N GLU C 452 40.68 10.42 -4.66
CA GLU C 452 39.96 10.12 -5.90
C GLU C 452 38.90 11.17 -6.23
N TYR C 453 37.99 11.43 -5.29
CA TYR C 453 36.91 12.38 -5.49
C TYR C 453 37.15 13.70 -4.77
N GLY C 454 38.39 14.11 -4.62
CA GLY C 454 38.70 15.35 -3.95
C GLY C 454 38.59 15.25 -2.44
N GLN C 455 38.76 16.39 -1.79
CA GLN C 455 38.78 16.45 -0.33
C GLN C 455 37.40 16.12 0.25
N ASP C 456 37.42 15.51 1.44
CA ASP C 456 36.20 15.25 2.20
C ASP C 456 35.51 16.56 2.55
N LEU C 457 34.22 16.65 2.27
CA LEU C 457 33.46 17.86 2.59
C LEU C 457 33.08 17.95 4.06
N LEU C 458 33.30 16.89 4.83
CA LEU C 458 33.08 16.96 6.27
C LEU C 458 34.25 17.67 6.94
N HIS C 459 33.94 18.65 7.79
CA HIS C 459 34.94 19.36 8.56
C HIS C 459 34.70 19.12 10.04
N THR C 460 35.77 19.09 10.82
CA THR C 460 35.61 18.97 12.27
C THR C 460 34.95 20.23 12.82
N VAL C 461 33.81 20.04 13.48
CA VAL C 461 33.11 21.15 14.10
C VAL C 461 33.12 21.08 15.62
N PHE C 462 33.42 19.91 16.20
CA PHE C 462 33.44 19.72 17.65
C PHE C 462 34.53 18.71 17.98
N LYS C 463 35.34 19.00 18.97
CA LYS C 463 36.37 18.05 19.40
C LYS C 463 36.71 18.33 20.86
N ASN C 464 36.37 17.37 21.72
CA ASN C 464 36.81 17.37 23.12
C ASN C 464 36.34 18.61 23.88
N GLY C 465 35.10 19.02 23.64
CA GLY C 465 34.46 20.05 24.42
C GLY C 465 34.48 21.43 23.81
N LYS C 466 35.09 21.61 22.65
CA LYS C 466 35.19 22.89 21.98
C LYS C 466 34.52 22.82 20.62
N VAL C 467 33.80 23.88 20.28
CA VAL C 467 33.33 24.10 18.91
C VAL C 467 34.51 24.61 18.09
N THR C 468 34.95 23.82 17.11
CA THR C 468 36.20 24.11 16.41
C THR C 468 36.00 24.81 15.08
N LYS C 469 34.78 24.92 14.59
CA LYS C 469 34.50 25.59 13.32
C LYS C 469 33.10 26.14 13.39
N SER C 470 32.94 27.44 13.17
CA SER C 470 31.66 28.12 13.27
C SER C 470 31.33 28.79 11.94
N TYR C 471 30.04 28.97 11.69
CA TYR C 471 29.57 29.61 10.47
C TYR C 471 28.61 30.74 10.82
N SER C 472 28.80 31.89 10.17
CA SER C 472 27.86 32.98 10.34
C SER C 472 26.57 32.68 9.58
N PHE C 473 25.47 33.32 10.01
CA PHE C 473 24.20 33.15 9.31
C PHE C 473 24.27 33.65 7.88
N ASP C 474 25.19 34.57 7.58
CA ASP C 474 25.33 35.06 6.22
C ASP C 474 25.97 34.00 5.32
N GLU C 475 26.98 33.29 5.81
CA GLU C 475 27.54 32.18 5.04
C GLU C 475 26.50 31.11 4.78
N ILE C 476 25.70 30.80 5.79
CA ILE C 476 24.66 29.78 5.66
C ILE C 476 23.66 30.19 4.59
N ARG C 477 23.21 31.45 4.64
CA ARG C 477 22.27 31.94 3.63
C ARG C 477 22.89 31.88 2.23
N LYS C 478 24.18 32.21 2.12
CA LYS C 478 24.87 32.13 0.83
C LYS C 478 24.96 30.70 0.34
N ASN C 479 25.31 29.76 1.23
CA ASN C 479 25.37 28.36 0.85
C ASN C 479 24.02 27.82 0.40
N ALA C 480 22.92 28.37 0.93
CA ALA C 480 21.59 27.83 0.69
C ALA C 480 20.86 28.50 -0.48
N GLN C 481 21.53 29.39 -1.22
CA GLN C 481 20.89 30.12 -2.31
C GLN C 481 20.31 29.17 -3.36
N LEU C 482 19.26 29.64 -4.04
CA LEU C 482 18.70 28.92 -5.17
C LEU C 482 19.59 29.07 -6.40
N ASN C 483 19.27 28.30 -7.44
CA ASN C 483 19.99 28.30 -8.71
C ASN C 483 21.42 27.79 -8.54
N PHE D 9 14.93 34.21 29.12
CA PHE D 9 13.61 34.42 28.53
C PHE D 9 13.13 35.84 28.79
N ASN D 10 12.57 36.47 27.76
CA ASN D 10 12.09 37.85 27.84
C ASN D 10 10.67 37.88 27.29
N ILE D 11 9.69 38.05 28.19
CA ILE D 11 8.29 38.01 27.79
C ILE D 11 7.97 39.08 26.76
N LEU D 12 8.73 40.18 26.77
CA LEU D 12 8.54 41.25 25.79
C LEU D 12 8.97 40.83 24.40
N LEU D 13 9.77 39.77 24.29
CA LEU D 13 10.15 39.18 23.00
C LEU D 13 9.53 37.81 22.80
N ALA D 14 8.42 37.51 23.48
CA ALA D 14 7.78 36.21 23.32
C ALA D 14 6.37 36.37 22.78
N THR D 15 6.21 37.16 21.72
CA THR D 15 4.91 37.40 21.12
C THR D 15 5.08 37.50 19.62
N ASP D 16 3.98 37.32 18.89
CA ASP D 16 3.99 37.58 17.46
C ASP D 16 4.32 39.04 17.22
N SER D 17 5.22 39.28 16.26
CA SER D 17 5.72 40.63 16.00
C SER D 17 4.59 41.65 15.84
N TYR D 18 3.52 41.28 15.13
CA TYR D 18 2.51 42.29 14.85
C TYR D 18 1.73 42.72 16.09
N LYS D 19 1.76 41.93 17.17
CA LYS D 19 1.11 42.36 18.40
C LYS D 19 1.81 43.55 19.03
N VAL D 20 3.07 43.81 18.67
CA VAL D 20 3.77 44.99 19.16
C VAL D 20 3.05 46.26 18.74
N THR D 21 2.28 46.21 17.66
CA THR D 21 1.63 47.39 17.10
C THR D 21 0.14 47.48 17.45
N HIS D 22 -0.42 46.50 18.16
CA HIS D 22 -1.86 46.46 18.35
C HIS D 22 -2.37 47.47 19.37
N TYR D 23 -1.53 47.97 20.27
CA TYR D 23 -2.03 48.90 21.27
C TYR D 23 -2.57 50.18 20.65
N LYS D 24 -2.06 50.55 19.46
CA LYS D 24 -2.54 51.72 18.73
C LYS D 24 -3.67 51.39 17.76
N GLN D 25 -4.18 50.14 17.76
CA GLN D 25 -5.23 49.75 16.83
C GLN D 25 -6.59 49.59 17.49
N TYR D 26 -6.62 49.41 18.81
CA TYR D 26 -7.86 49.28 19.55
C TYR D 26 -8.64 50.59 19.51
N PRO D 27 -9.96 50.52 19.72
CA PRO D 27 -10.74 51.74 19.82
C PRO D 27 -10.20 52.64 20.92
N PRO D 28 -10.09 53.94 20.67
CA PRO D 28 -9.59 54.86 21.69
C PRO D 28 -10.34 54.71 23.01
N ASN D 29 -9.60 54.91 24.11
CA ASN D 29 -10.14 54.79 25.46
C ASN D 29 -10.69 53.40 25.72
N THR D 30 -9.96 52.39 25.27
CA THR D 30 -10.29 51.01 25.60
C THR D 30 -9.73 50.68 26.98
N SER D 31 -10.60 50.18 27.87
CA SER D 31 -10.20 49.93 29.25
C SER D 31 -10.12 48.45 29.59
N LYS D 32 -10.85 47.59 28.89
CA LYS D 32 -10.83 46.16 29.18
C LYS D 32 -10.77 45.36 27.87
N VAL D 33 -9.94 44.32 27.88
CA VAL D 33 -9.93 43.32 26.82
C VAL D 33 -10.01 41.96 27.48
N TYR D 34 -11.06 41.21 27.16
CA TYR D 34 -11.36 39.91 27.75
C TYR D 34 -11.33 38.89 26.64
N SER D 35 -10.57 37.80 26.84
CA SER D 35 -10.32 36.83 25.78
C SER D 35 -10.45 35.43 26.36
N TYR D 36 -10.58 34.44 25.47
CA TYR D 36 -10.87 33.09 25.91
C TYR D 36 -10.23 32.08 24.96
N PHE D 37 -10.06 30.87 25.47
CA PHE D 37 -9.46 29.76 24.73
C PHE D 37 -10.45 28.61 24.69
N GLU D 38 -10.51 27.94 23.53
CA GLU D 38 -11.37 26.78 23.35
C GLU D 38 -10.71 25.86 22.33
N CYS D 39 -11.13 24.59 22.34
CA CYS D 39 -10.85 23.67 21.25
C CYS D 39 -12.10 23.67 20.38
N ARG D 40 -12.07 24.51 19.34
CA ARG D 40 -13.28 24.86 18.61
C ARG D 40 -13.97 23.63 18.04
N GLU D 41 -15.30 23.63 18.13
CA GLU D 41 -16.14 22.52 17.69
C GLU D 41 -16.23 22.46 16.17
N LYS D 53 -14.31 12.15 15.79
CA LYS D 53 -13.05 11.94 16.49
C LYS D 53 -12.63 13.18 17.28
N TYR D 54 -12.02 12.94 18.44
CA TYR D 54 -11.57 14.00 19.35
C TYR D 54 -12.74 14.88 19.78
N GLU D 55 -13.79 14.22 20.28
CA GLU D 55 -14.97 14.94 20.75
C GLU D 55 -14.77 15.56 22.13
N GLU D 56 -13.74 15.12 22.86
CA GLU D 56 -13.45 15.66 24.18
C GLU D 56 -11.95 15.85 24.33
N THR D 57 -11.56 16.87 25.08
CA THR D 57 -10.15 17.23 25.24
C THR D 57 -9.76 17.18 26.70
N VAL D 58 -8.51 16.78 26.94
CA VAL D 58 -7.91 16.87 28.27
C VAL D 58 -7.25 18.23 28.40
N PHE D 59 -7.66 19.01 29.40
CA PHE D 59 -7.02 20.30 29.64
C PHE D 59 -5.76 20.06 30.48
N TYR D 60 -4.59 20.28 29.88
CA TYR D 60 -3.33 20.07 30.57
C TYR D 60 -2.26 20.99 30.00
N GLY D 61 -1.45 21.55 30.88
CA GLY D 61 -0.24 22.26 30.49
C GLY D 61 -0.21 23.75 30.83
N LEU D 62 -1.34 24.35 31.21
CA LEU D 62 -1.33 25.79 31.48
C LEU D 62 -0.46 26.12 32.69
N GLN D 63 -0.51 25.25 33.71
CA GLN D 63 0.24 25.49 34.94
C GLN D 63 1.74 25.56 34.68
N TYR D 64 2.22 24.80 33.71
CA TYR D 64 3.61 24.91 33.28
C TYR D 64 3.91 26.30 32.72
N ILE D 65 3.04 26.78 31.82
CA ILE D 65 3.27 28.07 31.18
C ILE D 65 3.16 29.20 32.21
N LEU D 66 2.21 29.09 33.14
CA LEU D 66 2.05 30.12 34.17
C LEU D 66 3.32 30.26 35.01
N ASN D 67 3.86 29.13 35.48
CA ASN D 67 4.99 29.19 36.40
C ASN D 67 6.28 29.54 35.68
N LYS D 68 6.51 28.95 34.51
CA LYS D 68 7.80 29.13 33.85
C LYS D 68 7.95 30.52 33.24
N TYR D 69 6.86 31.09 32.72
CA TYR D 69 6.96 32.27 31.86
C TYR D 69 6.21 33.49 32.36
N LEU D 70 5.12 33.34 33.11
CA LEU D 70 4.25 34.47 33.40
C LEU D 70 4.28 34.97 34.84
N LYS D 71 4.74 34.16 35.79
CA LYS D 71 4.62 34.55 37.19
C LYS D 71 5.85 35.33 37.68
N GLY D 72 5.64 36.12 38.72
CA GLY D 72 6.71 36.88 39.33
C GLY D 72 7.03 38.15 38.56
N LYS D 73 8.25 38.64 38.78
CA LYS D 73 8.75 39.84 38.11
C LYS D 73 9.27 39.43 36.74
N VAL D 74 8.37 39.45 35.75
CA VAL D 74 8.76 39.09 34.39
C VAL D 74 9.16 40.29 33.56
N VAL D 75 9.00 41.50 34.08
CA VAL D 75 9.40 42.72 33.40
C VAL D 75 10.53 43.35 34.21
N THR D 76 11.64 43.66 33.54
CA THR D 76 12.75 44.36 34.17
C THR D 76 13.22 45.48 33.25
N LYS D 77 13.97 46.41 33.85
CA LYS D 77 14.58 47.51 33.11
C LYS D 77 15.35 46.99 31.90
N GLU D 78 16.17 45.96 32.10
CA GLU D 78 17.00 45.43 31.03
C GLU D 78 16.19 44.78 29.93
N LYS D 79 15.08 44.13 30.27
CA LYS D 79 14.28 43.44 29.26
C LYS D 79 13.53 44.43 28.38
N ILE D 80 13.04 45.53 28.96
CA ILE D 80 12.42 46.58 28.17
C ILE D 80 13.42 47.13 27.16
N GLN D 81 14.63 47.47 27.61
CA GLN D 81 15.63 47.99 26.70
C GLN D 81 16.03 46.96 25.64
N GLU D 82 16.11 45.69 26.02
CA GLU D 82 16.44 44.65 25.05
C GLU D 82 15.36 44.56 23.96
N ALA D 83 14.09 44.63 24.35
CA ALA D 83 13.00 44.57 23.37
C ALA D 83 12.99 45.80 22.48
N LYS D 84 13.14 46.98 23.09
CA LYS D 84 13.13 48.23 22.32
C LYS D 84 14.18 48.22 21.22
N ASP D 85 15.39 47.75 21.54
CA ASP D 85 16.45 47.72 20.55
C ASP D 85 16.16 46.72 19.43
N VAL D 86 15.63 45.55 19.78
CA VAL D 86 15.31 44.55 18.76
C VAL D 86 14.21 45.07 17.84
N TYR D 87 13.14 45.60 18.42
CA TYR D 87 11.99 46.02 17.62
C TYR D 87 12.32 47.24 16.76
N LYS D 88 13.26 48.09 17.21
CA LYS D 88 13.70 49.20 16.38
C LYS D 88 14.25 48.72 15.04
N GLU D 89 15.07 47.66 15.08
CA GLU D 89 15.61 47.09 13.84
C GLU D 89 14.57 46.23 13.12
N HIS D 90 13.82 45.43 13.89
CA HIS D 90 12.89 44.46 13.30
C HIS D 90 11.79 45.15 12.50
N PHE D 91 11.26 46.26 13.01
CA PHE D 91 10.24 47.02 12.30
C PHE D 91 10.82 48.17 11.48
N GLN D 92 12.12 48.44 11.58
CA GLN D 92 12.75 49.58 10.91
C GLN D 92 12.05 50.88 11.27
N ASP D 93 11.51 50.94 12.49
CA ASP D 93 10.66 52.04 12.91
C ASP D 93 10.40 51.90 14.40
N ASP D 94 9.96 53.00 15.02
CA ASP D 94 9.71 53.06 16.46
C ASP D 94 8.23 52.81 16.70
N VAL D 95 7.88 51.55 16.97
CA VAL D 95 6.50 51.18 17.27
C VAL D 95 6.34 50.53 18.64
N PHE D 96 7.44 50.19 19.31
CA PHE D 96 7.36 49.46 20.58
C PHE D 96 6.74 50.33 21.68
N ASN D 97 5.78 49.76 22.42
CA ASN D 97 5.07 50.46 23.49
C ASN D 97 5.94 50.49 24.76
N GLU D 98 7.01 51.28 24.69
CA GLU D 98 7.92 51.37 25.82
C GLU D 98 7.24 51.94 27.05
N LYS D 99 6.38 52.95 26.87
CA LYS D 99 5.72 53.59 28.01
C LYS D 99 4.78 52.62 28.72
N GLY D 100 4.05 51.79 27.96
CA GLY D 100 3.16 50.83 28.57
C GLY D 100 3.89 49.80 29.40
N TRP D 101 5.06 49.35 28.93
CA TRP D 101 5.81 48.34 29.68
C TRP D 101 6.50 48.96 30.89
N ASN D 102 7.02 50.18 30.76
CA ASN D 102 7.58 50.87 31.92
C ASN D 102 6.54 51.10 33.00
N TYR D 103 5.28 51.29 32.61
CA TYR D 103 4.22 51.46 33.60
C TYR D 103 4.02 50.19 34.43
N ILE D 104 4.13 49.02 33.79
CA ILE D 104 4.02 47.77 34.53
C ILE D 104 5.20 47.61 35.48
N LEU D 105 6.39 48.02 35.05
CA LEU D 105 7.59 47.84 35.86
C LEU D 105 7.55 48.67 37.13
N GLU D 106 7.10 49.92 37.03
CA GLU D 106 7.14 50.81 38.18
C GLU D 106 5.93 50.67 39.09
N LYS D 107 4.75 50.37 38.54
CA LYS D 107 3.54 50.31 39.34
C LYS D 107 3.30 48.95 39.96
N TYR D 108 3.70 47.85 39.29
CA TYR D 108 3.44 46.51 39.80
C TYR D 108 4.71 45.72 40.02
N ASP D 109 5.87 46.37 40.04
CA ASP D 109 7.16 45.71 40.24
C ASP D 109 7.40 44.63 39.18
N GLY D 110 6.96 44.90 37.95
CA GLY D 110 7.18 43.97 36.87
C GLY D 110 6.28 42.75 36.87
N HIS D 111 5.22 42.74 37.68
CA HIS D 111 4.24 41.66 37.67
C HIS D 111 3.10 42.01 36.72
N LEU D 112 2.61 41.01 35.99
CA LEU D 112 1.62 41.25 34.95
C LEU D 112 0.24 41.50 35.54
N PRO D 113 -0.38 42.65 35.30
CA PRO D 113 -1.76 42.87 35.78
C PRO D 113 -2.79 42.17 34.89
N ILE D 114 -2.89 40.85 35.06
CA ILE D 114 -3.86 40.04 34.33
C ILE D 114 -4.41 38.98 35.27
N GLU D 115 -5.66 38.59 35.02
CA GLU D 115 -6.29 37.47 35.70
C GLU D 115 -6.62 36.40 34.68
N ILE D 116 -6.25 35.16 35.00
CA ILE D 116 -6.55 34.01 34.15
C ILE D 116 -7.39 33.05 34.98
N LYS D 117 -8.55 32.67 34.44
CA LYS D 117 -9.39 31.65 35.03
C LYS D 117 -9.40 30.43 34.10
N ALA D 118 -9.29 29.24 34.68
CA ALA D 118 -9.16 28.02 33.89
C ALA D 118 -9.93 26.88 34.53
N VAL D 119 -10.33 25.92 33.71
CA VAL D 119 -10.89 24.65 34.20
C VAL D 119 -9.76 23.89 34.89
N PRO D 120 -10.06 23.06 35.87
CA PRO D 120 -9.00 22.29 36.53
C PRO D 120 -8.26 21.41 35.54
N GLU D 121 -6.94 21.36 35.71
CA GLU D 121 -6.13 20.56 34.79
C GLU D 121 -6.46 19.08 34.94
N GLY D 122 -6.54 18.39 33.81
CA GLY D 122 -6.95 17.02 33.77
C GLY D 122 -8.42 16.81 33.48
N PHE D 123 -9.23 17.85 33.59
CA PHE D 123 -10.65 17.72 33.25
C PHE D 123 -10.81 17.42 31.76
N VAL D 124 -11.79 16.59 31.44
CA VAL D 124 -12.08 16.18 30.09
C VAL D 124 -13.36 16.89 29.66
N ILE D 125 -13.23 17.79 28.68
CA ILE D 125 -14.29 18.74 28.33
C ILE D 125 -14.64 18.53 26.87
N PRO D 126 -15.93 18.45 26.51
CA PRO D 126 -16.30 18.37 25.09
C PRO D 126 -15.83 19.60 24.33
N ARG D 127 -15.58 19.39 23.03
CA ARG D 127 -15.14 20.47 22.15
C ARG D 127 -16.11 21.65 22.19
N GLY D 128 -15.58 22.83 21.91
CA GLY D 128 -16.41 24.02 21.83
C GLY D 128 -16.79 24.62 23.16
N ASN D 129 -16.01 24.37 24.21
CA ASN D 129 -16.28 24.93 25.52
C ASN D 129 -15.10 25.82 25.94
N VAL D 130 -15.42 26.89 26.67
CA VAL D 130 -14.36 27.73 27.21
C VAL D 130 -13.51 26.90 28.15
N LEU D 131 -12.19 26.96 27.97
CA LEU D 131 -11.24 26.27 28.82
C LEU D 131 -10.46 27.22 29.72
N PHE D 132 -10.09 28.40 29.22
CA PHE D 132 -9.61 29.46 30.10
C PHE D 132 -9.90 30.82 29.48
N THR D 133 -9.87 31.84 30.34
CA THR D 133 -10.12 33.22 29.95
C THR D 133 -8.99 34.11 30.48
N VAL D 134 -8.80 35.24 29.82
CA VAL D 134 -7.75 36.21 30.16
C VAL D 134 -8.34 37.61 30.10
N GLU D 135 -7.97 38.45 31.07
CA GLU D 135 -8.37 39.86 31.05
C GLU D 135 -7.39 40.67 31.88
N ASN D 136 -7.19 41.92 31.47
CA ASN D 136 -6.35 42.83 32.22
C ASN D 136 -7.07 43.31 33.48
N THR D 137 -6.30 43.54 34.54
CA THR D 137 -6.84 44.02 35.81
C THR D 137 -6.60 45.51 36.02
N ASP D 138 -5.79 46.14 35.17
CA ASP D 138 -5.53 47.55 35.19
C ASP D 138 -5.90 48.12 33.82
N PRO D 139 -6.73 49.17 33.77
CA PRO D 139 -7.18 49.68 32.46
C PRO D 139 -6.08 50.19 31.58
N GLU D 140 -4.95 50.63 32.14
CA GLU D 140 -3.82 51.05 31.34
C GLU D 140 -3.22 49.90 30.54
N CYS D 141 -3.55 48.67 30.91
CA CYS D 141 -2.94 47.47 30.33
C CYS D 141 -3.93 46.69 29.48
N TYR D 142 -4.89 47.40 28.86
CA TYR D 142 -5.82 46.77 27.94
C TYR D 142 -5.11 45.97 26.85
N TRP D 143 -3.94 46.43 26.41
CA TRP D 143 -3.20 45.80 25.34
C TRP D 143 -2.52 44.51 25.76
N LEU D 144 -2.46 44.23 27.07
CA LEU D 144 -1.67 43.12 27.56
C LEU D 144 -2.36 41.79 27.37
N THR D 145 -3.70 41.76 27.43
CA THR D 145 -4.46 40.52 27.29
C THR D 145 -4.05 39.75 26.04
N ASN D 146 -4.07 40.40 24.88
CA ASN D 146 -3.76 39.67 23.66
C ASN D 146 -2.28 39.72 23.31
N TRP D 147 -1.48 40.55 23.99
CA TRP D 147 -0.03 40.42 23.87
C TRP D 147 0.40 39.00 24.20
N ILE D 148 -0.18 38.42 25.26
CA ILE D 148 0.26 37.11 25.74
C ILE D 148 -0.58 36.00 25.12
N GLU D 149 -1.31 36.30 24.04
CA GLU D 149 -2.02 35.24 23.32
C GLU D 149 -1.05 34.17 22.83
N THR D 150 0.08 34.61 22.24
CA THR D 150 0.99 33.67 21.59
C THR D 150 1.50 32.63 22.58
N ILE D 151 1.95 33.06 23.75
CA ILE D 151 2.55 32.11 24.69
C ILE D 151 1.48 31.20 25.29
N LEU D 152 0.28 31.74 25.53
CA LEU D 152 -0.79 30.93 26.12
C LEU D 152 -1.36 29.95 25.10
N VAL D 153 -1.42 30.35 23.83
CA VAL D 153 -1.95 29.47 22.78
C VAL D 153 -1.09 28.22 22.63
N GLN D 154 0.19 28.29 22.99
CA GLN D 154 1.03 27.10 22.93
C GLN D 154 0.58 26.00 23.87
N SER D 155 -0.39 26.26 24.75
CA SER D 155 -1.00 25.19 25.52
C SER D 155 -1.72 24.19 24.63
N TRP D 156 -1.96 24.52 23.35
CA TRP D 156 -2.51 23.54 22.42
C TRP D 156 -1.70 22.25 22.44
N TYR D 157 -0.36 22.37 22.56
CA TYR D 157 0.48 21.18 22.43
C TYR D 157 0.26 20.19 23.56
N PRO D 158 0.47 20.54 24.83
CA PRO D 158 0.21 19.55 25.90
C PRO D 158 -1.26 19.11 25.95
N ILE D 159 -2.20 19.99 25.63
CA ILE D 159 -3.60 19.58 25.51
C ILE D 159 -3.74 18.51 24.44
N THR D 160 -3.11 18.72 23.28
CA THR D 160 -3.33 17.81 22.16
C THR D 160 -2.58 16.49 22.35
N VAL D 161 -1.36 16.53 22.90
CA VAL D 161 -0.66 15.29 23.21
C VAL D 161 -1.46 14.47 24.22
N ALA D 162 -1.91 15.12 25.30
CA ALA D 162 -2.66 14.41 26.33
C ALA D 162 -3.97 13.85 25.80
N THR D 163 -4.64 14.61 24.92
CA THR D 163 -5.91 14.15 24.37
C THR D 163 -5.69 13.00 23.39
N ASN D 164 -4.71 13.12 22.51
CA ASN D 164 -4.46 12.09 21.52
C ASN D 164 -3.91 10.83 22.16
N SER D 165 -3.11 10.98 23.22
CA SER D 165 -2.64 9.84 23.99
C SER D 165 -3.80 9.15 24.71
N ARG D 166 -4.76 9.94 25.21
CA ARG D 166 -5.92 9.36 25.89
C ARG D 166 -6.83 8.65 24.90
N GLU D 167 -6.98 9.19 23.69
CA GLU D 167 -7.79 8.51 22.68
C GLU D 167 -7.17 7.19 22.28
N GLN D 168 -5.83 7.10 22.26
CA GLN D 168 -5.19 5.82 22.03
C GLN D 168 -5.36 4.87 23.21
N LYS D 169 -5.49 5.40 24.42
CA LYS D 169 -5.76 4.56 25.57
C LYS D 169 -7.16 3.94 25.49
N LYS D 170 -8.12 4.67 24.90
CA LYS D 170 -9.46 4.11 24.70
C LYS D 170 -9.44 2.96 23.71
N ILE D 171 -8.67 3.10 22.64
CA ILE D 171 -8.57 2.04 21.63
C ILE D 171 -7.94 0.81 22.24
N LEU D 172 -6.85 0.99 22.99
CA LEU D 172 -6.20 -0.13 23.65
C LEU D 172 -7.12 -0.78 24.68
N ALA D 173 -7.81 0.04 25.48
CA ALA D 173 -8.73 -0.51 26.47
C ALA D 173 -9.84 -1.31 25.82
N LYS D 174 -10.40 -0.79 24.71
CA LYS D 174 -11.48 -1.47 24.02
C LYS D 174 -11.08 -2.86 23.55
N TYR D 175 -9.91 -2.95 22.89
CA TYR D 175 -9.49 -4.22 22.31
C TYR D 175 -8.87 -5.15 23.35
N LEU D 176 -8.22 -4.59 24.38
CA LEU D 176 -7.77 -5.42 25.49
C LEU D 176 -8.97 -6.06 26.19
N LEU D 177 -10.06 -5.31 26.35
CA LEU D 177 -11.24 -5.84 27.01
C LEU D 177 -11.93 -6.89 26.15
N GLU D 178 -12.02 -6.65 24.84
CA GLU D 178 -12.72 -7.59 23.96
C GLU D 178 -11.96 -8.91 23.82
N THR D 179 -10.64 -8.84 23.70
CA THR D 179 -9.86 -10.05 23.44
C THR D 179 -9.34 -10.73 24.69
N SER D 180 -9.51 -10.13 25.87
CA SER D 180 -9.00 -10.73 27.10
C SER D 180 -9.91 -10.59 28.31
N GLY D 181 -10.80 -9.60 28.36
CA GLY D 181 -11.75 -9.48 29.44
C GLY D 181 -11.36 -8.52 30.55
N ASN D 182 -10.12 -8.03 30.56
CA ASN D 182 -9.71 -7.10 31.60
C ASN D 182 -8.64 -6.16 31.04
N LEU D 183 -8.29 -5.16 31.84
CA LEU D 183 -7.38 -4.09 31.45
C LEU D 183 -6.01 -4.22 32.13
N ASP D 184 -5.53 -5.45 32.27
CA ASP D 184 -4.27 -5.70 32.96
C ASP D 184 -3.11 -5.08 32.18
N GLY D 185 -2.36 -4.21 32.84
CA GLY D 185 -1.19 -3.59 32.22
C GLY D 185 -1.50 -2.52 31.19
N LEU D 186 -2.71 -1.97 31.21
CA LEU D 186 -3.08 -0.97 30.21
C LEU D 186 -2.16 0.24 30.25
N GLU D 187 -1.73 0.65 31.45
CA GLU D 187 -0.93 1.85 31.61
C GLU D 187 0.48 1.71 31.09
N TYR D 188 0.88 0.52 30.62
CA TYR D 188 2.21 0.31 30.05
C TYR D 188 2.15 -0.15 28.60
N LYS D 189 0.99 -0.04 27.96
CA LYS D 189 0.80 -0.51 26.59
C LYS D 189 1.23 0.49 25.52
N LEU D 190 1.49 1.75 25.88
CA LEU D 190 1.88 2.78 24.92
C LEU D 190 3.06 3.54 25.51
N HIS D 191 4.24 3.26 25.00
CA HIS D 191 5.50 3.75 25.55
C HIS D 191 6.02 4.89 24.68
N ASP D 192 6.44 5.97 25.33
CA ASP D 192 6.93 7.16 24.64
C ASP D 192 8.36 6.91 24.16
N PHE D 193 8.52 6.83 22.83
CA PHE D 193 9.82 6.77 22.17
C PHE D 193 10.18 8.09 21.49
N GLY D 194 9.55 9.20 21.91
CA GLY D 194 9.51 10.39 21.10
C GLY D 194 10.63 11.40 21.26
N TYR D 195 11.65 11.10 22.05
CA TYR D 195 12.66 12.10 22.38
C TYR D 195 13.39 12.60 21.13
N ARG D 196 13.86 11.68 20.28
CA ARG D 196 14.62 12.09 19.11
C ARG D 196 13.74 12.73 18.04
N GLY D 197 12.44 12.42 18.03
CA GLY D 197 11.56 12.79 16.94
C GLY D 197 10.76 14.07 17.14
N VAL D 198 10.95 14.78 18.25
CA VAL D 198 10.30 16.08 18.43
C VAL D 198 11.27 17.18 18.05
N SER D 199 10.80 18.42 18.08
CA SER D 199 11.53 19.53 17.48
C SER D 199 12.52 20.20 18.43
N SER D 200 12.47 19.91 19.72
CA SER D 200 13.38 20.59 20.65
C SER D 200 13.37 19.85 21.98
N GLN D 201 14.34 20.21 22.83
CA GLN D 201 14.38 19.68 24.18
C GLN D 201 13.17 20.11 24.99
N GLU D 202 12.77 21.38 24.88
CA GLU D 202 11.62 21.83 25.65
C GLU D 202 10.35 21.11 25.23
N THR D 203 10.15 20.93 23.92
CA THR D 203 8.99 20.17 23.45
C THR D 203 9.01 18.75 23.99
N ALA D 204 10.19 18.12 24.04
CA ALA D 204 10.28 16.75 24.53
C ALA D 204 9.75 16.62 25.94
N GLY D 205 10.12 17.55 26.83
CA GLY D 205 9.65 17.47 28.21
C GLY D 205 8.15 17.71 28.33
N ILE D 206 7.66 18.75 27.64
CA ILE D 206 6.23 19.06 27.67
C ILE D 206 5.41 17.88 27.13
N GLY D 207 5.78 17.39 25.95
CA GLY D 207 5.02 16.29 25.36
C GLY D 207 5.09 15.02 26.16
N ALA D 208 6.28 14.69 26.69
CA ALA D 208 6.40 13.49 27.51
C ALA D 208 5.54 13.60 28.77
N SER D 209 5.48 14.80 29.37
CA SER D 209 4.65 14.95 30.57
C SER D 209 3.17 14.83 30.23
N ALA D 210 2.77 15.25 29.04
CA ALA D 210 1.37 15.13 28.63
C ALA D 210 0.98 13.67 28.40
N HIS D 211 1.89 12.88 27.81
CA HIS D 211 1.62 11.45 27.64
C HIS D 211 1.49 10.75 28.98
N LEU D 212 2.30 11.17 29.97
CA LEU D 212 2.27 10.57 31.30
C LEU D 212 0.98 10.87 32.05
N VAL D 213 0.12 11.74 31.52
CA VAL D 213 -1.21 11.92 32.10
C VAL D 213 -2.04 10.64 31.95
N ASN D 214 -1.74 9.84 30.92
CA ASN D 214 -2.52 8.65 30.59
C ASN D 214 -1.77 7.34 30.79
N PHE D 215 -0.44 7.34 30.70
CA PHE D 215 0.37 6.12 30.75
C PHE D 215 1.54 6.32 31.71
N LYS D 216 2.28 5.23 31.93
CA LYS D 216 3.41 5.26 32.86
C LYS D 216 4.76 4.91 32.24
N GLY D 217 4.81 4.54 30.96
CA GLY D 217 6.04 4.15 30.31
C GLY D 217 6.57 5.25 29.39
N THR D 218 7.80 5.69 29.67
CA THR D 218 8.43 6.70 28.84
C THR D 218 9.94 6.49 28.80
N ASP D 219 10.53 6.76 27.63
CA ASP D 219 11.96 6.88 27.48
C ASP D 219 12.40 8.32 27.26
N THR D 220 11.47 9.27 27.26
CA THR D 220 11.82 10.68 27.14
C THR D 220 11.97 11.21 28.55
N VAL D 221 13.19 11.10 29.08
CA VAL D 221 13.48 11.39 30.47
C VAL D 221 13.12 12.83 30.84
N ALA D 222 13.11 13.73 29.86
CA ALA D 222 12.85 15.14 30.14
C ALA D 222 11.47 15.36 30.76
N GLY D 223 10.54 14.45 30.49
CA GLY D 223 9.21 14.58 31.06
C GLY D 223 9.18 14.41 32.56
N LEU D 224 10.15 13.68 33.11
CA LEU D 224 10.17 13.46 34.56
C LEU D 224 10.47 14.75 35.31
N ALA D 225 11.55 15.44 34.92
CA ALA D 225 11.95 16.65 35.63
C ALA D 225 10.87 17.73 35.54
N LEU D 226 10.19 17.82 34.40
CA LEU D 226 9.14 18.82 34.25
C LEU D 226 8.03 18.60 35.27
N ILE D 227 7.54 17.36 35.36
CA ILE D 227 6.47 17.04 36.31
C ILE D 227 6.90 17.33 37.74
N LYS D 228 8.11 16.88 38.09
CA LYS D 228 8.62 17.10 39.44
C LYS D 228 8.70 18.59 39.77
N LYS D 229 9.07 19.41 38.79
CA LYS D 229 9.27 20.84 39.07
C LYS D 229 7.96 21.60 39.12
N TYR D 230 7.05 21.34 38.18
CA TYR D 230 5.87 22.17 38.02
C TYR D 230 4.57 21.56 38.52
N TYR D 231 4.55 20.26 38.79
CA TYR D 231 3.28 19.61 39.13
C TYR D 231 3.38 18.76 40.39
N GLY D 232 4.34 17.84 40.44
CA GLY D 232 4.54 17.04 41.64
C GLY D 232 3.74 15.76 41.68
N THR D 233 4.37 14.67 42.16
CA THR D 233 3.71 13.38 42.28
C THR D 233 4.10 12.74 43.59
N LYS D 234 3.17 11.94 44.16
CA LYS D 234 3.44 11.29 45.42
C LYS D 234 4.58 10.28 45.29
N ASP D 235 4.59 9.50 44.20
CA ASP D 235 5.68 8.59 43.94
C ASP D 235 6.95 9.37 43.61
N PRO D 236 8.12 8.74 43.74
CA PRO D 236 9.36 9.46 43.38
C PRO D 236 9.43 9.90 41.93
N VAL D 237 9.01 9.06 40.98
CA VAL D 237 8.97 9.45 39.57
C VAL D 237 7.63 9.05 38.95
N PRO D 238 7.16 9.80 37.94
CA PRO D 238 5.89 9.46 37.29
C PRO D 238 5.99 8.48 36.12
N GLY D 239 7.20 8.23 35.59
CA GLY D 239 7.35 7.36 34.44
C GLY D 239 8.49 6.38 34.64
N TYR D 240 8.41 5.26 33.92
CA TYR D 240 9.33 4.15 34.11
C TYR D 240 9.77 3.60 32.75
N SER D 241 10.94 2.95 32.76
CA SER D 241 11.50 2.31 31.58
C SER D 241 12.15 0.99 31.98
N VAL D 242 12.53 0.21 30.98
CA VAL D 242 13.17 -1.08 31.18
C VAL D 242 14.37 -1.16 30.25
N PRO D 243 15.35 -2.01 30.56
CA PRO D 243 16.50 -2.16 29.66
C PRO D 243 16.05 -2.62 28.29
N ALA D 244 16.71 -2.11 27.26
CA ALA D 244 16.36 -2.41 25.88
C ALA D 244 17.56 -2.14 25.00
N ALA D 245 17.72 -2.96 23.97
CA ALA D 245 18.80 -2.81 23.01
C ALA D 245 18.39 -1.85 21.90
N GLU D 246 19.39 -1.34 21.20
CA GLU D 246 19.21 -0.64 19.94
C GLU D 246 20.04 -1.34 18.89
N HIS D 247 19.88 -0.95 17.62
CA HIS D 247 20.59 -1.65 16.56
C HIS D 247 22.09 -1.57 16.74
N SER D 248 22.62 -0.46 17.27
CA SER D 248 24.06 -0.33 17.41
C SER D 248 24.62 -1.35 18.40
N THR D 249 23.88 -1.64 19.48
CA THR D 249 24.39 -2.64 20.41
C THR D 249 24.23 -4.06 19.90
N ILE D 250 23.45 -4.28 18.85
CA ILE D 250 23.41 -5.57 18.17
C ILE D 250 24.44 -5.64 17.06
N THR D 251 24.43 -4.64 16.17
CA THR D 251 25.28 -4.70 14.98
C THR D 251 26.76 -4.56 15.31
N ALA D 252 27.10 -3.95 16.45
CA ALA D 252 28.50 -3.79 16.82
C ALA D 252 29.22 -5.12 17.00
N TRP D 253 28.48 -6.20 17.24
CA TRP D 253 29.08 -7.52 17.39
C TRP D 253 29.51 -8.15 16.06
N GLY D 254 29.06 -7.61 14.94
CA GLY D 254 29.35 -8.23 13.66
C GLY D 254 28.18 -9.06 13.16
N LYS D 255 28.04 -9.15 11.84
CA LYS D 255 26.87 -9.77 11.25
C LYS D 255 26.76 -11.25 11.60
N ASP D 256 27.89 -11.95 11.76
CA ASP D 256 27.85 -13.36 12.11
C ASP D 256 27.64 -13.61 13.60
N HIS D 257 27.49 -12.58 14.43
CA HIS D 257 27.44 -12.76 15.87
C HIS D 257 26.17 -12.15 16.48
N GLU D 258 25.05 -12.19 15.75
CA GLU D 258 23.81 -11.68 16.30
C GLU D 258 23.35 -12.50 17.51
N LYS D 259 23.58 -13.82 17.46
CA LYS D 259 23.22 -14.67 18.59
C LYS D 259 24.08 -14.35 19.82
N ASP D 260 25.37 -14.08 19.63
CA ASP D 260 26.22 -13.72 20.76
C ASP D 260 25.76 -12.42 21.41
N ALA D 261 25.27 -11.47 20.60
CA ALA D 261 24.76 -10.21 21.14
C ALA D 261 23.48 -10.44 21.95
N PHE D 262 22.53 -11.19 21.38
CA PHE D 262 21.30 -11.52 22.09
C PHE D 262 21.61 -12.17 23.44
N GLU D 263 22.48 -13.18 23.42
CA GLU D 263 22.82 -13.91 24.64
C GLU D 263 23.47 -13.01 25.67
N HIS D 264 24.42 -12.17 25.23
CA HIS D 264 25.11 -11.25 26.15
C HIS D 264 24.13 -10.29 26.80
N ILE D 265 23.16 -9.79 26.05
CA ILE D 265 22.23 -8.81 26.60
C ILE D 265 21.21 -9.48 27.52
N VAL D 266 20.66 -10.63 27.10
CA VAL D 266 19.60 -11.26 27.89
C VAL D 266 20.15 -11.77 29.22
N THR D 267 21.38 -12.31 29.23
CA THR D 267 21.94 -12.83 30.47
C THR D 267 22.35 -11.74 31.43
N GLN D 268 22.51 -10.50 30.96
CA GLN D 268 22.83 -9.39 31.84
C GLN D 268 21.61 -8.79 32.51
N PHE D 269 20.41 -9.04 31.98
CA PHE D 269 19.17 -8.46 32.49
C PHE D 269 18.16 -9.60 32.70
N SER D 270 18.41 -10.40 33.74
CA SER D 270 17.63 -11.62 33.96
C SER D 270 16.42 -11.40 34.86
N SER D 271 16.45 -10.40 35.72
CA SER D 271 15.38 -10.17 36.70
C SER D 271 14.51 -8.96 36.36
N VAL D 272 14.74 -8.31 35.23
CA VAL D 272 13.86 -7.23 34.78
C VAL D 272 13.43 -7.56 33.35
N PRO D 273 12.29 -7.01 32.91
CA PRO D 273 11.95 -7.16 31.49
C PRO D 273 13.06 -6.54 30.64
N VAL D 274 13.28 -7.14 29.47
CA VAL D 274 14.31 -6.65 28.57
C VAL D 274 13.78 -6.73 27.14
N SER D 275 13.86 -5.62 26.43
CA SER D 275 13.47 -5.53 25.02
C SER D 275 14.71 -5.68 24.15
N VAL D 276 14.60 -6.48 23.10
CA VAL D 276 15.74 -6.78 22.24
C VAL D 276 15.31 -6.64 20.79
N VAL D 277 15.77 -5.58 20.12
CA VAL D 277 15.46 -5.40 18.72
C VAL D 277 16.05 -6.56 17.92
N SER D 278 15.23 -7.18 17.09
CA SER D 278 15.60 -8.45 16.47
C SER D 278 15.58 -8.40 14.95
N ASP D 279 15.42 -7.23 14.34
CA ASP D 279 15.30 -7.12 12.89
C ASP D 279 16.57 -6.57 12.22
N SER D 280 17.71 -6.56 12.92
CA SER D 280 18.91 -5.98 12.33
C SER D 280 19.25 -6.62 10.99
N TYR D 281 18.98 -7.92 10.83
CA TYR D 281 19.32 -8.61 9.60
C TYR D 281 18.12 -9.38 9.06
N ASP D 282 17.45 -10.13 9.93
CA ASP D 282 16.36 -11.01 9.49
C ASP D 282 15.51 -11.32 10.73
N ILE D 283 14.44 -10.52 10.92
CA ILE D 283 13.56 -10.71 12.07
C ILE D 283 13.02 -12.13 12.12
N TYR D 284 12.75 -12.72 10.96
CA TYR D 284 12.14 -14.04 10.93
C TYR D 284 13.14 -15.11 11.33
N ASN D 285 14.37 -15.02 10.83
CA ASN D 285 15.42 -15.92 11.31
C ASN D 285 15.65 -15.73 12.81
N ALA D 286 15.64 -14.48 13.28
CA ALA D 286 15.88 -14.22 14.70
C ALA D 286 14.82 -14.88 15.56
N CYS D 287 13.55 -14.77 15.18
CA CYS D 287 12.48 -15.34 16.00
C CYS D 287 12.45 -16.86 15.87
N GLU D 288 12.59 -17.39 14.66
CA GLU D 288 12.45 -18.82 14.45
C GLU D 288 13.67 -19.59 14.93
N LYS D 289 14.87 -19.14 14.55
CA LYS D 289 16.08 -19.91 14.82
C LYS D 289 16.78 -19.46 16.11
N ILE D 290 17.03 -18.17 16.27
CA ILE D 290 17.82 -17.71 17.40
C ILE D 290 17.00 -17.74 18.69
N TRP D 291 15.91 -16.97 18.74
CA TRP D 291 15.05 -17.02 19.91
C TRP D 291 14.34 -18.36 20.01
N GLY D 292 13.84 -18.89 18.89
CA GLY D 292 13.00 -20.07 18.93
C GLY D 292 13.74 -21.38 19.16
N GLU D 293 15.05 -21.39 18.96
CA GLU D 293 15.81 -22.63 19.12
C GLU D 293 17.12 -22.42 19.86
N ASP D 294 18.03 -21.62 19.28
CA ASP D 294 19.37 -21.50 19.84
C ASP D 294 19.38 -20.92 21.24
N LEU D 295 18.47 -19.99 21.54
CA LEU D 295 18.44 -19.34 22.85
C LEU D 295 17.10 -19.54 23.56
N ARG D 296 16.36 -20.58 23.17
CA ARG D 296 15.06 -20.84 23.80
C ARG D 296 15.21 -21.03 25.31
N HIS D 297 16.31 -21.65 25.73
CA HIS D 297 16.51 -21.93 27.14
C HIS D 297 16.56 -20.67 27.99
N LEU D 298 17.04 -19.56 27.43
CA LEU D 298 17.08 -18.31 28.18
C LEU D 298 15.71 -17.65 28.30
N ILE D 299 14.76 -18.03 27.47
CA ILE D 299 13.44 -17.42 27.44
C ILE D 299 12.46 -18.14 28.36
N VAL D 300 12.38 -19.48 28.24
CA VAL D 300 11.36 -20.22 28.98
C VAL D 300 11.61 -20.27 30.47
N SER D 301 12.77 -19.81 30.94
CA SER D 301 13.09 -19.80 32.37
C SER D 301 12.76 -18.47 33.05
N ARG D 302 12.32 -17.46 32.30
CA ARG D 302 12.18 -16.12 32.86
C ARG D 302 10.87 -15.99 33.64
N SER D 303 10.85 -15.04 34.57
CA SER D 303 9.68 -14.82 35.40
C SER D 303 8.63 -14.02 34.62
N THR D 304 7.39 -14.10 35.13
CA THR D 304 6.29 -13.36 34.53
C THR D 304 6.48 -11.85 34.64
N GLN D 305 7.25 -11.39 35.64
CA GLN D 305 7.53 -9.98 35.83
C GLN D 305 8.77 -9.52 35.08
N ALA D 306 9.49 -10.42 34.42
CA ALA D 306 10.70 -10.07 33.67
C ALA D 306 10.75 -10.81 32.34
N PRO D 307 9.75 -10.60 31.47
CA PRO D 307 9.72 -11.33 30.21
C PRO D 307 10.76 -10.83 29.22
N LEU D 308 11.03 -11.66 28.22
CA LEU D 308 11.72 -11.19 27.03
C LEU D 308 10.72 -10.50 26.12
N ILE D 309 11.05 -9.29 25.71
CA ILE D 309 10.22 -8.51 24.80
C ILE D 309 10.97 -8.45 23.47
N ILE D 310 10.42 -9.13 22.46
CA ILE D 310 11.00 -9.12 21.13
C ILE D 310 10.50 -7.88 20.40
N ARG D 311 11.43 -7.13 19.81
CA ARG D 311 11.08 -5.88 19.13
C ARG D 311 11.40 -5.99 17.64
N PRO D 312 10.39 -6.14 16.78
CA PRO D 312 10.57 -5.83 15.37
C PRO D 312 10.63 -4.32 15.19
N ASP D 313 11.15 -3.89 14.03
CA ASP D 313 11.31 -2.47 13.79
C ASP D 313 11.26 -2.11 12.30
N SER D 314 10.61 -2.92 11.47
CA SER D 314 10.61 -2.65 10.03
C SER D 314 9.56 -3.49 9.34
N GLY D 315 9.23 -3.08 8.11
CA GLY D 315 8.16 -3.72 7.36
C GLY D 315 6.80 -3.21 7.78
N ASN D 316 5.78 -3.70 7.09
CA ASN D 316 4.41 -3.32 7.38
C ASN D 316 4.10 -3.67 8.84
N PRO D 317 3.71 -2.69 9.67
CA PRO D 317 3.61 -2.95 11.11
C PRO D 317 2.70 -4.11 11.47
N LEU D 318 1.46 -4.12 10.95
CA LEU D 318 0.55 -5.21 11.23
C LEU D 318 1.08 -6.54 10.71
N ASP D 319 1.50 -6.56 9.45
CA ASP D 319 1.93 -7.81 8.82
C ASP D 319 3.13 -8.40 9.54
N THR D 320 4.06 -7.56 10.00
CA THR D 320 5.23 -8.08 10.70
C THR D 320 4.85 -8.63 12.07
N VAL D 321 3.97 -7.93 12.79
CA VAL D 321 3.54 -8.41 14.10
C VAL D 321 2.90 -9.79 13.97
N LEU D 322 2.00 -9.96 12.99
CA LEU D 322 1.32 -11.23 12.82
C LEU D 322 2.31 -12.34 12.47
N LYS D 323 3.27 -12.07 11.58
CA LYS D 323 4.25 -13.08 11.21
C LYS D 323 5.14 -13.46 12.39
N VAL D 324 5.56 -12.47 13.18
CA VAL D 324 6.36 -12.75 14.38
C VAL D 324 5.57 -13.62 15.35
N LEU D 325 4.30 -13.25 15.61
CA LEU D 325 3.48 -14.02 16.54
C LEU D 325 3.29 -15.45 16.06
N GLU D 326 3.04 -15.63 14.75
CA GLU D 326 2.85 -16.97 14.21
C GLU D 326 4.13 -17.79 14.33
N ILE D 327 5.28 -17.17 14.09
CA ILE D 327 6.56 -17.86 14.28
C ILE D 327 6.74 -18.27 15.73
N LEU D 328 6.51 -17.32 16.66
CA LEU D 328 6.66 -17.63 18.07
C LEU D 328 5.65 -18.68 18.53
N GLY D 329 4.45 -18.68 17.95
CA GLY D 329 3.45 -19.67 18.30
C GLY D 329 3.85 -21.09 17.99
N LYS D 330 4.78 -21.29 17.06
CA LYS D 330 5.27 -22.62 16.71
C LYS D 330 6.45 -23.08 17.55
N LYS D 331 7.13 -22.15 18.23
CA LYS D 331 8.28 -22.52 19.06
C LYS D 331 7.95 -22.54 20.54
N PHE D 332 6.89 -21.85 20.96
CA PHE D 332 6.57 -21.69 22.36
C PHE D 332 5.12 -22.11 22.60
N PRO D 333 4.80 -22.56 23.82
CA PRO D 333 3.43 -23.02 24.10
C PRO D 333 2.44 -21.86 24.12
N VAL D 334 1.49 -21.88 23.19
CA VAL D 334 0.43 -20.89 23.10
C VAL D 334 -0.84 -21.48 23.70
N THR D 335 -1.48 -20.73 24.58
CA THR D 335 -2.76 -21.11 25.16
C THR D 335 -3.86 -20.20 24.62
N GLU D 336 -5.10 -20.60 24.90
CA GLU D 336 -6.29 -19.85 24.52
C GLU D 336 -6.94 -19.33 25.80
N ASN D 337 -7.15 -18.01 25.87
CA ASN D 337 -7.66 -17.43 27.10
C ASN D 337 -9.17 -17.60 27.18
N SER D 338 -9.76 -17.10 28.28
CA SER D 338 -11.18 -17.29 28.54
C SER D 338 -12.04 -16.64 27.46
N LYS D 339 -11.52 -15.62 26.78
CA LYS D 339 -12.22 -14.99 25.67
C LYS D 339 -12.07 -15.76 24.37
N GLY D 340 -11.20 -16.77 24.32
CA GLY D 340 -10.98 -17.52 23.10
C GLY D 340 -9.87 -16.99 22.22
N TYR D 341 -8.94 -16.21 22.77
CA TYR D 341 -7.89 -15.58 21.99
C TYR D 341 -6.54 -16.16 22.36
N LYS D 342 -5.64 -16.21 21.37
CA LYS D 342 -4.35 -16.84 21.57
C LYS D 342 -3.47 -15.98 22.48
N LEU D 343 -2.74 -16.64 23.37
CA LEU D 343 -1.92 -15.98 24.39
C LEU D 343 -0.56 -16.65 24.45
N LEU D 344 0.49 -15.86 24.25
CA LEU D 344 1.85 -16.36 24.42
C LEU D 344 2.10 -16.71 25.89
N PRO D 345 3.13 -17.51 26.17
CA PRO D 345 3.48 -17.76 27.56
C PRO D 345 3.88 -16.45 28.23
N PRO D 346 3.74 -16.37 29.56
CA PRO D 346 3.93 -15.07 30.23
C PRO D 346 5.36 -14.55 30.21
N TYR D 347 6.34 -15.38 29.87
CA TYR D 347 7.72 -14.96 29.82
C TYR D 347 8.12 -14.38 28.46
N LEU D 348 7.17 -14.20 27.55
CA LEU D 348 7.48 -13.76 26.19
C LEU D 348 6.45 -12.76 25.73
N ARG D 349 6.92 -11.61 25.24
CA ARG D 349 6.03 -10.56 24.74
C ARG D 349 6.64 -9.96 23.48
N VAL D 350 5.87 -9.08 22.83
CA VAL D 350 6.28 -8.38 21.62
C VAL D 350 5.97 -6.89 21.80
N ILE D 351 6.89 -6.03 21.38
CA ILE D 351 6.63 -4.60 21.32
C ILE D 351 6.84 -4.14 19.89
N GLN D 352 5.84 -3.46 19.34
CA GLN D 352 5.91 -2.84 18.03
C GLN D 352 6.19 -1.35 18.24
N GLY D 353 7.41 -0.93 17.94
CA GLY D 353 7.80 0.45 18.12
C GLY D 353 8.07 1.24 16.86
N ASP D 354 7.65 0.75 15.70
CA ASP D 354 7.91 1.41 14.42
C ASP D 354 6.59 1.75 13.75
N GLY D 355 6.49 2.98 13.25
CA GLY D 355 5.33 3.39 12.46
C GLY D 355 4.02 3.43 13.22
N VAL D 356 4.07 3.61 14.55
CA VAL D 356 2.86 3.60 15.36
C VAL D 356 2.35 5.02 15.57
N ASP D 357 1.14 5.29 15.10
CA ASP D 357 0.38 6.46 15.50
C ASP D 357 -1.04 6.00 15.83
N ILE D 358 -1.96 6.93 16.11
CA ILE D 358 -3.30 6.51 16.54
C ILE D 358 -4.02 5.75 15.43
N ASN D 359 -3.73 6.08 14.17
CA ASN D 359 -4.37 5.39 13.04
C ASN D 359 -3.83 3.97 12.88
N THR D 360 -2.51 3.81 12.92
CA THR D 360 -1.95 2.47 12.72
C THR D 360 -2.06 1.61 13.97
N LEU D 361 -2.08 2.23 15.15
CA LEU D 361 -2.37 1.47 16.37
C LEU D 361 -3.72 0.78 16.28
N GLN D 362 -4.75 1.53 15.87
CA GLN D 362 -6.07 0.95 15.64
C GLN D 362 -6.00 -0.21 14.64
N GLU D 363 -5.28 -0.02 13.53
CA GLU D 363 -5.20 -1.04 12.51
C GLU D 363 -4.50 -2.30 13.01
N ILE D 364 -3.50 -2.15 13.86
CA ILE D 364 -2.77 -3.32 14.36
C ILE D 364 -3.64 -4.13 15.32
N VAL D 365 -4.27 -3.48 16.29
CA VAL D 365 -5.03 -4.25 17.28
C VAL D 365 -6.28 -4.86 16.65
N GLU D 366 -6.87 -4.17 15.66
CA GLU D 366 -8.00 -4.76 14.93
C GLU D 366 -7.53 -5.93 14.08
N GLY D 367 -6.35 -5.83 13.47
CA GLY D 367 -5.82 -6.94 12.70
C GLY D 367 -5.43 -8.12 13.55
N MET D 368 -4.96 -7.87 14.78
CA MET D 368 -4.63 -8.97 15.69
C MET D 368 -5.88 -9.68 16.16
N LYS D 369 -6.95 -8.93 16.45
CA LYS D 369 -8.20 -9.54 16.91
C LYS D 369 -8.80 -10.42 15.82
N GLN D 370 -8.71 -10.00 14.56
CA GLN D 370 -9.26 -10.80 13.47
C GLN D 370 -8.55 -12.14 13.33
N LYS D 371 -7.26 -12.19 13.67
CA LYS D 371 -6.49 -13.42 13.68
C LYS D 371 -6.51 -14.12 15.03
N MET D 372 -7.41 -13.70 15.93
CA MET D 372 -7.62 -14.34 17.23
C MET D 372 -6.39 -14.25 18.14
N TRP D 373 -5.59 -13.20 17.98
CA TRP D 373 -4.47 -12.92 18.88
C TRP D 373 -4.92 -11.92 19.93
N SER D 374 -4.64 -12.23 21.19
CA SER D 374 -5.00 -11.33 22.28
C SER D 374 -4.08 -10.12 22.31
N ILE D 375 -4.63 -8.96 22.67
CA ILE D 375 -3.82 -7.76 22.80
C ILE D 375 -2.90 -7.83 24.01
N GLU D 376 -3.11 -8.80 24.91
CA GLU D 376 -2.16 -9.03 26.00
C GLU D 376 -0.76 -9.33 25.50
N ASN D 377 -0.61 -9.83 24.27
CA ASN D 377 0.68 -10.23 23.74
C ASN D 377 1.55 -9.05 23.30
N ILE D 378 0.94 -7.90 23.00
CA ILE D 378 1.61 -6.82 22.30
C ILE D 378 1.66 -5.60 23.21
N ALA D 379 2.75 -4.85 23.11
CA ALA D 379 2.84 -3.49 23.60
C ALA D 379 3.29 -2.60 22.44
N PHE D 380 3.16 -1.30 22.63
CA PHE D 380 3.44 -0.37 21.54
C PHE D 380 4.39 0.71 22.02
N GLY D 381 5.34 1.05 21.15
CA GLY D 381 6.17 2.23 21.31
C GLY D 381 5.87 3.21 20.18
N SER D 382 5.72 4.48 20.55
CA SER D 382 5.36 5.51 19.58
C SER D 382 6.21 6.74 19.84
N GLY D 383 6.73 7.32 18.78
CA GLY D 383 7.63 8.45 18.89
C GLY D 383 7.11 9.69 18.21
N GLY D 384 7.49 9.89 16.94
CA GLY D 384 6.96 11.01 16.18
C GLY D 384 5.45 11.04 16.16
N GLY D 385 4.82 9.88 15.96
CA GLY D 385 3.37 9.83 15.93
C GLY D 385 2.73 10.25 17.24
N LEU D 386 3.45 10.06 18.35
CA LEU D 386 2.90 10.40 19.66
C LEU D 386 3.09 11.87 19.99
N LEU D 387 4.29 12.41 19.73
CA LEU D 387 4.65 13.72 20.25
C LEU D 387 4.91 14.79 19.18
N GLN D 388 5.03 14.42 17.91
CA GLN D 388 5.38 15.41 16.89
C GLN D 388 4.33 15.57 15.79
N LYS D 389 3.67 14.49 15.38
CA LYS D 389 2.73 14.55 14.26
C LYS D 389 1.35 15.02 14.72
N LEU D 390 1.32 16.26 15.21
CA LEU D 390 0.14 16.88 15.80
C LEU D 390 0.23 18.36 15.52
N THR D 391 -0.91 19.00 15.27
CA THR D 391 -0.91 20.44 15.02
C THR D 391 -2.03 21.09 15.81
N ARG D 392 -1.97 22.42 15.84
CA ARG D 392 -2.98 23.20 16.54
C ARG D 392 -4.37 23.00 15.94
N ASP D 393 -4.47 22.61 14.67
CA ASP D 393 -5.79 22.50 14.04
C ASP D 393 -6.41 21.13 14.22
N LEU D 394 -5.72 20.19 14.86
CA LEU D 394 -6.34 18.89 15.15
C LEU D 394 -7.53 19.05 16.09
N LEU D 395 -7.40 19.87 17.12
CA LEU D 395 -8.50 20.17 18.03
C LEU D 395 -9.04 21.58 17.84
N ASN D 396 -8.56 22.30 16.82
CA ASN D 396 -8.97 23.69 16.54
C ASN D 396 -8.77 24.58 17.76
N CYS D 397 -7.62 24.44 18.42
CA CYS D 397 -7.29 25.28 19.56
C CYS D 397 -7.17 26.73 19.13
N SER D 398 -7.83 27.63 19.88
CA SER D 398 -7.96 29.00 19.41
C SER D 398 -8.21 29.94 20.58
N PHE D 399 -7.72 31.17 20.43
CA PHE D 399 -7.77 32.22 21.44
C PHE D 399 -8.39 33.45 20.80
N LYS D 400 -9.47 33.96 21.38
CA LYS D 400 -10.23 35.03 20.73
C LYS D 400 -10.76 36.01 21.77
N CYS D 401 -10.79 37.28 21.38
CA CYS D 401 -11.35 38.32 22.23
C CYS D 401 -12.88 38.27 22.16
N SER D 402 -13.54 38.17 23.31
CA SER D 402 -14.99 38.08 23.33
C SER D 402 -15.67 39.27 23.98
N TYR D 403 -14.93 40.14 24.66
CA TYR D 403 -15.56 41.26 25.37
C TYR D 403 -14.55 42.38 25.54
N VAL D 404 -14.97 43.61 25.23
CA VAL D 404 -14.16 44.80 25.45
C VAL D 404 -15.03 45.88 26.11
N VAL D 405 -14.37 46.84 26.75
CA VAL D 405 -15.00 48.06 27.23
C VAL D 405 -14.25 49.23 26.61
N THR D 406 -14.98 50.10 25.91
CA THR D 406 -14.40 51.25 25.24
C THR D 406 -15.28 52.46 25.48
N ASN D 407 -14.66 53.56 25.92
CA ASN D 407 -15.41 54.77 26.29
C ASN D 407 -16.48 54.45 27.31
N GLY D 408 -16.15 53.57 28.25
CA GLY D 408 -17.10 53.14 29.27
C GLY D 408 -18.19 52.23 28.80
N LEU D 409 -18.25 51.89 27.51
CA LEU D 409 -19.28 51.01 26.97
C LEU D 409 -18.72 49.61 26.74
N GLY D 410 -19.40 48.61 27.28
CA GLY D 410 -19.03 47.22 27.08
C GLY D 410 -19.69 46.65 25.84
N ILE D 411 -18.89 45.95 25.03
CA ILE D 411 -19.35 45.40 23.76
C ILE D 411 -19.04 43.90 23.73
N ASN D 412 -20.04 43.09 23.40
CA ASN D 412 -19.82 41.67 23.17
C ASN D 412 -19.22 41.47 21.78
N VAL D 413 -18.00 40.94 21.74
CA VAL D 413 -17.15 40.96 20.56
C VAL D 413 -17.00 39.54 20.00
N PHE D 414 -16.88 39.42 18.68
CA PHE D 414 -16.77 38.12 18.03
C PHE D 414 -16.38 38.32 16.57
N LYS D 415 -15.83 37.25 15.99
CA LYS D 415 -15.64 37.11 14.56
C LYS D 415 -16.63 36.09 14.02
N ASP D 416 -16.95 36.20 12.73
CA ASP D 416 -17.97 35.36 12.13
C ASP D 416 -17.82 35.34 10.61
N PRO D 417 -16.75 34.73 10.09
CA PRO D 417 -16.46 34.82 8.65
C PRO D 417 -17.51 34.12 7.80
N VAL D 418 -17.85 34.75 6.68
CA VAL D 418 -18.98 34.30 5.87
C VAL D 418 -18.71 32.93 5.27
N ALA D 419 -17.47 32.65 4.89
CA ALA D 419 -17.16 31.41 4.16
C ALA D 419 -16.79 30.25 5.06
N ASP D 420 -16.73 30.43 6.38
CA ASP D 420 -16.39 29.34 7.30
C ASP D 420 -17.12 29.54 8.61
N PRO D 421 -18.29 28.91 8.78
CA PRO D 421 -19.00 29.01 10.06
C PRO D 421 -18.27 28.33 11.20
N ASN D 422 -17.36 27.40 10.91
CA ASN D 422 -16.58 26.76 11.97
C ASN D 422 -15.71 27.77 12.72
N LYS D 423 -15.40 28.92 12.14
CA LYS D 423 -14.53 29.88 12.78
C LYS D 423 -15.29 30.94 13.59
N ARG D 424 -16.61 30.87 13.66
CA ARG D 424 -17.35 31.79 14.51
C ARG D 424 -16.90 31.64 15.96
N SER D 425 -16.68 32.77 16.64
CA SER D 425 -16.23 32.77 18.02
C SER D 425 -17.35 33.25 18.94
N LYS D 426 -17.15 33.05 20.25
CA LYS D 426 -18.19 33.30 21.24
C LYS D 426 -18.25 34.78 21.63
N LYS D 427 -19.44 35.20 22.08
CA LYS D 427 -19.73 36.60 22.41
C LYS D 427 -19.72 36.82 23.92
N GLY D 428 -19.06 37.89 24.36
CA GLY D 428 -19.20 38.37 25.73
C GLY D 428 -18.42 37.58 26.75
N ARG D 429 -18.64 37.95 28.01
CA ARG D 429 -18.00 37.25 29.13
C ARG D 429 -18.60 35.85 29.28
N LEU D 430 -17.74 34.88 29.59
CA LEU D 430 -18.10 33.48 29.51
C LEU D 430 -17.97 32.80 30.87
N SER D 431 -18.60 31.63 30.97
CA SER D 431 -18.47 30.76 32.13
C SER D 431 -18.82 29.35 31.70
N LEU D 432 -18.31 28.38 32.45
CA LEU D 432 -18.51 26.96 32.15
C LEU D 432 -19.28 26.30 33.29
N HIS D 433 -20.24 25.45 32.92
CA HIS D 433 -21.12 24.83 33.90
C HIS D 433 -21.40 23.38 33.54
N ARG D 434 -21.71 22.58 34.55
CA ARG D 434 -22.12 21.20 34.36
C ARG D 434 -23.37 20.89 35.18
N ASN D 439 -23.78 17.07 31.48
CA ASN D 439 -23.59 17.87 30.27
C ASN D 439 -22.86 19.17 30.58
N PHE D 440 -21.88 19.52 29.75
CA PHE D 440 -21.16 20.78 29.88
C PHE D 440 -21.78 21.84 28.98
N VAL D 441 -21.84 23.07 29.49
CA VAL D 441 -22.36 24.20 28.73
C VAL D 441 -21.51 25.43 29.00
N THR D 442 -21.20 26.18 27.94
CA THR D 442 -20.54 27.48 28.06
C THR D 442 -21.58 28.57 27.89
N LEU D 443 -21.77 29.39 28.92
CA LEU D 443 -22.71 30.49 28.87
C LEU D 443 -22.01 31.75 28.37
N GLU D 444 -22.67 32.46 27.47
CA GLU D 444 -22.10 33.62 26.81
C GLU D 444 -22.82 34.90 27.23
N GLU D 445 -22.26 36.03 26.81
CA GLU D 445 -22.88 37.35 26.98
C GLU D 445 -23.10 37.70 28.45
N GLY D 446 -22.27 37.13 29.34
CA GLY D 446 -22.42 37.41 30.75
C GLY D 446 -23.66 36.83 31.37
N LYS D 447 -24.29 35.83 30.74
CA LYS D 447 -25.49 35.20 31.26
C LYS D 447 -25.22 34.15 32.32
N GLY D 448 -23.96 33.86 32.62
CA GLY D 448 -23.62 32.88 33.64
C GLY D 448 -24.14 33.25 35.02
N GLY D 454 -25.52 26.63 37.47
CA GLY D 454 -24.77 26.22 38.64
C GLY D 454 -23.45 26.94 38.80
N GLN D 455 -22.51 26.31 39.50
CA GLN D 455 -21.22 26.92 39.78
C GLN D 455 -20.37 26.99 38.53
N ASP D 456 -19.62 28.09 38.38
CA ASP D 456 -18.68 28.24 37.28
C ASP D 456 -17.47 27.34 37.52
N LEU D 457 -17.14 26.50 36.53
CA LEU D 457 -16.02 25.57 36.65
C LEU D 457 -14.68 26.22 36.38
N LEU D 458 -14.64 27.44 35.85
CA LEU D 458 -13.40 28.17 35.70
C LEU D 458 -12.98 28.73 37.05
N HIS D 459 -11.76 28.41 37.48
CA HIS D 459 -11.21 28.94 38.72
C HIS D 459 -10.05 29.87 38.41
N THR D 460 -9.87 30.89 39.25
CA THR D 460 -8.75 31.79 39.07
C THR D 460 -7.45 31.04 39.34
N VAL D 461 -6.62 30.90 38.32
CA VAL D 461 -5.32 30.25 38.45
C VAL D 461 -4.17 31.26 38.45
N PHE D 462 -4.40 32.49 37.98
CA PHE D 462 -3.36 33.50 37.88
C PHE D 462 -4.00 34.86 38.11
N LYS D 463 -3.34 35.69 38.91
CA LYS D 463 -3.83 37.05 39.13
C LYS D 463 -2.65 37.90 39.54
N ASN D 464 -2.37 38.95 38.77
CA ASN D 464 -1.41 40.00 39.13
C ASN D 464 -0.05 39.42 39.51
N GLY D 465 0.48 38.57 38.61
CA GLY D 465 1.81 38.01 38.79
C GLY D 465 1.89 36.80 39.71
N LYS D 466 0.78 36.33 40.25
CA LYS D 466 0.78 35.23 41.20
C LYS D 466 -0.04 34.06 40.67
N VAL D 467 0.50 32.85 40.82
CA VAL D 467 -0.27 31.64 40.59
C VAL D 467 -1.14 31.40 41.83
N THR D 468 -2.45 31.44 41.65
CA THR D 468 -3.38 31.42 42.77
C THR D 468 -3.98 30.05 43.05
N LYS D 469 -3.89 29.11 42.11
CA LYS D 469 -4.35 27.75 42.36
C LYS D 469 -3.53 26.78 41.52
N SER D 470 -3.03 25.73 42.16
CA SER D 470 -2.21 24.73 41.51
C SER D 470 -2.83 23.35 41.67
N TYR D 471 -2.47 22.44 40.76
CA TYR D 471 -2.89 21.05 40.81
C TYR D 471 -1.66 20.15 40.76
N SER D 472 -1.70 19.06 41.51
CA SER D 472 -0.64 18.07 41.44
C SER D 472 -0.88 17.13 40.26
N PHE D 473 0.19 16.45 39.84
CA PHE D 473 0.06 15.52 38.73
C PHE D 473 -0.86 14.36 39.08
N ASP D 474 -0.93 13.99 40.36
CA ASP D 474 -1.83 12.93 40.78
C ASP D 474 -3.29 13.33 40.62
N GLU D 475 -3.64 14.56 41.02
CA GLU D 475 -4.99 15.07 40.78
C GLU D 475 -5.29 15.10 39.29
N ILE D 476 -4.29 15.44 38.48
CA ILE D 476 -4.50 15.53 37.04
C ILE D 476 -4.76 14.16 36.45
N ARG D 477 -3.99 13.16 36.85
CA ARG D 477 -4.21 11.80 36.37
C ARG D 477 -5.58 11.28 36.78
N LYS D 478 -6.03 11.61 38.00
CA LYS D 478 -7.36 11.21 38.43
C LYS D 478 -8.43 11.87 37.55
N ASN D 479 -8.32 13.18 37.33
CA ASN D 479 -9.30 13.90 36.54
C ASN D 479 -9.38 13.37 35.12
N ALA D 480 -8.28 12.85 34.57
CA ALA D 480 -8.23 12.44 33.17
C ALA D 480 -8.54 10.96 32.96
N GLN D 481 -8.92 10.24 34.01
CA GLN D 481 -9.16 8.80 33.89
C GLN D 481 -10.25 8.50 32.85
N LEU D 482 -10.22 7.28 32.32
CA LEU D 482 -11.26 6.80 31.44
C LEU D 482 -12.50 6.42 32.23
N ASN D 483 -13.67 6.62 31.61
CA ASN D 483 -14.97 6.34 32.23
C ASN D 483 -15.18 7.18 33.47
#